data_7W0I
#
_entry.id   7W0I
#
_cell.length_a   96.001
_cell.length_b   102.432
_cell.length_c   150.352
_cell.angle_alpha   90.000
_cell.angle_beta   90.000
_cell.angle_gamma   90.000
#
_symmetry.space_group_name_H-M   'P 2 21 21'
#
loop_
_entity.id
_entity.type
_entity.pdbx_description
1 polymer 'L-threonine aldolase'
2 water water
#
_entity_poly.entity_id   1
_entity_poly.type   'polypeptide(L)'
_entity_poly.pdbx_seq_one_letter_code
;MERVPSAAFASDNAAPAHPRVLEALHHVNQGPAPSYGDDPVTAEAAEALRTAFESPGADVLFAFTGTAANIIALASAVRP
WHEIFCSDVAHVLVDEAGGPVRLSGAQLTRLASDDGLISPDELERRVRGRSAVHHSQPRIVSITQSTENGRVWSATAVAQ
FVDRAHALGLLVHVDGARIANAVAALSISPLEAIGDADIVSVGGTKNGLMFGDAILVRRPAHFDGIHFVQKQIGHLASKH
RFVAAQFAGLFEGGLWLRNAAHANAMARRLSTGLEALGLQLASPTESNEVFVKLDGEAHRRLAERYLVHQPDPGQPVVRF
VCSWSTTETEVDDALAALRSAGN
;
_entity_poly.pdbx_strand_id   A,B,C,D
#
# COMPACT_ATOMS: atom_id res chain seq x y z
N SER A 6 4.98 39.29 -9.55
CA SER A 6 6.07 38.96 -8.64
C SER A 6 5.65 37.88 -7.65
N ALA A 7 6.55 36.93 -7.39
CA ALA A 7 6.33 35.85 -6.44
C ALA A 7 6.92 36.18 -5.06
N ALA A 8 7.24 37.44 -4.80
CA ALA A 8 7.94 37.84 -3.58
C ALA A 8 7.20 37.43 -2.32
N PHE A 9 5.86 37.32 -2.36
CA PHE A 9 5.09 36.95 -1.19
C PHE A 9 4.27 35.68 -1.37
N ALA A 10 4.50 34.93 -2.47
CA ALA A 10 3.71 33.73 -2.71
C ALA A 10 3.92 32.69 -1.61
N SER A 11 5.16 32.55 -1.16
CA SER A 11 5.52 31.62 -0.10
C SER A 11 6.95 31.94 0.30
N ASP A 12 7.35 31.50 1.49
CA ASP A 12 8.77 31.59 1.79
C ASP A 12 9.59 30.60 0.95
N ASN A 13 8.95 29.60 0.32
CA ASN A 13 9.74 28.78 -0.61
C ASN A 13 9.91 29.44 -1.98
N ALA A 14 9.40 30.65 -2.19
CA ALA A 14 9.76 31.39 -3.41
C ALA A 14 11.11 32.09 -3.29
N ALA A 15 11.66 32.19 -2.08
CA ALA A 15 12.91 32.90 -1.86
C ALA A 15 14.10 32.08 -2.35
N PRO A 16 15.21 32.74 -2.70
CA PRO A 16 16.45 32.00 -3.03
C PRO A 16 17.11 31.44 -1.77
N ALA A 17 18.36 31.00 -1.90
CA ALA A 17 19.10 30.42 -0.80
C ALA A 17 20.08 31.43 -0.23
N HIS A 18 20.26 31.39 1.09
CA HIS A 18 21.16 32.30 1.75
C HIS A 18 22.59 32.08 1.27
N PRO A 19 23.38 33.14 1.10
CA PRO A 19 24.77 32.97 0.63
C PRO A 19 25.58 31.98 1.43
N ARG A 20 25.36 31.89 2.74
CA ARG A 20 26.13 30.96 3.57
C ARG A 20 25.88 29.52 3.16
N VAL A 21 24.69 29.23 2.65
CA VAL A 21 24.36 27.89 2.18
C VAL A 21 25.18 27.55 0.94
N LEU A 22 25.26 28.47 -0.02
CA LEU A 22 26.08 28.19 -1.20
C LEU A 22 27.55 28.06 -0.83
N GLU A 23 28.02 28.88 0.12
CA GLU A 23 29.38 28.75 0.59
C GLU A 23 29.63 27.37 1.19
N ALA A 24 28.66 26.86 1.96
CA ALA A 24 28.80 25.53 2.55
C ALA A 24 28.90 24.47 1.47
N LEU A 25 28.10 24.60 0.41
CA LEU A 25 28.19 23.63 -0.68
C LEU A 25 29.58 23.62 -1.29
N HIS A 26 30.16 24.80 -1.52
CA HIS A 26 31.52 24.86 -2.07
C HIS A 26 32.53 24.23 -1.13
N HIS A 27 32.38 24.48 0.18
CA HIS A 27 33.36 24.00 1.15
C HIS A 27 33.47 22.47 1.15
N VAL A 28 32.37 21.75 0.92
CA VAL A 28 32.41 20.29 0.94
C VAL A 28 32.59 19.68 -0.45
N ASN A 29 32.78 20.51 -1.48
CA ASN A 29 32.80 20.02 -2.86
C ASN A 29 34.19 19.62 -3.33
N GLN A 30 35.01 18.99 -2.49
CA GLN A 30 36.33 18.56 -2.92
C GLN A 30 36.56 17.12 -2.51
N GLY A 31 37.17 16.34 -3.40
CA GLY A 31 37.54 14.99 -3.09
C GLY A 31 36.36 14.04 -3.04
N PRO A 32 36.65 12.74 -3.03
CA PRO A 32 35.58 11.75 -2.86
C PRO A 32 35.17 11.67 -1.40
N ALA A 33 33.93 11.21 -1.20
CA ALA A 33 33.38 11.05 0.15
C ALA A 33 32.50 9.81 0.19
N PRO A 34 32.58 9.03 1.26
CA PRO A 34 31.69 7.86 1.39
C PRO A 34 30.24 8.32 1.38
N SER A 35 29.39 7.54 0.74
CA SER A 35 28.05 8.01 0.40
C SER A 35 27.03 7.61 1.47
N TYR A 36 25.81 8.12 1.29
CA TYR A 36 24.60 7.75 2.02
C TYR A 36 24.65 8.15 3.49
N GLY A 37 25.43 9.17 3.83
CA GLY A 37 25.48 9.74 5.16
C GLY A 37 26.66 9.31 6.01
N ASP A 38 27.54 8.45 5.51
CA ASP A 38 28.68 7.95 6.30
C ASP A 38 29.88 8.87 6.17
N ASP A 39 29.68 10.15 6.44
CA ASP A 39 30.70 11.16 6.22
C ASP A 39 30.69 12.15 7.37
N PRO A 40 31.79 12.89 7.58
CA PRO A 40 31.86 13.77 8.74
C PRO A 40 30.92 14.96 8.69
N VAL A 41 30.56 15.44 7.49
CA VAL A 41 29.67 16.61 7.41
C VAL A 41 28.28 16.24 7.88
N THR A 42 27.80 15.05 7.50
CA THR A 42 26.53 14.57 8.00
C THR A 42 26.54 14.47 9.52
N ALA A 43 27.63 13.93 10.08
CA ALA A 43 27.73 13.81 11.54
C ALA A 43 27.69 15.19 12.18
N GLU A 44 28.38 16.17 11.59
CA GLU A 44 28.38 17.53 12.12
C GLU A 44 26.99 18.15 12.08
N ALA A 45 26.27 17.98 10.96
CA ALA A 45 24.93 18.56 10.84
C ALA A 45 23.96 17.92 11.82
N ALA A 46 24.04 16.60 11.97
CA ALA A 46 23.20 15.92 12.94
C ALA A 46 23.45 16.45 14.34
N GLU A 47 24.72 16.63 14.71
CA GLU A 47 25.01 17.13 16.04
C GLU A 47 24.52 18.57 16.21
N ALA A 48 24.61 19.38 15.14
CA ALA A 48 24.06 20.74 15.20
C ALA A 48 22.57 20.71 15.53
N LEU A 49 21.82 19.80 14.91
CA LEU A 49 20.39 19.73 15.18
C LEU A 49 20.09 19.21 16.59
N ARG A 50 20.81 18.17 17.02
CA ARG A 50 20.61 17.66 18.39
C ARG A 50 20.90 18.75 19.42
N THR A 51 21.96 19.52 19.19
CA THR A 51 22.33 20.59 20.12
C THR A 51 21.28 21.70 20.12
N ALA A 52 20.82 22.11 18.93
CA ALA A 52 19.83 23.18 18.89
C ALA A 52 18.58 22.83 19.69
N PHE A 53 18.13 21.58 19.61
CA PHE A 53 16.91 21.15 20.27
C PHE A 53 17.19 20.46 21.61
N GLU A 54 18.41 20.60 22.12
CA GLU A 54 18.81 20.04 23.42
C GLU A 54 18.33 18.60 23.57
N SER A 55 18.59 17.79 22.54
CA SER A 55 18.11 16.40 22.48
C SER A 55 19.29 15.50 22.17
N PRO A 56 20.19 15.29 23.11
CA PRO A 56 21.38 14.48 22.83
C PRO A 56 21.10 13.03 22.47
N GLY A 57 19.95 12.47 22.88
CA GLY A 57 19.60 11.11 22.52
C GLY A 57 18.86 10.95 21.20
N ALA A 58 18.66 12.03 20.45
CA ALA A 58 17.85 11.94 19.24
C ALA A 58 18.67 11.35 18.08
N ASP A 59 17.99 10.62 17.20
CA ASP A 59 18.58 10.35 15.89
C ASP A 59 18.17 11.47 14.92
N VAL A 60 18.96 11.68 13.88
CA VAL A 60 18.66 12.72 12.90
C VAL A 60 18.72 12.15 11.50
N LEU A 61 17.64 12.34 10.73
CA LEU A 61 17.63 11.97 9.32
C LEU A 61 17.43 13.22 8.48
N PHE A 62 17.81 13.16 7.20
CA PHE A 62 17.68 14.30 6.31
C PHE A 62 16.94 13.88 5.05
N ALA A 63 15.87 14.60 4.71
CA ALA A 63 15.11 14.35 3.49
C ALA A 63 15.16 15.58 2.61
N PHE A 64 14.63 15.46 1.39
CA PHE A 64 14.79 16.55 0.44
C PHE A 64 13.66 17.60 0.48
N THR A 65 12.49 17.26 1.02
CA THR A 65 11.35 18.17 1.10
C THR A 65 10.66 18.02 2.45
N GLY A 66 9.83 19.01 2.78
CA GLY A 66 9.04 18.90 4.00
C GLY A 66 7.95 17.84 3.91
N THR A 67 7.39 17.65 2.71
CA THR A 67 6.44 16.56 2.50
C THR A 67 7.10 15.22 2.83
N ALA A 68 8.32 15.01 2.32
CA ALA A 68 9.04 13.78 2.61
C ALA A 68 9.31 13.63 4.11
N ALA A 69 9.76 14.71 4.76
CA ALA A 69 10.01 14.63 6.19
C ALA A 69 8.76 14.16 6.93
N ASN A 70 7.61 14.76 6.61
CA ASN A 70 6.37 14.39 7.30
C ASN A 70 5.99 12.95 7.03
N ILE A 71 6.06 12.54 5.77
CA ILE A 71 5.66 11.18 5.38
C ILE A 71 6.52 10.15 6.08
N ILE A 72 7.84 10.38 6.12
CA ILE A 72 8.76 9.42 6.74
C ILE A 72 8.48 9.33 8.24
N ALA A 73 8.34 10.47 8.91
CA ALA A 73 8.06 10.48 10.35
C ALA A 73 6.76 9.74 10.68
N LEU A 74 5.68 10.09 9.96
CA LEU A 74 4.37 9.53 10.29
C LEU A 74 4.26 8.07 9.89
N ALA A 75 4.72 7.70 8.69
CA ALA A 75 4.63 6.31 8.30
C ALA A 75 5.51 5.41 9.18
N SER A 76 6.64 5.92 9.68
CA SER A 76 7.47 5.07 10.55
C SER A 76 6.87 4.89 11.93
N ALA A 77 5.92 5.76 12.32
CA ALA A 77 5.27 5.62 13.64
C ALA A 77 4.17 4.56 13.67
N VAL A 78 3.61 4.13 12.54
CA VAL A 78 2.34 3.40 12.56
C VAL A 78 2.38 2.16 11.68
N ARG A 79 1.49 1.23 12.01
CA ARG A 79 1.05 0.16 11.12
C ARG A 79 -0.23 0.60 10.40
N PRO A 80 -0.65 -0.11 9.36
CA PRO A 80 -1.81 0.36 8.59
C PRO A 80 -3.11 0.44 9.39
N TRP A 81 -3.28 -0.39 10.42
CA TRP A 81 -4.50 -0.36 11.22
C TRP A 81 -4.46 0.66 12.35
N HIS A 82 -3.40 1.46 12.45
CA HIS A 82 -3.40 2.56 13.40
C HIS A 82 -4.14 3.77 12.81
N GLU A 83 -4.25 4.83 13.62
CA GLU A 83 -4.94 6.06 13.23
C GLU A 83 -4.02 7.25 13.54
N ILE A 84 -3.87 8.14 12.55
CA ILE A 84 -3.12 9.39 12.68
C ILE A 84 -4.11 10.54 12.78
N PHE A 85 -3.82 11.51 13.66
CA PHE A 85 -4.65 12.69 13.83
C PHE A 85 -3.87 13.94 13.42
N CYS A 86 -4.59 14.96 12.95
CA CYS A 86 -3.99 16.24 12.58
C CYS A 86 -5.08 17.32 12.67
N SER A 87 -4.65 18.58 12.53
CA SER A 87 -5.66 19.64 12.49
C SER A 87 -6.37 19.69 11.13
N ASP A 88 -7.50 20.39 11.10
CA ASP A 88 -8.28 20.56 9.89
C ASP A 88 -7.62 21.49 8.86
N VAL A 89 -6.46 22.10 9.15
CA VAL A 89 -5.69 22.88 8.17
C VAL A 89 -4.31 22.30 7.92
N ALA A 90 -4.05 21.08 8.38
CA ALA A 90 -2.70 20.53 8.35
C ALA A 90 -2.21 20.32 6.93
N HIS A 91 -0.93 20.63 6.71
CA HIS A 91 -0.29 20.36 5.43
C HIS A 91 -0.39 18.88 5.05
N VAL A 92 -0.18 17.96 6.01
CA VAL A 92 -0.24 16.54 5.69
C VAL A 92 -1.62 16.16 5.18
N LEU A 93 -2.66 16.88 5.62
CA LEU A 93 -4.03 16.58 5.24
C LEU A 93 -4.38 17.17 3.86
N VAL A 94 -3.95 18.40 3.60
CA VAL A 94 -4.50 19.16 2.47
C VAL A 94 -3.51 19.36 1.31
N ASP A 95 -2.18 19.32 1.54
CA ASP A 95 -1.23 19.81 0.55
C ASP A 95 -0.14 18.78 0.22
N GLU A 96 -0.34 17.51 0.54
CA GLU A 96 0.66 16.48 0.21
C GLU A 96 0.06 15.41 -0.70
N ALA A 97 -1.06 15.74 -1.36
CA ALA A 97 -1.79 14.81 -2.22
C ALA A 97 -2.05 13.46 -1.55
N GLY A 98 -2.20 13.48 -0.24
CA GLY A 98 -2.47 12.25 0.50
C GLY A 98 -1.26 11.36 0.71
N GLY A 99 -0.06 11.86 0.48
CA GLY A 99 1.16 11.08 0.68
C GLY A 99 1.24 10.33 2.01
N PRO A 100 0.96 11.01 3.14
CA PRO A 100 1.03 10.31 4.44
C PRO A 100 0.12 9.10 4.53
N VAL A 101 -1.11 9.25 4.04
CA VAL A 101 -2.06 8.15 4.01
C VAL A 101 -1.58 7.05 3.08
N ARG A 102 -1.10 7.42 1.89
CA ARG A 102 -0.68 6.38 0.96
C ARG A 102 0.47 5.56 1.52
N LEU A 103 1.47 6.19 2.12
CA LEU A 103 2.63 5.43 2.55
C LEU A 103 2.35 4.67 3.84
N SER A 104 1.67 5.30 4.79
CA SER A 104 1.39 4.64 6.07
C SER A 104 0.34 3.55 5.94
N GLY A 105 -0.59 3.69 5.01
CA GLY A 105 -1.73 2.78 4.95
C GLY A 105 -2.81 3.05 5.97
N ALA A 106 -2.65 4.09 6.80
CA ALA A 106 -3.51 4.37 7.94
C ALA A 106 -4.41 5.57 7.66
N GLN A 107 -5.57 5.59 8.31
CA GLN A 107 -6.48 6.72 8.22
C GLN A 107 -5.88 7.98 8.84
N LEU A 108 -6.09 9.14 8.21
CA LEU A 108 -5.68 10.44 8.73
C LEU A 108 -6.93 11.25 9.11
N THR A 109 -7.13 11.43 10.42
CA THR A 109 -8.36 11.96 10.99
C THR A 109 -8.19 13.42 11.41
N ARG A 110 -8.94 14.31 10.77
CA ARG A 110 -8.83 15.74 11.07
C ARG A 110 -9.55 16.08 12.37
N LEU A 111 -8.99 17.07 13.07
CA LEU A 111 -9.51 17.60 14.32
C LEU A 111 -9.82 19.07 14.15
N ALA A 112 -10.99 19.49 14.62
CA ALA A 112 -11.36 20.90 14.60
C ALA A 112 -10.32 21.73 15.32
N SER A 113 -10.03 22.91 14.78
CA SER A 113 -8.96 23.74 15.34
C SER A 113 -9.28 25.21 15.14
N ASP A 114 -8.57 26.03 15.90
CA ASP A 114 -8.59 27.49 15.80
C ASP A 114 -7.29 27.89 15.10
N ASP A 115 -7.35 28.01 13.77
CA ASP A 115 -6.19 28.39 12.96
C ASP A 115 -5.03 27.43 13.19
N GLY A 116 -5.34 26.15 13.37
CA GLY A 116 -4.34 25.13 13.59
C GLY A 116 -4.10 24.79 15.05
N LEU A 117 -4.57 25.63 15.98
CA LEU A 117 -4.42 25.36 17.41
C LEU A 117 -5.54 24.42 17.83
N ILE A 118 -5.17 23.21 18.24
CA ILE A 118 -6.13 22.16 18.60
C ILE A 118 -6.28 22.11 20.11
N SER A 119 -7.53 22.02 20.58
CA SER A 119 -7.77 21.81 21.99
C SER A 119 -7.39 20.38 22.38
N PRO A 120 -6.75 20.19 23.53
CA PRO A 120 -6.53 18.81 24.02
C PRO A 120 -7.82 17.99 24.13
N ASP A 121 -8.94 18.64 24.47
CA ASP A 121 -10.21 17.93 24.59
C ASP A 121 -10.68 17.37 23.25
N GLU A 122 -10.41 18.06 22.14
CA GLU A 122 -10.85 17.55 20.83
C GLU A 122 -10.14 16.25 20.47
N LEU A 123 -8.83 16.21 20.70
CA LEU A 123 -8.07 14.98 20.53
C LEU A 123 -8.62 13.87 21.42
N GLU A 124 -8.80 14.18 22.71
CA GLU A 124 -9.26 13.16 23.65
C GLU A 124 -10.63 12.61 23.25
N ARG A 125 -11.54 13.48 22.79
CA ARG A 125 -12.86 13.00 22.37
C ARG A 125 -12.76 12.04 21.20
N ARG A 126 -11.87 12.33 20.24
CA ARG A 126 -11.78 11.45 19.08
C ARG A 126 -10.92 10.21 19.31
N VAL A 127 -10.25 10.11 20.45
CA VAL A 127 -9.47 8.92 20.77
C VAL A 127 -10.22 7.93 21.67
N ARG A 128 -11.27 8.37 22.36
CA ARG A 128 -11.94 7.58 23.37
C ARG A 128 -12.68 6.36 22.78
N GLY A 129 -12.53 5.22 23.44
CA GLY A 129 -13.36 4.06 23.14
C GLY A 129 -13.06 3.31 21.87
N ARG A 130 -11.86 3.45 21.32
CA ARG A 130 -11.54 2.84 20.02
C ARG A 130 -10.76 1.52 20.14
N SER A 131 -11.10 0.63 21.07
CA SER A 131 -10.20 -0.51 21.30
C SER A 131 -10.61 -1.78 20.57
N ALA A 132 -11.79 -1.84 19.96
CA ALA A 132 -12.22 -3.08 19.32
C ALA A 132 -11.44 -3.34 18.02
N VAL A 133 -11.44 -4.60 17.59
CA VAL A 133 -10.75 -4.98 16.35
C VAL A 133 -11.34 -4.27 15.14
N HIS A 134 -12.58 -3.78 15.24
CA HIS A 134 -13.22 -3.11 14.12
C HIS A 134 -12.77 -1.67 13.90
N HIS A 135 -11.95 -1.11 14.79
CA HIS A 135 -11.59 0.31 14.76
C HIS A 135 -10.12 0.51 14.43
N SER A 136 -9.83 1.51 13.57
CA SER A 136 -8.47 2.02 13.46
C SER A 136 -8.00 2.42 14.86
N GLN A 137 -6.72 2.14 15.18
CA GLN A 137 -6.22 2.23 16.57
C GLN A 137 -5.46 3.52 16.80
N PRO A 138 -5.97 4.48 17.58
CA PRO A 138 -5.29 5.78 17.71
C PRO A 138 -3.83 5.62 18.11
N ARG A 139 -2.90 6.33 17.37
CA ARG A 139 -1.48 6.10 17.64
C ARG A 139 -0.65 7.38 17.71
N ILE A 140 -0.86 8.33 16.82
CA ILE A 140 0.01 9.52 16.78
C ILE A 140 -0.80 10.73 16.30
N VAL A 141 -0.55 11.89 16.90
CA VAL A 141 -1.13 13.16 16.47
C VAL A 141 -0.01 14.05 15.96
N SER A 142 -0.28 14.73 14.84
CA SER A 142 0.62 15.72 14.27
C SER A 142 0.07 17.12 14.51
N ILE A 143 0.93 18.00 15.01
CA ILE A 143 0.61 19.41 15.14
C ILE A 143 1.64 20.17 14.31
N THR A 144 1.39 21.45 14.07
CA THR A 144 2.25 22.23 13.19
C THR A 144 2.67 23.50 13.93
N GLN A 145 3.97 23.83 13.88
CA GLN A 145 4.52 24.93 14.70
C GLN A 145 5.59 25.65 13.89
N SER A 146 5.36 26.90 13.48
CA SER A 146 4.09 27.61 13.60
C SER A 146 3.04 27.02 12.64
N THR A 147 1.75 27.33 12.85
CA THR A 147 0.71 26.60 12.14
C THR A 147 0.57 27.09 10.69
N GLU A 148 -0.18 26.32 9.92
CA GLU A 148 -0.46 26.67 8.54
C GLU A 148 -1.30 27.93 8.40
N ASN A 149 -1.94 28.40 9.47
CA ASN A 149 -2.66 29.67 9.46
C ASN A 149 -1.89 30.77 10.19
N GLY A 150 -0.58 30.59 10.36
CA GLY A 150 0.26 31.68 10.84
C GLY A 150 0.22 31.94 12.33
N ARG A 151 -0.28 30.99 13.12
CA ARG A 151 -0.32 31.15 14.57
C ARG A 151 0.81 30.36 15.21
N VAL A 152 1.14 30.71 16.46
CA VAL A 152 2.17 29.98 17.19
C VAL A 152 1.53 29.33 18.41
N TRP A 153 1.86 28.06 18.64
CA TRP A 153 1.51 27.45 19.91
C TRP A 153 2.39 28.06 21.00
N SER A 154 1.77 28.58 22.06
CA SER A 154 2.59 29.07 23.16
C SER A 154 3.34 27.91 23.82
N ALA A 155 4.39 28.25 24.58
CA ALA A 155 5.12 27.22 25.31
C ALA A 155 4.18 26.42 26.21
N THR A 156 3.27 27.12 26.90
CA THR A 156 2.32 26.43 27.78
C THR A 156 1.37 25.56 26.97
N ALA A 157 0.83 26.10 25.87
CA ALA A 157 -0.15 25.35 25.10
C ALA A 157 0.46 24.11 24.44
N VAL A 158 1.65 24.23 23.86
CA VAL A 158 2.24 23.06 23.20
C VAL A 158 2.59 22.01 24.25
N ALA A 159 3.03 22.44 25.44
CA ALA A 159 3.30 21.48 26.50
C ALA A 159 2.03 20.76 26.98
N GLN A 160 0.91 21.48 27.18
CA GLN A 160 -0.31 20.77 27.62
C GLN A 160 -0.79 19.80 26.56
N PHE A 161 -0.74 20.21 25.28
CA PHE A 161 -1.23 19.33 24.22
C PHE A 161 -0.40 18.06 24.15
N VAL A 162 0.93 18.21 24.15
CA VAL A 162 1.78 17.03 24.11
C VAL A 162 1.57 16.19 25.35
N ASP A 163 1.44 16.82 26.51
CA ASP A 163 1.22 16.06 27.75
C ASP A 163 -0.08 15.27 27.70
N ARG A 164 -1.14 15.87 27.16
CA ARG A 164 -2.41 15.15 27.06
C ARG A 164 -2.29 13.97 26.11
N ALA A 165 -1.65 14.18 24.95
CA ALA A 165 -1.45 13.07 24.03
C ALA A 165 -0.65 11.95 24.69
N HIS A 166 0.42 12.31 25.41
CA HIS A 166 1.25 11.30 26.08
C HIS A 166 0.48 10.58 27.18
N ALA A 167 -0.36 11.29 27.92
CA ALA A 167 -1.15 10.64 28.97
C ALA A 167 -2.14 9.64 28.38
N LEU A 168 -2.57 9.86 27.14
CA LEU A 168 -3.45 8.95 26.43
C LEU A 168 -2.70 7.83 25.71
N GLY A 169 -1.37 7.81 25.82
CA GLY A 169 -0.56 6.80 25.18
C GLY A 169 -0.21 7.08 23.72
N LEU A 170 -0.47 8.29 23.24
CA LEU A 170 -0.24 8.63 21.86
C LEU A 170 1.15 9.23 21.66
N LEU A 171 1.69 9.09 20.46
CA LEU A 171 2.88 9.83 20.06
C LEU A 171 2.51 11.22 19.54
N VAL A 172 3.50 12.12 19.52
CA VAL A 172 3.31 13.45 18.94
C VAL A 172 4.41 13.74 17.91
N HIS A 173 3.98 14.10 16.70
CA HIS A 173 4.82 14.65 15.64
C HIS A 173 4.58 16.15 15.55
N VAL A 174 5.66 16.91 15.42
CA VAL A 174 5.57 18.34 15.14
C VAL A 174 6.08 18.58 13.73
N ASP A 175 5.21 19.10 12.86
CA ASP A 175 5.61 19.60 11.55
C ASP A 175 6.18 20.98 11.77
N GLY A 176 7.50 21.06 11.91
CA GLY A 176 8.17 22.32 12.12
C GLY A 176 8.78 22.84 10.83
N ALA A 177 8.05 22.74 9.73
CA ALA A 177 8.46 23.40 8.49
C ALA A 177 8.84 24.85 8.73
N ARG A 178 8.18 25.52 9.68
CA ARG A 178 8.46 26.89 10.09
C ARG A 178 8.75 26.97 11.58
N ILE A 179 9.49 25.98 12.11
CA ILE A 179 9.83 25.98 13.54
C ILE A 179 10.72 27.17 13.87
N ALA A 180 11.61 27.56 12.96
CA ALA A 180 12.48 28.71 13.21
C ALA A 180 11.66 29.99 13.44
N ASN A 181 10.55 30.13 12.71
CA ASN A 181 9.71 31.32 12.89
C ASN A 181 9.00 31.29 14.24
N ALA A 182 8.53 30.11 14.69
CA ALA A 182 7.92 30.04 16.01
C ALA A 182 8.92 30.38 17.10
N VAL A 183 10.13 29.82 17.00
CA VAL A 183 11.18 30.07 17.99
C VAL A 183 11.50 31.55 18.06
N ALA A 184 11.72 32.17 16.88
CA ALA A 184 12.05 33.59 16.86
C ALA A 184 10.92 34.46 17.41
N ALA A 185 9.66 34.10 17.10
CA ALA A 185 8.53 34.91 17.58
C ALA A 185 8.35 34.82 19.08
N LEU A 186 8.56 33.63 19.66
CA LEU A 186 8.30 33.42 21.07
C LEU A 186 9.49 33.77 21.96
N SER A 187 10.70 33.83 21.40
CA SER A 187 11.92 34.04 22.18
C SER A 187 12.06 32.99 23.28
N ILE A 188 11.80 31.74 22.93
CA ILE A 188 12.00 30.59 23.80
C ILE A 188 12.97 29.63 23.09
N SER A 189 13.37 28.58 23.82
CA SER A 189 14.28 27.61 23.22
C SER A 189 13.53 26.75 22.21
N PRO A 190 14.23 26.21 21.20
CA PRO A 190 13.58 25.26 20.28
C PRO A 190 12.87 24.10 21.00
N LEU A 191 13.51 23.55 22.04
CA LEU A 191 12.89 22.47 22.80
C LEU A 191 11.60 22.92 23.48
N GLU A 192 11.61 24.14 24.04
CA GLU A 192 10.38 24.69 24.61
C GLU A 192 9.30 24.86 23.54
N ALA A 193 9.70 25.19 22.31
CA ALA A 193 8.72 25.42 21.25
C ALA A 193 8.11 24.13 20.74
N ILE A 194 8.72 22.97 20.99
CA ILE A 194 8.12 21.69 20.60
C ILE A 194 7.54 20.89 21.78
N GLY A 195 7.72 21.33 23.02
CA GLY A 195 7.05 20.67 24.15
C GLY A 195 7.20 19.16 24.39
N ASP A 196 8.39 18.58 24.35
CA ASP A 196 8.63 17.13 24.62
C ASP A 196 8.01 16.20 23.56
N ALA A 197 7.82 16.70 22.34
CA ALA A 197 7.32 15.87 21.25
C ALA A 197 8.28 14.72 20.91
N ASP A 198 7.71 13.67 20.29
CA ASP A 198 8.51 12.47 19.99
C ASP A 198 9.27 12.57 18.70
N ILE A 199 8.76 13.31 17.71
CA ILE A 199 9.43 13.40 16.41
C ILE A 199 9.08 14.76 15.80
N VAL A 200 10.05 15.36 15.11
CA VAL A 200 9.87 16.72 14.58
C VAL A 200 10.42 16.77 13.16
N SER A 201 9.62 17.29 12.21
CA SER A 201 10.14 17.67 10.90
C SER A 201 10.73 19.06 11.06
N VAL A 202 12.02 19.23 10.80
CA VAL A 202 12.73 20.48 11.06
C VAL A 202 12.92 21.15 9.72
N GLY A 203 12.26 22.29 9.50
CA GLY A 203 12.26 22.91 8.20
C GLY A 203 13.57 23.60 7.94
N GLY A 204 14.10 23.39 6.73
CA GLY A 204 15.28 24.10 6.26
C GLY A 204 15.01 24.90 4.99
N THR A 205 14.38 24.27 3.99
CA THR A 205 14.08 24.91 2.71
C THR A 205 13.48 26.31 2.88
N LYS A 206 12.40 26.41 3.67
CA LYS A 206 11.68 27.67 3.77
C LYS A 206 12.46 28.73 4.53
N ASN A 207 13.50 28.36 5.28
CA ASN A 207 14.24 29.32 6.08
C ASN A 207 15.58 29.68 5.44
N GLY A 208 15.74 29.42 4.15
CA GLY A 208 16.92 29.85 3.42
C GLY A 208 17.77 28.74 2.83
N LEU A 209 17.42 27.45 2.97
CA LEU A 209 18.19 26.43 2.28
C LEU A 209 17.79 26.38 0.80
N MET A 210 18.61 25.68 0.03
CA MET A 210 18.27 25.34 -1.35
C MET A 210 17.30 24.17 -1.39
N PHE A 211 17.53 23.16 -0.55
CA PHE A 211 16.68 22.00 -0.43
C PHE A 211 17.03 21.36 0.90
N GLY A 212 16.09 20.64 1.48
CA GLY A 212 16.44 19.93 2.70
C GLY A 212 15.52 20.19 3.87
N ASP A 213 15.03 19.11 4.47
CA ASP A 213 14.19 19.20 5.66
C ASP A 213 14.52 17.99 6.51
N ALA A 214 14.86 18.22 7.79
CA ALA A 214 15.42 17.16 8.62
C ALA A 214 14.32 16.53 9.47
N ILE A 215 14.62 15.35 10.01
CA ILE A 215 13.73 14.66 10.96
C ILE A 215 14.52 14.45 12.24
N LEU A 216 14.06 15.07 13.34
CA LEU A 216 14.64 14.90 14.67
C LEU A 216 13.80 13.85 15.39
N VAL A 217 14.38 12.66 15.59
CA VAL A 217 13.69 11.53 16.20
C VAL A 217 14.12 11.52 17.67
N ARG A 218 13.29 12.12 18.52
CA ARG A 218 13.67 12.28 19.92
C ARG A 218 13.52 10.97 20.70
N ARG A 219 12.65 10.07 20.25
CA ARG A 219 12.46 8.76 20.90
C ARG A 219 12.54 7.66 19.85
N PRO A 220 13.75 7.24 19.48
CA PRO A 220 13.90 6.31 18.34
C PRO A 220 13.21 4.98 18.50
N ALA A 221 12.95 4.52 19.74
CA ALA A 221 12.31 3.21 19.94
C ALA A 221 10.94 3.13 19.31
N HIS A 222 10.25 4.27 19.12
CA HIS A 222 8.89 4.25 18.60
C HIS A 222 8.83 4.32 17.09
N PHE A 223 9.96 4.43 16.40
CA PHE A 223 9.99 4.62 14.95
C PHE A 223 10.91 3.60 14.30
N ASP A 224 10.77 2.34 14.69
CA ASP A 224 11.66 1.30 14.18
C ASP A 224 11.50 1.17 12.68
N GLY A 225 12.61 1.17 11.97
CA GLY A 225 12.56 1.06 10.52
C GLY A 225 12.50 2.36 9.76
N ILE A 226 12.57 3.50 10.47
CA ILE A 226 12.45 4.80 9.80
C ILE A 226 13.49 4.95 8.70
N HIS A 227 14.70 4.41 8.88
CA HIS A 227 15.72 4.52 7.84
C HIS A 227 15.36 3.73 6.60
N PHE A 228 14.70 2.58 6.77
CA PHE A 228 14.19 1.85 5.61
C PHE A 228 13.08 2.62 4.91
N VAL A 229 12.19 3.27 5.68
CA VAL A 229 11.14 4.07 5.05
C VAL A 229 11.74 5.17 4.20
N GLN A 230 12.73 5.87 4.75
CA GLN A 230 13.44 6.91 3.99
C GLN A 230 14.04 6.36 2.71
N LYS A 231 14.70 5.20 2.79
CA LYS A 231 15.31 4.59 1.61
C LYS A 231 14.25 4.22 0.58
N GLN A 232 13.13 3.65 1.03
CA GLN A 232 12.13 3.11 0.11
C GLN A 232 11.43 4.19 -0.70
N ILE A 233 11.39 5.44 -0.25
CA ILE A 233 10.76 6.50 -1.04
C ILE A 233 11.81 7.40 -1.68
N GLY A 234 13.05 6.94 -1.75
CA GLY A 234 14.05 7.66 -2.52
C GLY A 234 14.61 8.90 -1.84
N HIS A 235 14.56 8.98 -0.51
CA HIS A 235 15.03 10.18 0.19
C HIS A 235 16.32 9.97 0.97
N LEU A 236 17.05 8.89 0.69
CA LEU A 236 18.42 8.72 1.22
C LEU A 236 19.42 9.17 0.15
N ALA A 237 19.98 10.36 0.31
CA ALA A 237 20.87 10.90 -0.70
C ALA A 237 22.22 10.18 -0.70
N SER A 238 22.69 9.79 -1.89
CA SER A 238 24.05 9.25 -1.98
C SER A 238 25.09 10.32 -1.65
N LYS A 239 24.99 11.49 -2.29
CA LYS A 239 25.93 12.59 -2.01
C LYS A 239 25.40 13.41 -0.83
N HIS A 240 25.33 12.72 0.30
CA HIS A 240 24.67 13.25 1.48
C HIS A 240 25.39 14.46 2.06
N ARG A 241 26.68 14.61 1.76
CA ARG A 241 27.43 15.76 2.25
C ARG A 241 26.78 17.07 1.81
N PHE A 242 26.09 17.08 0.68
CA PHE A 242 25.53 18.35 0.22
C PHE A 242 24.23 18.72 0.94
N VAL A 243 23.41 17.76 1.36
CA VAL A 243 22.25 18.16 2.17
C VAL A 243 22.70 18.56 3.57
N ALA A 244 23.62 17.76 4.12
CA ALA A 244 24.14 18.02 5.46
C ALA A 244 24.86 19.37 5.55
N ALA A 245 25.66 19.73 4.54
CA ALA A 245 26.41 20.96 4.61
C ALA A 245 25.49 22.17 4.70
N GLN A 246 24.36 22.11 4.00
CA GLN A 246 23.39 23.19 4.09
C GLN A 246 22.90 23.37 5.50
N PHE A 247 22.53 22.26 6.15
CA PHE A 247 22.03 22.40 7.53
C PHE A 247 23.12 22.89 8.48
N ALA A 248 24.35 22.37 8.35
CA ALA A 248 25.42 22.82 9.22
C ALA A 248 25.64 24.32 9.07
N GLY A 249 25.66 24.80 7.82
CA GLY A 249 25.87 26.22 7.59
C GLY A 249 24.73 27.08 8.13
N LEU A 250 23.48 26.64 7.94
CA LEU A 250 22.37 27.48 8.38
C LEU A 250 22.28 27.54 9.88
N PHE A 251 22.62 26.45 10.57
CA PHE A 251 22.53 26.45 12.03
C PHE A 251 23.78 27.02 12.70
N GLU A 252 24.88 27.21 11.95
CA GLU A 252 26.08 27.79 12.56
C GLU A 252 25.83 29.18 13.12
N GLY A 253 26.16 29.37 14.40
CA GLY A 253 26.08 30.67 15.06
C GLY A 253 24.72 31.34 15.14
N GLY A 254 23.62 30.59 15.04
CA GLY A 254 22.28 31.16 15.15
C GLY A 254 21.73 31.81 13.89
N LEU A 255 22.36 31.58 12.74
CA LEU A 255 21.91 32.22 11.52
C LEU A 255 20.45 31.86 11.21
N TRP A 256 20.07 30.61 11.47
CA TRP A 256 18.71 30.16 11.17
C TRP A 256 17.68 31.03 11.90
N LEU A 257 17.98 31.39 13.16
CA LEU A 257 17.04 32.22 13.90
C LEU A 257 17.09 33.69 13.48
N ARG A 258 18.24 34.17 12.99
CA ARG A 258 18.26 35.53 12.43
C ARG A 258 17.44 35.60 11.14
N ASN A 259 17.56 34.58 10.29
CA ASN A 259 16.74 34.50 9.09
C ASN A 259 15.26 34.55 9.45
N ALA A 260 14.85 33.73 10.43
CA ALA A 260 13.45 33.67 10.80
C ALA A 260 12.99 34.98 11.44
N ALA A 261 13.83 35.61 12.27
CA ALA A 261 13.45 36.87 12.90
C ALA A 261 13.22 37.94 11.85
N HIS A 262 14.05 37.97 10.81
CA HIS A 262 13.84 38.95 9.76
C HIS A 262 12.54 38.69 9.01
N ALA A 263 12.27 37.42 8.67
CA ALA A 263 11.00 37.10 8.02
C ALA A 263 9.81 37.53 8.88
N ASN A 264 9.87 37.26 10.18
CA ASN A 264 8.79 37.66 11.09
C ASN A 264 8.64 39.18 11.13
N ALA A 265 9.76 39.92 11.16
CA ALA A 265 9.71 41.37 11.23
C ALA A 265 9.10 41.97 9.95
N MET A 266 9.45 41.40 8.80
CA MET A 266 8.84 41.88 7.56
C MET A 266 7.35 41.56 7.56
N ALA A 267 6.96 40.41 8.10
CA ALA A 267 5.53 40.11 8.22
C ALA A 267 4.84 41.11 9.12
N ARG A 268 5.52 41.56 10.19
CA ARG A 268 4.92 42.56 11.08
C ARG A 268 4.70 43.88 10.34
N ARG A 269 5.71 44.29 9.57
CA ARG A 269 5.62 45.51 8.79
C ARG A 269 4.44 45.45 7.83
N LEU A 270 4.32 44.33 7.11
CA LEU A 270 3.22 44.16 6.17
C LEU A 270 1.85 44.14 6.88
N SER A 271 1.75 43.39 7.98
CA SER A 271 0.48 43.25 8.67
C SER A 271 0.01 44.57 9.25
N THR A 272 0.88 45.22 10.02
CA THR A 272 0.52 46.53 10.58
C THR A 272 0.24 47.54 9.48
N GLY A 273 0.99 47.48 8.37
CA GLY A 273 0.77 48.44 7.30
C GLY A 273 -0.58 48.25 6.62
N LEU A 274 -0.98 47.00 6.40
CA LEU A 274 -2.28 46.78 5.79
C LEU A 274 -3.42 47.13 6.76
N GLU A 275 -3.24 46.89 8.06
CA GLU A 275 -4.25 47.38 9.02
C GLU A 275 -4.35 48.90 8.95
N ALA A 276 -3.22 49.60 8.78
CA ALA A 276 -3.25 51.04 8.62
C ALA A 276 -4.00 51.47 7.36
N LEU A 277 -4.03 50.60 6.32
CA LEU A 277 -4.78 50.89 5.11
C LEU A 277 -6.28 50.72 5.29
N GLY A 278 -6.73 50.15 6.40
CA GLY A 278 -8.12 49.85 6.64
C GLY A 278 -8.54 48.43 6.30
N LEU A 279 -7.62 47.58 5.86
CA LEU A 279 -7.92 46.19 5.59
C LEU A 279 -7.90 45.38 6.89
N GLN A 280 -8.53 44.21 6.85
CA GLN A 280 -8.75 43.40 8.05
C GLN A 280 -8.04 42.06 7.94
N LEU A 281 -7.36 41.67 9.02
CA LEU A 281 -6.70 40.37 9.09
C LEU A 281 -7.71 39.27 9.34
N ALA A 282 -7.50 38.12 8.70
CA ALA A 282 -8.31 36.94 8.98
C ALA A 282 -7.79 36.15 10.19
N SER A 283 -6.51 36.28 10.51
CA SER A 283 -5.82 35.60 11.60
C SER A 283 -4.77 36.55 12.13
N PRO A 284 -4.44 36.49 13.42
CA PRO A 284 -3.36 37.35 13.93
C PRO A 284 -2.00 36.93 13.40
N THR A 285 -1.17 37.92 13.07
CA THR A 285 0.15 37.69 12.47
C THR A 285 1.12 37.39 13.59
N GLU A 286 1.26 36.10 13.93
CA GLU A 286 2.14 35.69 15.01
C GLU A 286 3.48 35.17 14.52
N SER A 287 3.64 35.01 13.22
CA SER A 287 4.80 34.36 12.61
C SER A 287 5.16 35.13 11.35
N ASN A 288 5.46 34.43 10.25
CA ASN A 288 5.87 35.12 9.03
C ASN A 288 4.80 35.08 7.93
N GLU A 289 3.56 34.74 8.30
CA GLU A 289 2.47 34.66 7.33
C GLU A 289 1.38 35.65 7.69
N VAL A 290 0.86 36.35 6.69
CA VAL A 290 -0.17 37.36 6.86
C VAL A 290 -1.39 36.93 6.06
N PHE A 291 -2.52 36.78 6.74
CA PHE A 291 -3.78 36.38 6.11
C PHE A 291 -4.72 37.57 6.17
N VAL A 292 -5.14 38.07 5.00
CA VAL A 292 -5.90 39.31 4.92
C VAL A 292 -7.20 39.04 4.18
N LYS A 293 -8.28 39.67 4.65
CA LYS A 293 -9.57 39.57 3.98
C LYS A 293 -9.56 40.45 2.73
N LEU A 294 -9.78 39.83 1.58
CA LEU A 294 -9.82 40.51 0.29
C LEU A 294 -10.89 39.85 -0.56
N ASP A 295 -11.81 40.64 -1.11
CA ASP A 295 -12.82 40.05 -1.99
C ASP A 295 -12.21 39.69 -3.34
N GLY A 296 -13.00 38.99 -4.16
CA GLY A 296 -12.51 38.45 -5.41
C GLY A 296 -11.96 39.51 -6.35
N GLU A 297 -12.66 40.65 -6.45
CA GLU A 297 -12.25 41.70 -7.40
C GLU A 297 -10.96 42.38 -6.94
N ALA A 298 -10.86 42.71 -5.66
CA ALA A 298 -9.62 43.24 -5.12
C ALA A 298 -8.48 42.24 -5.30
N HIS A 299 -8.77 40.95 -5.11
CA HIS A 299 -7.76 39.92 -5.33
C HIS A 299 -7.31 39.89 -6.78
N ARG A 300 -8.25 39.99 -7.73
CA ARG A 300 -7.87 39.97 -9.13
C ARG A 300 -7.04 41.20 -9.49
N ARG A 301 -7.33 42.34 -8.86
CA ARG A 301 -6.53 43.53 -9.11
C ARG A 301 -5.13 43.40 -8.53
N LEU A 302 -5.03 42.84 -7.33
CA LEU A 302 -3.73 42.61 -6.70
C LEU A 302 -2.91 41.59 -7.49
N ALA A 303 -3.57 40.61 -8.09
CA ALA A 303 -2.89 39.53 -8.80
C ALA A 303 -2.12 40.02 -10.01
N GLU A 304 -2.40 41.24 -10.48
CA GLU A 304 -1.64 41.77 -11.60
C GLU A 304 -0.22 42.14 -11.19
N ARG A 305 0.02 42.37 -9.90
CA ARG A 305 1.36 42.73 -9.43
C ARG A 305 1.97 41.70 -8.51
N TYR A 306 1.18 40.90 -7.80
CA TYR A 306 1.71 39.95 -6.82
C TYR A 306 0.94 38.64 -6.86
N LEU A 307 1.67 37.53 -6.96
CA LEU A 307 1.09 36.20 -6.83
C LEU A 307 0.94 35.84 -5.35
N VAL A 308 -0.31 35.66 -4.91
CA VAL A 308 -0.59 35.22 -3.55
C VAL A 308 -1.70 34.19 -3.58
N HIS A 309 -1.66 33.26 -2.63
CA HIS A 309 -2.56 32.13 -2.61
C HIS A 309 -3.80 32.41 -1.78
N GLN A 310 -4.92 31.83 -2.22
CA GLN A 310 -6.16 31.79 -1.47
C GLN A 310 -6.30 30.38 -0.91
N PRO A 311 -5.93 30.14 0.36
CA PRO A 311 -5.87 28.76 0.86
C PRO A 311 -7.21 28.05 0.89
N ASP A 312 -8.29 28.77 1.16
CA ASP A 312 -9.63 28.19 1.28
C ASP A 312 -10.52 28.81 0.21
N PRO A 313 -10.99 28.03 -0.77
CA PRO A 313 -11.83 28.61 -1.83
C PRO A 313 -13.16 29.15 -1.32
N GLY A 314 -13.61 28.71 -0.15
CA GLY A 314 -14.83 29.20 0.47
C GLY A 314 -14.64 30.40 1.35
N GLN A 315 -13.42 30.95 1.43
CA GLN A 315 -13.14 32.09 2.26
C GLN A 315 -12.43 33.15 1.44
N PRO A 316 -12.91 34.41 1.46
CA PRO A 316 -12.26 35.53 0.72
C PRO A 316 -11.05 36.06 1.48
N VAL A 317 -10.05 35.19 1.62
CA VAL A 317 -8.85 35.43 2.41
C VAL A 317 -7.64 35.06 1.55
N VAL A 318 -6.65 35.95 1.46
CA VAL A 318 -5.43 35.66 0.73
C VAL A 318 -4.24 35.73 1.69
N ARG A 319 -3.17 35.03 1.30
CA ARG A 319 -2.01 34.83 2.15
C ARG A 319 -0.78 35.48 1.53
N PHE A 320 -0.08 36.31 2.30
CA PHE A 320 1.26 36.78 1.97
C PHE A 320 2.25 36.10 2.90
N VAL A 321 3.39 35.65 2.38
CA VAL A 321 4.41 35.04 3.23
C VAL A 321 5.72 35.80 3.06
N CYS A 322 6.35 36.14 4.17
CA CYS A 322 7.63 36.84 4.15
C CYS A 322 8.77 35.87 4.43
N SER A 323 9.95 36.19 3.92
CA SER A 323 11.08 35.25 3.95
C SER A 323 12.32 35.97 4.45
N TRP A 324 13.41 35.21 4.60
CA TRP A 324 14.70 35.76 5.04
C TRP A 324 15.21 36.85 4.09
N SER A 325 14.81 36.83 2.82
CA SER A 325 15.31 37.79 1.84
C SER A 325 14.32 38.92 1.51
N THR A 326 13.15 38.93 2.14
CA THR A 326 12.18 40.00 1.91
C THR A 326 12.76 41.34 2.36
N THR A 327 12.58 42.37 1.55
CA THR A 327 13.07 43.70 1.88
C THR A 327 11.94 44.63 2.28
N GLU A 328 12.29 45.71 2.97
CA GLU A 328 11.30 46.73 3.31
C GLU A 328 10.70 47.35 2.05
N THR A 329 11.49 47.48 0.98
CA THR A 329 10.98 48.03 -0.27
C THR A 329 9.88 47.15 -0.87
N GLU A 330 10.08 45.82 -0.81
CA GLU A 330 9.07 44.89 -1.29
C GLU A 330 7.79 44.98 -0.47
N VAL A 331 7.93 45.02 0.85
CA VAL A 331 6.76 45.14 1.72
C VAL A 331 5.99 46.41 1.39
N ASP A 332 6.70 47.53 1.25
CA ASP A 332 6.02 48.79 1.02
C ASP A 332 5.40 48.85 -0.37
N ASP A 333 6.01 48.19 -1.36
CA ASP A 333 5.38 48.13 -2.68
C ASP A 333 4.14 47.26 -2.67
N ALA A 334 4.16 46.17 -1.91
CA ALA A 334 2.95 45.38 -1.71
C ALA A 334 1.86 46.21 -1.06
N LEU A 335 2.22 47.02 -0.05
CA LEU A 335 1.23 47.88 0.58
C LEU A 335 0.68 48.89 -0.42
N ALA A 336 1.53 49.43 -1.31
CA ALA A 336 1.02 50.37 -2.29
C ALA A 336 0.05 49.70 -3.25
N ALA A 337 0.32 48.45 -3.61
CA ALA A 337 -0.63 47.69 -4.44
C ALA A 337 -1.92 47.37 -3.69
N LEU A 338 -1.83 47.07 -2.39
CA LEU A 338 -3.04 46.74 -1.64
C LEU A 338 -3.91 47.97 -1.39
N ARG A 339 -3.30 49.16 -1.37
CA ARG A 339 -4.08 50.39 -1.16
C ARG A 339 -5.07 50.64 -2.29
N SER B 6 39.97 5.36 1.36
CA SER B 6 39.51 6.33 0.35
C SER B 6 38.28 5.83 -0.40
N ALA B 7 37.32 6.71 -0.67
CA ALA B 7 36.12 6.37 -1.42
C ALA B 7 36.26 6.64 -2.92
N ALA B 8 37.49 6.80 -3.41
CA ALA B 8 37.74 7.21 -4.79
C ALA B 8 37.10 6.27 -5.81
N PHE B 9 36.96 4.98 -5.48
CA PHE B 9 36.36 4.02 -6.39
C PHE B 9 35.14 3.32 -5.78
N ALA B 10 34.64 3.83 -4.66
CA ALA B 10 33.47 3.19 -4.04
C ALA B 10 32.26 3.22 -4.97
N SER B 11 32.06 4.35 -5.64
CA SER B 11 30.95 4.54 -6.56
C SER B 11 31.21 5.84 -7.28
N ASP B 12 30.57 6.02 -8.43
CA ASP B 12 30.58 7.35 -9.02
C ASP B 12 29.74 8.32 -8.19
N ASN B 13 28.87 7.83 -7.29
CA ASN B 13 28.22 8.79 -6.42
C ASN B 13 29.08 9.20 -5.24
N ALA B 14 30.31 8.68 -5.13
CA ALA B 14 31.25 9.21 -4.15
C ALA B 14 31.94 10.49 -4.63
N ALA B 15 31.80 10.82 -5.90
CA ALA B 15 32.46 11.97 -6.47
C ALA B 15 31.78 13.27 -6.04
N PRO B 16 32.51 14.38 -6.04
CA PRO B 16 31.87 15.69 -5.80
C PRO B 16 31.09 16.15 -7.04
N ALA B 17 30.68 17.40 -7.05
CA ALA B 17 29.91 17.97 -8.14
C ALA B 17 30.83 18.79 -9.04
N HIS B 18 30.55 18.76 -10.33
CA HIS B 18 31.35 19.53 -11.28
C HIS B 18 31.17 21.02 -11.00
N PRO B 19 32.24 21.82 -11.09
CA PRO B 19 32.10 23.25 -10.81
C PRO B 19 31.01 23.95 -11.62
N ARG B 20 30.77 23.51 -12.86
CA ARG B 20 29.76 24.19 -13.68
C ARG B 20 28.38 24.03 -13.08
N VAL B 21 28.13 22.93 -12.35
CA VAL B 21 26.86 22.71 -11.69
C VAL B 21 26.65 23.71 -10.56
N LEU B 22 27.70 23.91 -9.74
CA LEU B 22 27.60 24.91 -8.69
C LEU B 22 27.44 26.31 -9.25
N GLU B 23 28.15 26.60 -10.35
CA GLU B 23 27.99 27.88 -11.01
C GLU B 23 26.56 28.11 -11.46
N ALA B 24 25.92 27.06 -12.00
CA ALA B 24 24.52 27.20 -12.41
C ALA B 24 23.63 27.52 -11.23
N LEU B 25 23.92 26.91 -10.07
CA LEU B 25 23.15 27.22 -8.86
C LEU B 25 23.29 28.69 -8.48
N HIS B 26 24.52 29.20 -8.51
CA HIS B 26 24.71 30.62 -8.23
C HIS B 26 23.93 31.49 -9.20
N HIS B 27 23.93 31.11 -10.48
CA HIS B 27 23.31 31.94 -11.50
C HIS B 27 21.81 32.16 -11.25
N VAL B 28 21.13 31.16 -10.71
CA VAL B 28 19.69 31.26 -10.49
C VAL B 28 19.35 31.71 -9.08
N ASN B 29 20.36 32.04 -8.27
CA ASN B 29 20.16 32.30 -6.84
C ASN B 29 19.84 33.75 -6.53
N GLN B 30 19.06 34.44 -7.36
CA GLN B 30 18.68 35.83 -7.09
C GLN B 30 17.19 36.02 -7.32
N GLY B 31 16.55 36.79 -6.44
CA GLY B 31 15.16 37.15 -6.62
C GLY B 31 14.22 36.01 -6.29
N PRO B 32 12.93 36.32 -6.16
CA PRO B 32 11.93 35.28 -5.95
C PRO B 32 11.63 34.54 -7.24
N ALA B 33 11.11 33.33 -7.10
CA ALA B 33 10.74 32.51 -8.26
C ALA B 33 9.50 31.71 -7.92
N PRO B 34 8.53 31.61 -8.82
CA PRO B 34 7.36 30.76 -8.55
C PRO B 34 7.82 29.32 -8.34
N SER B 35 7.16 28.63 -7.42
CA SER B 35 7.67 27.38 -6.92
C SER B 35 7.12 26.20 -7.72
N TYR B 36 7.66 25.02 -7.41
CA TYR B 36 7.16 23.71 -7.84
C TYR B 36 7.30 23.47 -9.33
N GLY B 37 8.23 24.17 -9.98
CA GLY B 37 8.54 23.93 -11.38
C GLY B 37 7.95 24.92 -12.36
N ASP B 38 7.20 25.92 -11.89
CA ASP B 38 6.57 26.89 -12.77
C ASP B 38 7.49 28.08 -13.02
N ASP B 39 8.71 27.80 -13.44
CA ASP B 39 9.73 28.82 -13.56
C ASP B 39 10.51 28.58 -14.84
N PRO B 40 11.18 29.62 -15.38
CA PRO B 40 11.87 29.45 -16.67
C PRO B 40 13.06 28.52 -16.65
N VAL B 41 13.74 28.36 -15.51
CA VAL B 41 14.89 27.47 -15.46
C VAL B 41 14.46 26.03 -15.65
N THR B 42 13.37 25.64 -14.97
CA THR B 42 12.80 24.30 -15.15
C THR B 42 12.39 24.07 -16.60
N ALA B 43 11.75 25.06 -17.22
CA ALA B 43 11.38 24.90 -18.63
C ALA B 43 12.62 24.72 -19.51
N GLU B 44 13.67 25.51 -19.26
CA GLU B 44 14.90 25.37 -20.04
C GLU B 44 15.54 24.00 -19.87
N ALA B 45 15.62 23.50 -18.64
CA ALA B 45 16.22 22.20 -18.39
C ALA B 45 15.41 21.08 -19.02
N ALA B 46 14.07 21.17 -18.92
CA ALA B 46 13.21 20.17 -19.53
C ALA B 46 13.42 20.13 -21.04
N GLU B 47 13.51 21.31 -21.67
CA GLU B 47 13.75 21.35 -23.10
C GLU B 47 15.13 20.79 -23.45
N ALA B 48 16.14 21.05 -22.62
CA ALA B 48 17.47 20.48 -22.86
C ALA B 48 17.42 18.96 -22.89
N LEU B 49 16.69 18.38 -21.93
CA LEU B 49 16.62 16.91 -21.88
C LEU B 49 15.84 16.35 -23.06
N ARG B 50 14.71 16.99 -23.41
CA ARG B 50 13.94 16.54 -24.57
C ARG B 50 14.78 16.62 -25.85
N THR B 51 15.55 17.69 -26.00
CA THR B 51 16.36 17.84 -27.19
C THR B 51 17.46 16.78 -27.24
N ALA B 52 18.14 16.55 -26.11
CA ALA B 52 19.21 15.57 -26.09
C ALA B 52 18.72 14.18 -26.53
N PHE B 53 17.51 13.81 -26.11
CA PHE B 53 16.93 12.51 -26.44
C PHE B 53 16.01 12.55 -27.64
N GLU B 54 16.03 13.63 -28.43
CA GLU B 54 15.25 13.77 -29.66
C GLU B 54 13.80 13.30 -29.47
N SER B 55 13.20 13.77 -28.38
CA SER B 55 11.84 13.40 -28.00
C SER B 55 11.04 14.67 -27.69
N PRO B 56 10.66 15.42 -28.72
CA PRO B 56 9.98 16.71 -28.50
C PRO B 56 8.62 16.59 -27.83
N GLY B 57 7.95 15.44 -27.93
CA GLY B 57 6.68 15.27 -27.25
C GLY B 57 6.74 14.74 -25.84
N ALA B 58 7.93 14.56 -25.28
CA ALA B 58 8.07 13.94 -23.96
C ALA B 58 7.72 14.92 -22.84
N ASP B 59 7.19 14.38 -21.74
CA ASP B 59 7.15 15.17 -20.51
C ASP B 59 8.44 14.92 -19.73
N VAL B 60 8.83 15.88 -18.91
CA VAL B 60 10.04 15.74 -18.10
C VAL B 60 9.72 16.06 -16.65
N LEU B 61 10.04 15.13 -15.76
CA LEU B 61 9.93 15.36 -14.32
C LEU B 61 11.33 15.28 -13.72
N PHE B 62 11.51 15.87 -12.55
CA PHE B 62 12.82 15.88 -11.90
C PHE B 62 12.65 15.36 -10.48
N ALA B 63 13.42 14.32 -10.12
CA ALA B 63 13.39 13.78 -8.77
C ALA B 63 14.77 13.95 -8.14
N PHE B 64 14.85 13.64 -6.84
CA PHE B 64 16.10 13.91 -6.15
C PHE B 64 17.10 12.76 -6.18
N THR B 65 16.67 11.52 -6.42
CA THR B 65 17.54 10.34 -6.45
C THR B 65 17.14 9.43 -7.60
N GLY B 66 18.05 8.52 -7.95
CA GLY B 66 17.73 7.53 -8.97
C GLY B 66 16.72 6.51 -8.51
N THR B 67 16.76 6.17 -7.21
CA THR B 67 15.72 5.34 -6.62
C THR B 67 14.35 5.97 -6.83
N ALA B 68 14.24 7.27 -6.53
CA ALA B 68 12.97 7.98 -6.72
C ALA B 68 12.54 7.99 -8.18
N ALA B 69 13.47 8.30 -9.11
CA ALA B 69 13.10 8.28 -10.52
C ALA B 69 12.52 6.92 -10.93
N ASN B 70 13.17 5.83 -10.50
CA ASN B 70 12.69 4.49 -10.84
C ASN B 70 11.31 4.21 -10.24
N ILE B 71 11.13 4.55 -8.97
CA ILE B 71 9.86 4.27 -8.28
C ILE B 71 8.72 5.03 -8.93
N ILE B 72 8.96 6.32 -9.25
CA ILE B 72 7.92 7.14 -9.86
C ILE B 72 7.56 6.59 -11.23
N ALA B 73 8.56 6.26 -12.05
CA ALA B 73 8.28 5.75 -13.40
C ALA B 73 7.46 4.46 -13.34
N LEU B 74 7.91 3.49 -12.51
CA LEU B 74 7.28 2.18 -12.50
C LEU B 74 5.92 2.21 -11.81
N ALA B 75 5.80 2.93 -10.69
CA ALA B 75 4.51 2.99 -10.00
C ALA B 75 3.47 3.73 -10.83
N SER B 76 3.88 4.74 -11.62
CA SER B 76 2.90 5.40 -12.47
C SER B 76 2.48 4.50 -13.63
N ALA B 77 3.28 3.49 -13.95
CA ALA B 77 2.96 2.62 -15.09
C ALA B 77 1.92 1.54 -14.79
N VAL B 78 1.69 1.21 -13.52
CA VAL B 78 0.99 -0.04 -13.19
C VAL B 78 -0.08 0.16 -12.13
N ARG B 79 -1.06 -0.74 -12.14
CA ARG B 79 -1.93 -0.99 -10.99
C ARG B 79 -1.34 -2.14 -10.18
N PRO B 80 -1.82 -2.34 -8.94
CA PRO B 80 -1.21 -3.39 -8.09
C PRO B 80 -1.33 -4.80 -8.64
N TRP B 81 -2.36 -5.11 -9.45
CA TRP B 81 -2.48 -6.47 -9.99
C TRP B 81 -1.68 -6.65 -11.27
N HIS B 82 -0.89 -5.65 -11.67
CA HIS B 82 0.00 -5.83 -12.82
C HIS B 82 1.30 -6.51 -12.37
N GLU B 83 2.18 -6.78 -13.34
CA GLU B 83 3.47 -7.42 -13.09
C GLU B 83 4.57 -6.61 -13.75
N ILE B 84 5.63 -6.33 -12.98
CA ILE B 84 6.84 -5.65 -13.45
C ILE B 84 7.95 -6.68 -13.61
N PHE B 85 8.71 -6.58 -14.70
CA PHE B 85 9.85 -7.45 -14.93
C PHE B 85 11.15 -6.65 -14.90
N CYS B 86 12.24 -7.30 -14.48
CA CYS B 86 13.55 -6.68 -14.46
C CYS B 86 14.62 -7.77 -14.53
N SER B 87 15.88 -7.37 -14.72
CA SER B 87 16.93 -8.37 -14.71
C SER B 87 17.23 -8.85 -13.29
N ASP B 88 17.91 -9.98 -13.20
CA ASP B 88 18.33 -10.52 -11.90
C ASP B 88 19.43 -9.69 -11.22
N VAL B 89 19.95 -8.62 -11.82
CA VAL B 89 20.89 -7.74 -11.13
C VAL B 89 20.37 -6.30 -11.05
N ALA B 90 19.09 -6.07 -11.33
CA ALA B 90 18.58 -4.71 -11.47
C ALA B 90 18.59 -3.99 -10.14
N HIS B 91 18.97 -2.71 -10.19
CA HIS B 91 18.94 -1.85 -9.01
C HIS B 91 17.55 -1.86 -8.35
N VAL B 92 16.47 -1.80 -9.14
CA VAL B 92 15.13 -1.77 -8.56
C VAL B 92 14.86 -3.02 -7.74
N LEU B 93 15.51 -4.13 -8.09
CA LEU B 93 15.30 -5.41 -7.43
C LEU B 93 16.13 -5.53 -6.16
N VAL B 94 17.40 -5.12 -6.20
CA VAL B 94 18.35 -5.46 -5.16
C VAL B 94 18.74 -4.30 -4.26
N ASP B 95 18.63 -3.05 -4.73
CA ASP B 95 19.28 -1.95 -4.03
C ASP B 95 18.35 -0.78 -3.70
N GLU B 96 17.04 -0.97 -3.73
CA GLU B 96 16.09 0.08 -3.38
C GLU B 96 15.21 -0.31 -2.19
N ALA B 97 15.65 -1.30 -1.41
CA ALA B 97 14.89 -1.85 -0.26
C ALA B 97 13.44 -2.17 -0.63
N GLY B 98 13.23 -2.59 -1.87
CA GLY B 98 11.89 -2.93 -2.28
C GLY B 98 10.96 -1.75 -2.55
N GLY B 99 11.51 -0.53 -2.66
CA GLY B 99 10.72 0.66 -2.91
C GLY B 99 9.71 0.55 -4.06
N PRO B 100 10.18 0.07 -5.23
CA PRO B 100 9.25 -0.07 -6.37
C PRO B 100 8.05 -0.95 -6.08
N VAL B 101 8.28 -2.08 -5.42
CA VAL B 101 7.20 -2.98 -5.04
C VAL B 101 6.29 -2.33 -4.00
N ARG B 102 6.87 -1.65 -3.00
CA ARG B 102 6.03 -1.05 -1.96
C ARG B 102 5.10 0.00 -2.56
N LEU B 103 5.63 0.86 -3.43
CA LEU B 103 4.79 1.94 -3.94
C LEU B 103 3.81 1.45 -4.99
N SER B 104 4.26 0.58 -5.90
CA SER B 104 3.38 0.10 -6.97
C SER B 104 2.32 -0.87 -6.44
N GLY B 105 2.63 -1.64 -5.41
CA GLY B 105 1.76 -2.72 -5.00
C GLY B 105 1.85 -3.95 -5.87
N ALA B 106 2.73 -3.96 -6.87
CA ALA B 106 2.82 -5.03 -7.87
C ALA B 106 4.04 -5.91 -7.65
N GLN B 107 3.95 -7.16 -8.09
CA GLN B 107 5.09 -8.07 -8.04
C GLN B 107 6.18 -7.63 -9.00
N LEU B 108 7.44 -7.76 -8.56
CA LEU B 108 8.61 -7.47 -9.40
C LEU B 108 9.32 -8.79 -9.71
N THR B 109 9.25 -9.21 -10.97
CA THR B 109 9.64 -10.55 -11.38
C THR B 109 11.01 -10.51 -12.07
N ARG B 110 11.99 -11.17 -11.47
CA ARG B 110 13.33 -11.16 -12.03
C ARG B 110 13.45 -12.08 -13.25
N LEU B 111 14.31 -11.69 -14.17
CA LEU B 111 14.61 -12.43 -15.40
C LEU B 111 16.10 -12.77 -15.43
N ALA B 112 16.40 -14.01 -15.82
CA ALA B 112 17.79 -14.42 -15.99
C ALA B 112 18.48 -13.52 -16.99
N SER B 113 19.75 -13.20 -16.73
CA SER B 113 20.43 -12.23 -17.60
C SER B 113 21.92 -12.58 -17.65
N ASP B 114 22.58 -12.04 -18.68
CA ASP B 114 24.03 -12.13 -18.82
C ASP B 114 24.57 -10.75 -18.44
N ASP B 115 24.93 -10.59 -17.16
CA ASP B 115 25.42 -9.31 -16.64
C ASP B 115 24.41 -8.18 -16.86
N GLY B 116 23.11 -8.47 -16.82
CA GLY B 116 22.07 -7.48 -17.03
C GLY B 116 21.49 -7.47 -18.43
N LEU B 117 22.16 -8.10 -19.38
CA LEU B 117 21.66 -8.19 -20.75
C LEU B 117 20.66 -9.33 -20.82
N ILE B 118 19.39 -9.01 -21.07
CA ILE B 118 18.29 -9.98 -21.07
C ILE B 118 17.95 -10.38 -22.50
N SER B 119 17.80 -11.68 -22.71
CA SER B 119 17.33 -12.18 -24.00
C SER B 119 15.84 -11.89 -24.17
N PRO B 120 15.41 -11.44 -25.36
CA PRO B 120 13.96 -11.30 -25.60
C PRO B 120 13.17 -12.58 -25.35
N ASP B 121 13.78 -13.74 -25.60
CA ASP B 121 13.10 -15.02 -25.40
C ASP B 121 12.77 -15.27 -23.93
N GLU B 122 13.63 -14.83 -23.00
CA GLU B 122 13.36 -15.03 -21.58
C GLU B 122 12.14 -14.23 -21.12
N LEU B 123 12.04 -12.97 -21.56
CA LEU B 123 10.84 -12.18 -21.28
C LEU B 123 9.62 -12.85 -21.87
N GLU B 124 9.70 -13.28 -23.13
CA GLU B 124 8.54 -13.90 -23.78
C GLU B 124 8.07 -15.12 -23.01
N ARG B 125 9.01 -15.95 -22.53
CA ARG B 125 8.65 -17.13 -21.75
C ARG B 125 7.93 -16.76 -20.47
N ARG B 126 8.39 -15.70 -19.78
CA ARG B 126 7.73 -15.39 -18.51
C ARG B 126 6.45 -14.57 -18.66
N VAL B 127 6.15 -14.07 -19.85
CA VAL B 127 4.89 -13.35 -20.06
C VAL B 127 3.78 -14.25 -20.61
N ARG B 128 4.11 -15.42 -21.14
CA ARG B 128 3.15 -16.25 -21.85
C ARG B 128 2.06 -16.79 -20.92
N GLY B 129 0.81 -16.70 -21.37
CA GLY B 129 -0.27 -17.42 -20.72
C GLY B 129 -0.76 -16.88 -19.39
N ARG B 130 -0.50 -15.61 -19.09
CA ARG B 130 -0.85 -15.05 -17.78
C ARG B 130 -2.17 -14.29 -17.79
N SER B 131 -3.21 -14.77 -18.46
CA SER B 131 -4.40 -13.95 -18.66
C SER B 131 -5.50 -14.18 -17.63
N ALA B 132 -5.39 -15.21 -16.79
CA ALA B 132 -6.47 -15.49 -15.85
C ALA B 132 -6.51 -14.46 -14.72
N VAL B 133 -7.68 -14.37 -14.07
CA VAL B 133 -7.88 -13.46 -12.95
C VAL B 133 -6.97 -13.82 -11.79
N HIS B 134 -6.49 -15.06 -11.74
CA HIS B 134 -5.61 -15.52 -10.68
C HIS B 134 -4.17 -15.06 -10.84
N HIS B 135 -3.84 -14.39 -11.96
CA HIS B 135 -2.45 -14.08 -12.29
C HIS B 135 -2.19 -12.59 -12.30
N SER B 136 -1.05 -12.18 -11.74
CA SER B 136 -0.52 -10.85 -12.01
C SER B 136 -0.41 -10.63 -13.51
N GLN B 137 -0.72 -9.42 -13.97
CA GLN B 137 -0.90 -9.17 -15.39
C GLN B 137 0.36 -8.50 -15.95
N PRO B 138 1.14 -9.17 -16.79
CA PRO B 138 2.38 -8.54 -17.30
C PRO B 138 2.12 -7.16 -17.88
N ARG B 139 2.93 -6.18 -17.46
CA ARG B 139 2.64 -4.82 -17.87
C ARG B 139 3.86 -4.04 -18.35
N ILE B 140 4.99 -4.14 -17.67
CA ILE B 140 6.14 -3.29 -18.02
C ILE B 140 7.41 -4.03 -17.66
N VAL B 141 8.43 -3.90 -18.51
CA VAL B 141 9.75 -4.45 -18.24
C VAL B 141 10.73 -3.29 -18.12
N SER B 142 11.62 -3.40 -17.13
CA SER B 142 12.67 -2.41 -16.90
C SER B 142 14.01 -3.02 -17.28
N ILE B 143 14.79 -2.27 -18.07
CA ILE B 143 16.16 -2.65 -18.36
C ILE B 143 17.05 -1.52 -17.89
N THR B 144 18.36 -1.76 -17.84
CA THR B 144 19.31 -0.79 -17.31
C THR B 144 20.44 -0.56 -18.32
N GLN B 145 20.77 0.71 -18.59
CA GLN B 145 21.72 1.08 -19.64
C GLN B 145 22.55 2.25 -19.15
N SER B 146 23.86 2.07 -18.91
CA SER B 146 24.55 0.78 -18.93
C SER B 146 24.11 -0.05 -17.72
N THR B 147 24.37 -1.36 -17.75
CA THR B 147 23.77 -2.25 -16.77
C THR B 147 24.51 -2.19 -15.44
N GLU B 148 23.87 -2.78 -14.42
CA GLU B 148 24.47 -2.81 -13.08
C GLU B 148 25.74 -3.64 -13.02
N ASN B 149 26.03 -4.47 -14.02
CA ASN B 149 27.29 -5.21 -14.08
C ASN B 149 28.26 -4.61 -15.11
N GLY B 150 28.04 -3.35 -15.49
CA GLY B 150 29.01 -2.63 -16.29
C GLY B 150 28.99 -2.95 -17.78
N ARG B 151 27.91 -3.55 -18.27
CA ARG B 151 27.83 -3.82 -19.70
C ARG B 151 26.94 -2.78 -20.37
N VAL B 152 27.08 -2.67 -21.68
CA VAL B 152 26.25 -1.76 -22.47
C VAL B 152 25.43 -2.60 -23.44
N TRP B 153 24.13 -2.33 -23.50
CA TRP B 153 23.31 -2.87 -24.57
C TRP B 153 23.74 -2.24 -25.90
N SER B 154 24.03 -3.07 -26.89
CA SER B 154 24.35 -2.55 -28.22
C SER B 154 23.12 -1.88 -28.83
N ALA B 155 23.35 -1.01 -29.83
CA ALA B 155 22.24 -0.33 -30.49
C ALA B 155 21.21 -1.34 -31.01
N THR B 156 21.71 -2.40 -31.67
CA THR B 156 20.83 -3.43 -32.21
C THR B 156 20.13 -4.19 -31.09
N ALA B 157 20.86 -4.53 -30.03
CA ALA B 157 20.27 -5.33 -28.97
C ALA B 157 19.19 -4.55 -28.23
N VAL B 158 19.43 -3.27 -27.93
CA VAL B 158 18.42 -2.53 -27.18
C VAL B 158 17.20 -2.30 -28.07
N ALA B 159 17.41 -2.01 -29.36
CA ALA B 159 16.26 -1.85 -30.25
C ALA B 159 15.45 -3.13 -30.35
N GLN B 160 16.12 -4.29 -30.49
CA GLN B 160 15.41 -5.56 -30.60
C GLN B 160 14.63 -5.87 -29.32
N PHE B 161 15.24 -5.66 -28.16
CA PHE B 161 14.55 -5.96 -26.91
C PHE B 161 13.33 -5.08 -26.72
N VAL B 162 13.47 -3.77 -26.97
CA VAL B 162 12.33 -2.88 -26.76
C VAL B 162 11.22 -3.18 -27.76
N ASP B 163 11.59 -3.39 -29.03
CA ASP B 163 10.57 -3.69 -30.04
C ASP B 163 9.85 -4.99 -29.73
N ARG B 164 10.58 -6.01 -29.28
CA ARG B 164 9.97 -7.29 -28.95
C ARG B 164 9.03 -7.16 -27.75
N ALA B 165 9.45 -6.41 -26.71
CA ALA B 165 8.58 -6.17 -25.56
C ALA B 165 7.31 -5.46 -25.97
N HIS B 166 7.43 -4.46 -26.85
CA HIS B 166 6.24 -3.76 -27.32
C HIS B 166 5.33 -4.69 -28.09
N ALA B 167 5.91 -5.61 -28.88
CA ALA B 167 5.08 -6.53 -29.65
C ALA B 167 4.29 -7.46 -28.74
N LEU B 168 4.77 -7.70 -27.53
CA LEU B 168 4.06 -8.48 -26.51
C LEU B 168 3.02 -7.67 -25.74
N GLY B 169 2.86 -6.38 -26.05
CA GLY B 169 1.91 -5.53 -25.35
C GLY B 169 2.42 -4.90 -24.07
N LEU B 170 3.72 -4.95 -23.83
CA LEU B 170 4.34 -4.42 -22.61
C LEU B 170 4.87 -3.01 -22.84
N LEU B 171 4.96 -2.23 -21.76
CA LEU B 171 5.72 -0.97 -21.74
C LEU B 171 7.19 -1.27 -21.42
N VAL B 172 8.06 -0.31 -21.74
CA VAL B 172 9.48 -0.43 -21.42
C VAL B 172 9.97 0.81 -20.67
N HIS B 173 10.60 0.56 -19.51
CA HIS B 173 11.34 1.54 -18.73
C HIS B 173 12.83 1.27 -18.88
N VAL B 174 13.60 2.33 -19.08
CA VAL B 174 15.07 2.21 -19.04
C VAL B 174 15.58 2.96 -17.82
N ASP B 175 16.27 2.24 -16.94
CA ASP B 175 17.02 2.84 -15.83
C ASP B 175 18.35 3.34 -16.40
N GLY B 176 18.41 4.62 -16.76
CA GLY B 176 19.62 5.21 -17.28
C GLY B 176 20.33 6.03 -16.24
N ALA B 177 20.43 5.49 -15.01
CA ALA B 177 21.29 6.11 -14.00
C ALA B 177 22.69 6.36 -14.55
N ARG B 178 23.17 5.53 -15.48
CA ARG B 178 24.45 5.70 -16.14
C ARG B 178 24.28 5.76 -17.65
N ILE B 179 23.21 6.42 -18.11
CA ILE B 179 22.96 6.49 -19.55
C ILE B 179 24.07 7.26 -20.24
N ALA B 180 24.62 8.30 -19.59
CA ALA B 180 25.70 9.05 -20.24
C ALA B 180 26.90 8.17 -20.53
N ASN B 181 27.19 7.20 -19.65
CA ASN B 181 28.32 6.31 -19.85
C ASN B 181 28.07 5.38 -21.03
N ALA B 182 26.84 4.87 -21.18
CA ALA B 182 26.53 4.06 -22.35
C ALA B 182 26.64 4.88 -23.64
N VAL B 183 26.08 6.09 -23.64
CA VAL B 183 26.12 6.94 -24.85
C VAL B 183 27.57 7.20 -25.24
N ALA B 184 28.41 7.59 -24.27
CA ALA B 184 29.82 7.84 -24.58
C ALA B 184 30.53 6.59 -25.08
N ALA B 185 30.20 5.42 -24.49
CA ALA B 185 30.88 4.19 -24.89
C ALA B 185 30.49 3.77 -26.31
N LEU B 186 29.24 3.97 -26.70
CA LEU B 186 28.76 3.51 -28.00
C LEU B 186 28.98 4.51 -29.12
N SER B 187 29.15 5.81 -28.81
CA SER B 187 29.26 6.86 -29.81
C SER B 187 28.05 6.89 -30.73
N ILE B 188 26.86 6.70 -30.14
CA ILE B 188 25.58 6.84 -30.82
C ILE B 188 24.74 7.88 -30.08
N SER B 189 23.59 8.21 -30.65
CA SER B 189 22.72 9.21 -30.04
C SER B 189 22.06 8.66 -28.79
N PRO B 190 21.71 9.52 -27.83
CA PRO B 190 20.97 9.06 -26.64
C PRO B 190 19.71 8.28 -26.99
N LEU B 191 18.97 8.74 -28.00
CA LEU B 191 17.76 8.01 -28.40
C LEU B 191 18.10 6.62 -28.93
N GLU B 192 19.17 6.51 -29.71
CA GLU B 192 19.59 5.19 -30.16
C GLU B 192 19.99 4.30 -28.98
N ALA B 193 20.57 4.88 -27.93
CA ALA B 193 21.04 4.10 -26.80
C ALA B 193 19.92 3.61 -25.90
N ILE B 194 18.74 4.25 -25.94
CA ILE B 194 17.61 3.76 -25.14
C ILE B 194 16.57 2.99 -25.95
N GLY B 195 16.68 2.96 -27.28
CA GLY B 195 15.82 2.13 -28.12
C GLY B 195 14.28 2.20 -28.14
N ASP B 196 13.64 3.37 -28.23
CA ASP B 196 12.17 3.52 -28.28
C ASP B 196 11.49 3.19 -26.95
N ALA B 197 12.21 3.35 -25.86
CA ALA B 197 11.61 3.14 -24.54
C ALA B 197 10.45 4.12 -24.29
N ASP B 198 9.50 3.69 -23.45
CA ASP B 198 8.36 4.57 -23.17
C ASP B 198 8.69 5.55 -22.06
N ILE B 199 9.59 5.16 -21.15
CA ILE B 199 9.93 6.04 -20.04
C ILE B 199 11.37 5.75 -19.64
N VAL B 200 12.12 6.79 -19.23
CA VAL B 200 13.53 6.64 -18.92
C VAL B 200 13.88 7.42 -17.65
N SER B 201 14.56 6.76 -16.70
CA SER B 201 15.20 7.48 -15.60
C SER B 201 16.55 7.97 -16.10
N VAL B 202 16.77 9.29 -16.15
CA VAL B 202 17.99 9.87 -16.73
C VAL B 202 18.88 10.32 -15.58
N GLY B 203 20.04 9.67 -15.44
CA GLY B 203 20.87 9.90 -14.27
C GLY B 203 21.64 11.21 -14.38
N GLY B 204 21.67 11.93 -13.26
CA GLY B 204 22.48 13.13 -13.17
C GLY B 204 23.48 13.01 -12.04
N THR B 205 22.99 12.56 -10.88
CA THR B 205 23.81 12.43 -9.69
C THR B 205 25.18 11.80 -9.97
N LYS B 206 25.16 10.63 -10.61
CA LYS B 206 26.41 9.88 -10.79
C LYS B 206 27.32 10.52 -11.83
N ASN B 207 26.82 11.44 -12.63
CA ASN B 207 27.60 12.05 -13.70
C ASN B 207 28.07 13.46 -13.37
N GLY B 208 28.06 13.85 -12.09
CA GLY B 208 28.60 15.15 -11.69
C GLY B 208 27.61 16.12 -11.06
N LEU B 209 26.34 15.79 -10.88
CA LEU B 209 25.44 16.67 -10.13
C LEU B 209 25.65 16.51 -8.63
N MET B 210 25.05 17.41 -7.84
CA MET B 210 24.97 17.16 -6.41
C MET B 210 23.88 16.15 -6.13
N PHE B 211 22.75 16.33 -6.79
CA PHE B 211 21.62 15.42 -6.69
C PHE B 211 20.77 15.69 -7.93
N GLY B 212 19.97 14.71 -8.29
CA GLY B 212 19.05 14.90 -9.37
C GLY B 212 19.05 13.77 -10.36
N ASP B 213 17.86 13.27 -10.61
CA ASP B 213 17.67 12.23 -11.60
C ASP B 213 16.32 12.47 -12.23
N ALA B 214 16.30 12.60 -13.55
CA ALA B 214 15.11 13.07 -14.23
C ALA B 214 14.35 11.89 -14.78
N ILE B 215 13.09 12.14 -15.14
CA ILE B 215 12.24 11.15 -15.77
C ILE B 215 11.80 11.72 -17.11
N LEU B 216 12.22 11.06 -18.20
CA LEU B 216 11.81 11.40 -19.57
C LEU B 216 10.64 10.48 -19.93
N VAL B 217 9.44 11.04 -20.01
CA VAL B 217 8.22 10.27 -20.30
C VAL B 217 7.94 10.46 -21.78
N ARG B 218 8.39 9.50 -22.60
CA ARG B 218 8.27 9.64 -24.04
C ARG B 218 6.85 9.42 -24.53
N ARG B 219 6.05 8.64 -23.81
CA ARG B 219 4.66 8.38 -24.18
C ARG B 219 3.77 8.64 -22.97
N PRO B 220 3.43 9.92 -22.71
CA PRO B 220 2.75 10.27 -21.46
C PRO B 220 1.40 9.60 -21.26
N ALA B 221 0.72 9.22 -22.35
CA ALA B 221 -0.62 8.64 -22.20
C ALA B 221 -0.61 7.37 -21.35
N HIS B 222 0.51 6.69 -21.25
CA HIS B 222 0.56 5.40 -20.54
C HIS B 222 0.89 5.56 -19.07
N PHE B 223 1.12 6.78 -18.58
CA PHE B 223 1.56 7.03 -17.21
C PHE B 223 0.71 8.11 -16.55
N ASP B 224 -0.60 7.97 -16.69
CA ASP B 224 -1.51 8.97 -16.13
C ASP B 224 -1.36 9.05 -14.62
N GLY B 225 -1.21 10.27 -14.11
CA GLY B 225 -1.05 10.48 -12.69
C GLY B 225 0.38 10.54 -12.21
N ILE B 226 1.37 10.46 -13.11
CA ILE B 226 2.76 10.40 -12.68
C ILE B 226 3.13 11.62 -11.84
N HIS B 227 2.57 12.78 -12.16
CA HIS B 227 2.88 13.98 -11.37
C HIS B 227 2.35 13.88 -9.94
N PHE B 228 1.20 13.21 -9.77
CA PHE B 228 0.69 12.98 -8.42
C PHE B 228 1.57 12.00 -7.65
N VAL B 229 2.06 10.96 -8.31
CA VAL B 229 2.95 10.00 -7.65
C VAL B 229 4.21 10.70 -7.18
N GLN B 230 4.78 11.56 -8.04
CA GLN B 230 5.95 12.33 -7.64
C GLN B 230 5.64 13.17 -6.40
N LYS B 231 4.48 13.85 -6.39
CA LYS B 231 4.14 14.69 -5.25
C LYS B 231 3.98 13.85 -3.99
N GLN B 232 3.35 12.68 -4.11
CA GLN B 232 3.00 11.86 -2.94
C GLN B 232 4.20 11.29 -2.23
N ILE B 233 5.34 11.11 -2.90
CA ILE B 233 6.53 10.62 -2.22
C ILE B 233 7.52 11.75 -1.95
N GLY B 234 7.07 13.00 -2.02
CA GLY B 234 7.90 14.10 -1.57
C GLY B 234 8.99 14.49 -2.53
N HIS B 235 8.84 14.18 -3.82
CA HIS B 235 9.88 14.49 -4.77
C HIS B 235 9.53 15.64 -5.72
N LEU B 236 8.50 16.44 -5.40
CA LEU B 236 8.26 17.69 -6.14
C LEU B 236 8.89 18.84 -5.36
N ALA B 237 10.04 19.31 -5.82
CA ALA B 237 10.74 20.38 -5.10
C ALA B 237 10.00 21.72 -5.21
N SER B 238 9.84 22.40 -4.05
CA SER B 238 9.32 23.75 -4.08
C SER B 238 10.30 24.71 -4.77
N LYS B 239 11.58 24.69 -4.35
CA LYS B 239 12.62 25.53 -4.97
C LYS B 239 13.22 24.82 -6.18
N HIS B 240 12.35 24.55 -7.15
CA HIS B 240 12.65 23.70 -8.28
C HIS B 240 13.72 24.29 -9.20
N ARG B 241 13.92 25.60 -9.15
CA ARG B 241 14.97 26.20 -9.97
C ARG B 241 16.32 25.60 -9.64
N PHE B 242 16.53 25.14 -8.41
CA PHE B 242 17.83 24.61 -8.03
C PHE B 242 18.04 23.16 -8.50
N VAL B 243 16.98 22.34 -8.64
CA VAL B 243 17.19 21.02 -9.26
C VAL B 243 17.39 21.17 -10.77
N ALA B 244 16.55 22.00 -11.39
CA ALA B 244 16.64 22.21 -12.84
C ALA B 244 17.98 22.83 -13.24
N ALA B 245 18.47 23.80 -12.47
CA ALA B 245 19.72 24.47 -12.83
C ALA B 245 20.87 23.50 -12.87
N GLN B 246 20.87 22.50 -11.98
CA GLN B 246 21.93 21.49 -12.02
C GLN B 246 21.93 20.78 -13.35
N PHE B 247 20.74 20.38 -13.82
CA PHE B 247 20.71 19.70 -15.12
C PHE B 247 21.13 20.64 -16.26
N ALA B 248 20.70 21.90 -16.20
CA ALA B 248 21.11 22.85 -17.24
C ALA B 248 22.62 22.97 -17.30
N GLY B 249 23.25 23.09 -16.13
CA GLY B 249 24.70 23.22 -16.08
C GLY B 249 25.42 21.99 -16.59
N LEU B 250 24.90 20.80 -16.26
CA LEU B 250 25.56 19.57 -16.70
C LEU B 250 25.40 19.35 -18.19
N PHE B 251 24.27 19.71 -18.75
CA PHE B 251 24.05 19.47 -20.17
C PHE B 251 24.59 20.60 -21.05
N GLU B 252 24.95 21.75 -20.45
CA GLU B 252 25.48 22.87 -21.22
C GLU B 252 26.71 22.46 -22.03
N GLY B 253 26.67 22.73 -23.33
CA GLY B 253 27.78 22.48 -24.24
C GLY B 253 28.24 21.04 -24.36
N GLY B 254 27.41 20.05 -24.02
CA GLY B 254 27.79 18.64 -24.13
C GLY B 254 28.65 18.13 -22.98
N LEU B 255 28.71 18.89 -21.90
CA LEU B 255 29.58 18.53 -20.79
C LEU B 255 29.26 17.15 -20.27
N TRP B 256 27.97 16.79 -20.20
CA TRP B 256 27.58 15.51 -19.59
C TRP B 256 28.24 14.34 -20.29
N LEU B 257 28.37 14.40 -21.63
CA LEU B 257 29.00 13.28 -22.31
C LEU B 257 30.52 13.33 -22.20
N ARG B 258 31.09 14.53 -22.07
CA ARG B 258 32.53 14.58 -21.78
C ARG B 258 32.87 14.02 -20.39
N ASN B 259 32.04 14.34 -19.39
CA ASN B 259 32.19 13.75 -18.05
C ASN B 259 32.16 12.22 -18.12
N ALA B 260 31.14 11.68 -18.79
CA ALA B 260 30.99 10.23 -18.84
C ALA B 260 32.13 9.59 -19.62
N ALA B 261 32.57 10.23 -20.71
CA ALA B 261 33.67 9.68 -21.47
C ALA B 261 34.94 9.60 -20.63
N HIS B 262 35.18 10.61 -19.79
CA HIS B 262 36.37 10.56 -18.94
C HIS B 262 36.26 9.44 -17.91
N ALA B 263 35.08 9.31 -17.30
CA ALA B 263 34.86 8.21 -16.36
C ALA B 263 35.12 6.87 -17.04
N ASN B 264 34.62 6.70 -18.27
CA ASN B 264 34.86 5.47 -19.01
C ASN B 264 36.34 5.26 -19.28
N ALA B 265 37.05 6.33 -19.65
CA ALA B 265 38.47 6.21 -19.98
C ALA B 265 39.28 5.79 -18.76
N MET B 266 38.93 6.33 -17.59
CA MET B 266 39.61 5.93 -16.37
C MET B 266 39.30 4.49 -16.01
N ALA B 267 38.06 4.05 -16.21
CA ALA B 267 37.74 2.64 -15.98
C ALA B 267 38.54 1.73 -16.90
N ARG B 268 38.74 2.16 -18.16
CA ARG B 268 39.55 1.37 -19.07
C ARG B 268 41.00 1.29 -18.60
N ARG B 269 41.54 2.40 -18.12
CA ARG B 269 42.90 2.38 -17.57
C ARG B 269 43.02 1.39 -16.42
N LEU B 270 42.06 1.46 -15.47
CA LEU B 270 42.08 0.59 -14.31
C LEU B 270 41.97 -0.87 -14.71
N SER B 271 41.04 -1.17 -15.62
CA SER B 271 40.79 -2.53 -16.05
C SER B 271 42.04 -3.11 -16.74
N THR B 272 42.65 -2.34 -17.64
CA THR B 272 43.90 -2.78 -18.27
C THR B 272 44.99 -3.02 -17.24
N GLY B 273 45.08 -2.15 -16.23
CA GLY B 273 46.09 -2.34 -15.21
C GLY B 273 45.84 -3.59 -14.38
N LEU B 274 44.57 -3.89 -14.12
CA LEU B 274 44.24 -5.09 -13.36
C LEU B 274 44.62 -6.35 -14.15
N GLU B 275 44.34 -6.35 -15.45
CA GLU B 275 44.74 -7.48 -16.27
C GLU B 275 46.25 -7.62 -16.33
N ALA B 276 46.97 -6.50 -16.36
CA ALA B 276 48.43 -6.57 -16.35
C ALA B 276 48.97 -7.20 -15.07
N LEU B 277 48.25 -7.07 -13.95
CA LEU B 277 48.64 -7.70 -12.70
C LEU B 277 48.38 -9.21 -12.69
N GLY B 278 47.74 -9.74 -13.73
CA GLY B 278 47.41 -11.15 -13.79
C GLY B 278 46.03 -11.51 -13.27
N LEU B 279 45.23 -10.52 -12.92
CA LEU B 279 43.88 -10.75 -12.39
C LEU B 279 42.85 -10.94 -13.51
N GLN B 280 41.72 -11.55 -13.16
CA GLN B 280 40.67 -11.88 -14.12
C GLN B 280 39.47 -10.97 -13.90
N LEU B 281 38.99 -10.36 -15.00
CA LEU B 281 37.77 -9.56 -14.95
C LEU B 281 36.59 -10.52 -14.86
N ALA B 282 35.60 -10.14 -14.05
CA ALA B 282 34.37 -10.92 -13.92
C ALA B 282 33.36 -10.58 -15.00
N SER B 283 33.46 -9.38 -15.57
CA SER B 283 32.62 -8.84 -16.61
C SER B 283 33.50 -7.95 -17.47
N PRO B 284 33.22 -7.83 -18.77
CA PRO B 284 34.01 -6.92 -19.60
C PRO B 284 33.72 -5.47 -19.24
N THR B 285 34.77 -4.65 -19.24
CA THR B 285 34.64 -3.24 -18.87
C THR B 285 34.18 -2.45 -20.08
N GLU B 286 32.87 -2.34 -20.25
CA GLU B 286 32.29 -1.63 -21.38
C GLU B 286 31.84 -0.22 -21.04
N SER B 287 31.91 0.15 -19.77
CA SER B 287 31.35 1.39 -19.25
C SER B 287 32.32 1.98 -18.23
N ASN B 288 31.83 2.50 -17.10
CA ASN B 288 32.72 3.09 -16.11
C ASN B 288 32.87 2.23 -14.85
N GLU B 289 32.48 0.95 -14.92
CA GLU B 289 32.56 0.05 -13.78
C GLU B 289 33.47 -1.13 -14.10
N VAL B 290 34.31 -1.52 -13.14
CA VAL B 290 35.26 -2.61 -13.31
C VAL B 290 34.95 -3.67 -12.25
N PHE B 291 34.67 -4.90 -12.69
CA PHE B 291 34.39 -6.01 -11.80
C PHE B 291 35.53 -7.01 -11.95
N VAL B 292 36.24 -7.27 -10.87
CA VAL B 292 37.44 -8.12 -10.93
C VAL B 292 37.34 -9.21 -9.86
N LYS B 293 37.82 -10.42 -10.21
CA LYS B 293 37.93 -11.50 -9.24
C LYS B 293 39.12 -11.27 -8.34
N LEU B 294 38.89 -11.29 -7.02
CA LEU B 294 39.91 -11.03 -6.01
C LEU B 294 39.73 -12.02 -4.87
N ASP B 295 40.82 -12.66 -4.45
CA ASP B 295 40.74 -13.55 -3.31
C ASP B 295 40.59 -12.74 -2.02
N GLY B 296 40.30 -13.46 -0.93
CA GLY B 296 39.93 -12.80 0.31
C GLY B 296 41.00 -11.87 0.86
N GLU B 297 42.25 -12.33 0.89
CA GLU B 297 43.31 -11.55 1.54
C GLU B 297 43.70 -10.33 0.70
N ALA B 298 43.81 -10.50 -0.63
CA ALA B 298 44.05 -9.34 -1.49
C ALA B 298 42.94 -8.32 -1.33
N HIS B 299 41.70 -8.79 -1.18
CA HIS B 299 40.56 -7.90 -0.95
C HIS B 299 40.69 -7.14 0.35
N ARG B 300 41.05 -7.84 1.43
CA ARG B 300 41.16 -7.23 2.76
C ARG B 300 42.33 -6.25 2.81
N ARG B 301 43.39 -6.55 2.07
CA ARG B 301 44.54 -5.66 1.99
C ARG B 301 44.21 -4.41 1.17
N LEU B 302 43.48 -4.58 0.08
CA LEU B 302 43.03 -3.42 -0.69
C LEU B 302 42.07 -2.57 0.14
N ALA B 303 41.23 -3.22 0.95
CA ALA B 303 40.22 -2.53 1.73
C ALA B 303 40.82 -1.65 2.81
N GLU B 304 42.10 -1.83 3.15
CA GLU B 304 42.73 -0.94 4.10
C GLU B 304 43.01 0.43 3.50
N ARG B 305 43.04 0.51 2.17
CA ARG B 305 43.30 1.77 1.49
C ARG B 305 42.14 2.27 0.64
N TYR B 306 41.26 1.39 0.17
CA TYR B 306 40.19 1.80 -0.75
C TYR B 306 38.89 1.08 -0.41
N LEU B 307 37.82 1.85 -0.32
CA LEU B 307 36.48 1.31 -0.15
C LEU B 307 35.97 0.79 -1.49
N VAL B 308 35.72 -0.51 -1.58
CA VAL B 308 35.15 -1.11 -2.78
C VAL B 308 34.02 -2.06 -2.38
N HIS B 309 33.06 -2.21 -3.29
CA HIS B 309 31.82 -2.96 -3.06
C HIS B 309 32.00 -4.41 -3.53
N GLN B 310 31.45 -5.34 -2.75
CA GLN B 310 31.36 -6.74 -3.20
C GLN B 310 29.89 -7.02 -3.49
N PRO B 311 29.46 -6.92 -4.74
CA PRO B 311 28.01 -6.98 -5.02
C PRO B 311 27.37 -8.29 -4.65
N ASP B 312 28.09 -9.40 -4.77
CA ASP B 312 27.54 -10.73 -4.47
C ASP B 312 28.36 -11.37 -3.35
N PRO B 313 27.78 -11.59 -2.17
CA PRO B 313 28.56 -12.18 -1.07
C PRO B 313 29.05 -13.58 -1.36
N GLY B 314 28.42 -14.29 -2.29
CA GLY B 314 28.88 -15.63 -2.63
C GLY B 314 29.90 -15.70 -3.74
N GLN B 315 30.35 -14.56 -4.27
CA GLN B 315 31.32 -14.56 -5.36
C GLN B 315 32.49 -13.66 -5.00
N PRO B 316 33.73 -14.12 -5.20
CA PRO B 316 34.91 -13.30 -4.88
C PRO B 316 35.18 -12.25 -5.95
N VAL B 317 34.23 -11.33 -6.12
CA VAL B 317 34.28 -10.32 -7.16
C VAL B 317 34.06 -8.96 -6.50
N VAL B 318 34.96 -8.02 -6.78
CA VAL B 318 34.85 -6.67 -6.21
C VAL B 318 34.68 -5.68 -7.36
N ARG B 319 34.06 -4.56 -7.05
CA ARG B 319 33.70 -3.54 -8.03
C ARG B 319 34.45 -2.24 -7.75
N PHE B 320 35.08 -1.69 -8.79
CA PHE B 320 35.60 -0.32 -8.78
C PHE B 320 34.74 0.53 -9.71
N VAL B 321 34.43 1.77 -9.32
CA VAL B 321 33.69 2.67 -10.20
C VAL B 321 34.50 3.95 -10.37
N CYS B 322 34.67 4.39 -11.61
CA CYS B 322 35.34 5.65 -11.91
C CYS B 322 34.33 6.71 -12.26
N SER B 323 34.71 7.98 -12.05
CA SER B 323 33.81 9.11 -12.17
C SER B 323 34.47 10.22 -12.99
N TRP B 324 33.70 11.30 -13.22
CA TRP B 324 34.20 12.46 -13.97
C TRP B 324 35.45 13.07 -13.32
N SER B 325 35.60 12.90 -12.01
CA SER B 325 36.72 13.49 -11.29
C SER B 325 37.84 12.51 -10.99
N THR B 326 37.72 11.24 -11.39
CA THR B 326 38.81 10.28 -11.19
C THR B 326 40.06 10.70 -11.95
N THR B 327 41.23 10.57 -11.31
CA THR B 327 42.50 10.92 -11.94
C THR B 327 43.31 9.67 -12.29
N GLU B 328 44.25 9.83 -13.23
CA GLU B 328 45.17 8.74 -13.55
C GLU B 328 46.00 8.36 -12.32
N THR B 329 46.34 9.34 -11.48
CA THR B 329 47.12 9.04 -10.28
C THR B 329 46.35 8.15 -9.31
N GLU B 330 45.04 8.38 -9.16
CA GLU B 330 44.21 7.54 -8.30
C GLU B 330 44.15 6.11 -8.81
N VAL B 331 43.98 5.95 -10.13
CA VAL B 331 43.95 4.62 -10.74
C VAL B 331 45.26 3.90 -10.48
N ASP B 332 46.38 4.58 -10.73
CA ASP B 332 47.67 3.93 -10.57
C ASP B 332 47.95 3.62 -9.10
N ASP B 333 47.48 4.48 -8.18
CA ASP B 333 47.70 4.24 -6.77
C ASP B 333 46.87 3.06 -6.27
N ALA B 334 45.64 2.92 -6.77
CA ALA B 334 44.85 1.73 -6.44
C ALA B 334 45.55 0.46 -6.94
N LEU B 335 46.07 0.52 -8.18
CA LEU B 335 46.77 -0.65 -8.71
C LEU B 335 48.02 -0.97 -7.89
N ALA B 336 48.73 0.07 -7.43
CA ALA B 336 49.91 -0.16 -6.60
C ALA B 336 49.50 -0.78 -5.28
N ALA B 337 48.35 -0.37 -4.76
CA ALA B 337 47.83 -0.98 -3.55
C ALA B 337 47.51 -2.46 -3.78
N LEU B 338 47.12 -2.84 -5.00
CA LEU B 338 46.81 -4.27 -5.15
C LEU B 338 48.07 -5.11 -5.24
N ARG B 339 49.17 -4.52 -5.69
CA ARG B 339 50.38 -5.31 -5.91
C ARG B 339 50.94 -5.94 -4.66
N SER C 6 -28.28 -12.32 26.28
CA SER C 6 -28.90 -12.62 24.99
C SER C 6 -28.39 -11.69 23.90
N ALA C 7 -28.15 -12.25 22.71
CA ALA C 7 -27.71 -11.49 21.55
C ALA C 7 -28.87 -11.14 20.62
N ALA C 8 -30.12 -11.23 21.10
CA ALA C 8 -31.29 -11.05 20.24
C ALA C 8 -31.31 -9.67 19.58
N PHE C 9 -30.73 -8.65 20.20
CA PHE C 9 -30.74 -7.30 19.64
C PHE C 9 -29.35 -6.74 19.42
N ALA C 10 -28.31 -7.58 19.50
CA ALA C 10 -26.95 -7.09 19.32
C ALA C 10 -26.75 -6.54 17.92
N SER C 11 -27.27 -7.22 16.91
CA SER C 11 -27.15 -6.85 15.51
C SER C 11 -28.08 -7.76 14.71
N ASP C 12 -28.43 -7.33 13.50
CA ASP C 12 -29.10 -8.29 12.63
C ASP C 12 -28.16 -9.40 12.15
N ASN C 13 -26.82 -9.21 12.27
CA ASN C 13 -25.94 -10.33 11.95
C ASN C 13 -25.78 -11.32 13.12
N ALA C 14 -26.45 -11.09 14.24
CA ALA C 14 -26.51 -12.11 15.28
C ALA C 14 -27.55 -13.17 14.98
N ALA C 15 -28.42 -12.94 14.00
CA ALA C 15 -29.49 -13.87 13.69
C ALA C 15 -28.97 -15.09 12.96
N PRO C 16 -29.69 -16.21 13.01
CA PRO C 16 -29.29 -17.37 12.21
C PRO C 16 -29.55 -17.17 10.73
N ALA C 17 -29.41 -18.22 9.93
CA ALA C 17 -29.66 -18.14 8.51
C ALA C 17 -31.08 -18.63 8.22
N HIS C 18 -31.73 -18.01 7.25
CA HIS C 18 -33.10 -18.36 6.89
C HIS C 18 -33.16 -19.81 6.37
N PRO C 19 -34.23 -20.54 6.70
CA PRO C 19 -34.33 -21.93 6.21
C PRO C 19 -34.18 -22.09 4.69
N ARG C 20 -34.69 -21.12 3.92
CA ARG C 20 -34.59 -21.22 2.46
C ARG C 20 -33.15 -21.16 2.01
N VAL C 21 -32.29 -20.47 2.77
CA VAL C 21 -30.86 -20.42 2.47
C VAL C 21 -30.23 -21.80 2.64
N LEU C 22 -30.53 -22.49 3.74
CA LEU C 22 -30.00 -23.83 3.92
C LEU C 22 -30.54 -24.79 2.88
N GLU C 23 -31.83 -24.66 2.53
CA GLU C 23 -32.39 -25.50 1.47
C GLU C 23 -31.67 -25.26 0.14
N ALA C 24 -31.34 -24.01 -0.16
CA ALA C 24 -30.61 -23.71 -1.39
C ALA C 24 -29.22 -24.32 -1.38
N LEU C 25 -28.54 -24.28 -0.23
CA LEU C 25 -27.22 -24.90 -0.14
C LEU C 25 -27.30 -26.40 -0.40
N HIS C 26 -28.29 -27.07 0.19
CA HIS C 26 -28.46 -28.50 -0.08
C HIS C 26 -28.72 -28.73 -1.55
N HIS C 27 -29.54 -27.88 -2.18
CA HIS C 27 -29.98 -28.10 -3.54
C HIS C 27 -28.81 -28.13 -4.52
N VAL C 28 -27.78 -27.32 -4.30
CA VAL C 28 -26.65 -27.26 -5.22
C VAL C 28 -25.49 -28.16 -4.80
N ASN C 29 -25.65 -28.94 -3.74
CA ASN C 29 -24.51 -29.69 -3.18
C ASN C 29 -24.32 -31.08 -3.80
N GLN C 30 -24.48 -31.26 -5.10
CA GLN C 30 -24.23 -32.57 -5.69
C GLN C 30 -23.37 -32.46 -6.95
N GLY C 31 -22.46 -33.41 -7.10
CA GLY C 31 -21.64 -33.50 -8.28
C GLY C 31 -20.55 -32.43 -8.27
N PRO C 32 -19.57 -32.58 -9.15
CA PRO C 32 -18.56 -31.53 -9.29
C PRO C 32 -19.11 -30.35 -10.09
N ALA C 33 -18.51 -29.18 -9.85
CA ALA C 33 -18.90 -27.96 -10.52
C ALA C 33 -17.66 -27.12 -10.81
N PRO C 34 -17.56 -26.51 -12.00
CA PRO C 34 -16.43 -25.63 -12.29
C PRO C 34 -16.37 -24.49 -11.28
N SER C 35 -15.16 -24.10 -10.91
CA SER C 35 -14.96 -23.24 -9.75
C SER C 35 -14.89 -21.76 -10.15
N TYR C 36 -14.87 -20.91 -9.12
CA TYR C 36 -14.59 -19.48 -9.21
C TYR C 36 -15.68 -18.71 -9.95
N GLY C 37 -16.92 -19.22 -9.97
CA GLY C 37 -18.05 -18.50 -10.50
C GLY C 37 -18.47 -18.93 -11.88
N ASP C 38 -17.78 -19.91 -12.43
CA ASP C 38 -17.88 -20.36 -13.81
C ASP C 38 -18.95 -21.45 -13.92
N ASP C 39 -20.11 -21.19 -13.29
CA ASP C 39 -21.15 -22.18 -13.09
C ASP C 39 -22.54 -21.57 -13.25
N PRO C 40 -23.57 -22.40 -13.50
CA PRO C 40 -24.91 -21.84 -13.76
C PRO C 40 -25.57 -21.21 -12.55
N VAL C 41 -25.22 -21.64 -11.34
CA VAL C 41 -25.86 -21.08 -10.14
C VAL C 41 -25.43 -19.64 -9.94
N THR C 42 -24.14 -19.36 -10.13
CA THR C 42 -23.66 -17.99 -10.09
C THR C 42 -24.35 -17.12 -11.14
N ALA C 43 -24.48 -17.64 -12.37
CA ALA C 43 -25.16 -16.86 -13.40
C ALA C 43 -26.60 -16.54 -12.99
N GLU C 44 -27.30 -17.54 -12.44
CA GLU C 44 -28.68 -17.34 -11.99
C GLU C 44 -28.78 -16.29 -10.90
N ALA C 45 -27.87 -16.33 -9.92
CA ALA C 45 -27.89 -15.37 -8.82
C ALA C 45 -27.55 -13.96 -9.30
N ALA C 46 -26.55 -13.84 -10.19
CA ALA C 46 -26.22 -12.54 -10.76
C ALA C 46 -27.42 -11.96 -11.47
N GLU C 47 -28.13 -12.78 -12.24
CA GLU C 47 -29.31 -12.29 -12.94
C GLU C 47 -30.41 -11.90 -11.98
N ALA C 48 -30.59 -12.66 -10.89
CA ALA C 48 -31.59 -12.28 -9.89
C ALA C 48 -31.31 -10.90 -9.32
N LEU C 49 -30.03 -10.61 -9.04
CA LEU C 49 -29.70 -9.30 -8.49
C LEU C 49 -29.86 -8.20 -9.54
N ARG C 50 -29.42 -8.45 -10.78
CA ARG C 50 -29.62 -7.47 -11.86
C ARG C 50 -31.10 -7.15 -12.05
N THR C 51 -31.95 -8.18 -12.03
CA THR C 51 -33.37 -8.00 -12.23
C THR C 51 -33.99 -7.22 -11.06
N ALA C 52 -33.61 -7.57 -9.83
CA ALA C 52 -34.18 -6.88 -8.68
C ALA C 52 -33.92 -5.38 -8.74
N PHE C 53 -32.72 -4.98 -9.17
CA PHE C 53 -32.35 -3.58 -9.24
C PHE C 53 -32.55 -2.99 -10.63
N GLU C 54 -33.27 -3.70 -11.50
CA GLU C 54 -33.60 -3.21 -12.84
C GLU C 54 -32.39 -2.61 -13.53
N SER C 55 -31.28 -3.34 -13.50
CA SER C 55 -30.00 -2.88 -14.05
C SER C 55 -29.44 -3.97 -14.96
N PRO C 56 -30.03 -4.17 -16.13
CA PRO C 56 -29.58 -5.27 -17.01
C PRO C 56 -28.14 -5.14 -17.49
N GLY C 57 -27.57 -3.94 -17.49
CA GLY C 57 -26.19 -3.75 -17.89
C GLY C 57 -25.16 -3.88 -16.78
N ALA C 58 -25.57 -4.23 -15.57
CA ALA C 58 -24.64 -4.26 -14.44
C ALA C 58 -23.82 -5.55 -14.43
N ASP C 59 -22.59 -5.45 -13.93
CA ASP C 59 -21.85 -6.64 -13.52
C ASP C 59 -22.13 -6.92 -12.05
N VAL C 60 -21.99 -8.19 -11.64
CA VAL C 60 -22.25 -8.58 -10.26
C VAL C 60 -21.08 -9.41 -9.75
N LEU C 61 -20.53 -9.02 -8.60
CA LEU C 61 -19.52 -9.81 -7.93
C LEU C 61 -20.08 -10.22 -6.58
N PHE C 62 -19.51 -11.27 -6.00
CA PHE C 62 -19.97 -11.75 -4.70
C PHE C 62 -18.78 -11.83 -3.76
N ALA C 63 -18.89 -11.20 -2.60
CA ALA C 63 -17.84 -11.24 -1.59
C ALA C 63 -18.42 -11.87 -0.34
N PHE C 64 -17.54 -12.11 0.63
CA PHE C 64 -17.93 -12.87 1.81
C PHE C 64 -18.47 -12.00 2.96
N THR C 65 -18.13 -10.71 3.00
CA THR C 65 -18.61 -9.79 4.05
C THR C 65 -18.95 -8.43 3.47
N GLY C 66 -19.68 -7.63 4.26
CA GLY C 66 -20.00 -6.26 3.85
C GLY C 66 -18.77 -5.37 3.85
N THR C 67 -17.85 -5.59 4.79
CA THR C 67 -16.57 -4.88 4.74
C THR C 67 -15.86 -5.13 3.41
N ALA C 68 -15.80 -6.41 2.99
CA ALA C 68 -15.15 -6.76 1.72
C ALA C 68 -15.85 -6.11 0.54
N ALA C 69 -17.20 -6.18 0.50
CA ALA C 69 -17.92 -5.55 -0.60
C ALA C 69 -17.56 -4.07 -0.72
N ASN C 70 -17.52 -3.37 0.42
CA ASN C 70 -17.22 -1.95 0.41
C ASN C 70 -15.80 -1.69 -0.07
N ILE C 71 -14.83 -2.46 0.45
CA ILE C 71 -13.43 -2.26 0.08
C ILE C 71 -13.23 -2.51 -1.40
N ILE C 72 -13.81 -3.59 -1.94
CA ILE C 72 -13.63 -3.90 -3.34
C ILE C 72 -14.22 -2.80 -4.21
N ALA C 73 -15.44 -2.35 -3.89
CA ALA C 73 -16.07 -1.28 -4.67
C ALA C 73 -15.24 0.00 -4.66
N LEU C 74 -14.86 0.46 -3.46
CA LEU C 74 -14.19 1.74 -3.38
C LEU C 74 -12.76 1.67 -3.92
N ALA C 75 -12.03 0.60 -3.61
CA ALA C 75 -10.67 0.49 -4.10
C ALA C 75 -10.61 0.35 -5.61
N SER C 76 -11.60 -0.30 -6.23
CA SER C 76 -11.61 -0.38 -7.68
C SER C 76 -11.96 0.94 -8.33
N ALA C 77 -12.60 1.87 -7.60
CA ALA C 77 -12.98 3.17 -8.16
C ALA C 77 -11.85 4.19 -8.25
N VAL C 78 -10.75 4.02 -7.50
CA VAL C 78 -9.81 5.12 -7.28
C VAL C 78 -8.37 4.67 -7.46
N ARG C 79 -7.52 5.64 -7.76
CA ARG C 79 -6.09 5.57 -7.59
C ARG C 79 -5.71 6.20 -6.25
N PRO C 80 -4.49 5.95 -5.77
CA PRO C 80 -4.12 6.44 -4.43
C PRO C 80 -4.18 7.96 -4.27
N TRP C 81 -3.99 8.72 -5.34
CA TRP C 81 -4.04 10.17 -5.21
C TRP C 81 -5.46 10.73 -5.33
N HIS C 82 -6.46 9.88 -5.45
CA HIS C 82 -7.85 10.33 -5.42
C HIS C 82 -8.33 10.52 -3.98
N GLU C 83 -9.57 10.99 -3.84
CA GLU C 83 -10.17 11.24 -2.55
C GLU C 83 -11.55 10.59 -2.50
N ILE C 84 -11.82 9.83 -1.42
CA ILE C 84 -13.11 9.21 -1.15
C ILE C 84 -13.82 10.03 -0.06
N PHE C 85 -15.13 10.24 -0.22
CA PHE C 85 -15.96 10.93 0.76
C PHE C 85 -17.00 9.97 1.35
N CYS C 86 -17.38 10.22 2.61
CA CYS C 86 -18.39 9.44 3.31
C CYS C 86 -18.98 10.29 4.43
N SER C 87 -20.06 9.79 5.04
CA SER C 87 -20.60 10.53 6.17
C SER C 87 -19.76 10.29 7.42
N ASP C 88 -19.96 11.16 8.42
CA ASP C 88 -19.26 11.05 9.69
C ASP C 88 -19.69 9.85 10.55
N VAL C 89 -20.69 9.07 10.13
CA VAL C 89 -21.04 7.84 10.81
C VAL C 89 -20.86 6.62 9.93
N ALA C 90 -20.17 6.76 8.79
CA ALA C 90 -20.11 5.68 7.81
C ALA C 90 -19.35 4.45 8.33
N HIS C 91 -19.88 3.26 8.01
CA HIS C 91 -19.20 2.01 8.34
C HIS C 91 -17.78 1.98 7.80
N VAL C 92 -17.57 2.42 6.55
CA VAL C 92 -16.22 2.40 5.97
C VAL C 92 -15.26 3.24 6.81
N LEU C 93 -15.76 4.28 7.47
CA LEU C 93 -14.94 5.20 8.25
C LEU C 93 -14.64 4.65 9.65
N VAL C 94 -15.64 4.06 10.30
CA VAL C 94 -15.52 3.79 11.73
C VAL C 94 -15.39 2.31 12.10
N ASP C 95 -15.85 1.39 11.25
CA ASP C 95 -16.01 0.00 11.69
C ASP C 95 -15.34 -1.03 10.78
N GLU C 96 -14.39 -0.60 9.93
CA GLU C 96 -13.67 -1.53 9.07
C GLU C 96 -12.17 -1.49 9.33
N ALA C 97 -11.76 -0.97 10.49
CA ALA C 97 -10.36 -0.83 10.87
C ALA C 97 -9.55 -0.15 9.75
N GLY C 98 -10.18 0.74 9.00
CA GLY C 98 -9.47 1.47 7.95
C GLY C 98 -9.19 0.67 6.69
N GLY C 99 -9.83 -0.49 6.52
CA GLY C 99 -9.65 -1.31 5.35
C GLY C 99 -9.73 -0.58 4.02
N PRO C 100 -10.78 0.24 3.83
CA PRO C 100 -10.89 0.98 2.55
C PRO C 100 -9.72 1.88 2.26
N VAL C 101 -9.23 2.58 3.28
CA VAL C 101 -8.05 3.43 3.13
C VAL C 101 -6.80 2.60 2.85
N ARG C 102 -6.62 1.49 3.57
CA ARG C 102 -5.43 0.66 3.37
C ARG C 102 -5.37 0.11 1.96
N LEU C 103 -6.48 -0.40 1.44
CA LEU C 103 -6.41 -1.04 0.14
C LEU C 103 -6.41 0.00 -0.98
N SER C 104 -7.22 1.07 -0.86
CA SER C 104 -7.25 2.08 -1.92
C SER C 104 -5.98 2.94 -1.99
N GLY C 105 -5.31 3.15 -0.86
CA GLY C 105 -4.24 4.12 -0.78
C GLY C 105 -4.67 5.57 -0.70
N ALA C 106 -5.98 5.84 -0.70
CA ALA C 106 -6.59 7.16 -0.82
C ALA C 106 -7.13 7.67 0.50
N GLN C 107 -7.16 9.01 0.65
CA GLN C 107 -7.76 9.60 1.84
C GLN C 107 -9.27 9.38 1.84
N LEU C 108 -9.82 9.12 3.04
CA LEU C 108 -11.28 8.99 3.24
C LEU C 108 -11.75 10.17 4.08
N THR C 109 -12.49 11.08 3.44
CA THR C 109 -12.82 12.38 4.01
C THR C 109 -14.26 12.38 4.52
N ARG C 110 -14.44 12.55 5.82
CA ARG C 110 -15.77 12.53 6.41
C ARG C 110 -16.52 13.83 6.14
N LEU C 111 -17.84 13.70 5.99
CA LEU C 111 -18.75 14.81 5.73
C LEU C 111 -19.75 14.89 6.87
N ALA C 112 -19.97 16.09 7.40
CA ALA C 112 -20.99 16.28 8.41
C ALA C 112 -22.34 15.83 7.87
N SER C 113 -23.14 15.19 8.73
CA SER C 113 -24.40 14.59 8.29
C SER C 113 -25.43 14.68 9.41
N ASP C 114 -26.69 14.49 9.03
CA ASP C 114 -27.79 14.35 9.97
C ASP C 114 -28.14 12.87 10.03
N ASP C 115 -27.54 12.18 11.00
CA ASP C 115 -27.75 10.73 11.20
C ASP C 115 -27.41 9.94 9.95
N GLY C 116 -26.39 10.38 9.19
CA GLY C 116 -25.99 9.74 7.96
C GLY C 116 -26.55 10.40 6.70
N LEU C 117 -27.57 11.24 6.83
CA LEU C 117 -28.09 11.95 5.68
C LEU C 117 -27.23 13.19 5.41
N ILE C 118 -26.55 13.21 4.26
CA ILE C 118 -25.61 14.29 3.91
C ILE C 118 -26.29 15.26 2.96
N SER C 119 -26.13 16.56 3.24
CA SER C 119 -26.63 17.58 2.33
C SER C 119 -25.75 17.64 1.07
N PRO C 120 -26.34 17.80 -0.11
CA PRO C 120 -25.53 18.02 -1.33
C PRO C 120 -24.57 19.21 -1.20
N ASP C 121 -24.96 20.26 -0.48
CA ASP C 121 -24.10 21.43 -0.32
C ASP C 121 -22.84 21.10 0.48
N GLU C 122 -22.90 20.19 1.46
CA GLU C 122 -21.69 19.84 2.21
C GLU C 122 -20.67 19.10 1.34
N LEU C 123 -21.15 18.18 0.49
CA LEU C 123 -20.27 17.54 -0.49
C LEU C 123 -19.64 18.59 -1.41
N GLU C 124 -20.49 19.48 -1.95
CA GLU C 124 -19.99 20.48 -2.89
C GLU C 124 -18.92 21.35 -2.25
N ARG C 125 -19.14 21.75 -0.99
CA ARG C 125 -18.15 22.56 -0.30
C ARG C 125 -16.82 21.82 -0.15
N ARG C 126 -16.86 20.52 0.15
CA ARG C 126 -15.58 19.85 0.37
C ARG C 126 -14.89 19.39 -0.90
N VAL C 127 -15.56 19.49 -2.05
CA VAL C 127 -14.94 19.16 -3.33
C VAL C 127 -14.35 20.39 -4.04
N ARG C 128 -14.73 21.60 -3.64
CA ARG C 128 -14.41 22.81 -4.38
C ARG C 128 -12.91 23.13 -4.39
N GLY C 129 -12.38 23.48 -5.57
CA GLY C 129 -11.04 24.04 -5.65
C GLY C 129 -9.91 23.06 -5.45
N ARG C 130 -10.17 21.76 -5.60
CA ARG C 130 -9.16 20.74 -5.28
C ARG C 130 -8.40 20.28 -6.51
N SER C 131 -8.02 21.16 -7.44
CA SER C 131 -7.48 20.70 -8.72
C SER C 131 -5.95 20.67 -8.79
N ALA C 132 -5.24 21.26 -7.82
CA ALA C 132 -3.78 21.32 -7.90
C ALA C 132 -3.12 19.96 -7.67
N VAL C 133 -1.87 19.83 -8.14
CA VAL C 133 -1.12 18.59 -7.94
C VAL C 133 -0.90 18.32 -6.46
N HIS C 134 -0.98 19.34 -5.60
CA HIS C 134 -0.78 19.17 -4.16
C HIS C 134 -1.98 18.57 -3.44
N HIS C 135 -3.09 18.35 -4.13
CA HIS C 135 -4.35 17.97 -3.49
C HIS C 135 -4.79 16.57 -3.89
N SER C 136 -5.27 15.80 -2.93
CA SER C 136 -6.02 14.60 -3.29
C SER C 136 -7.18 14.98 -4.20
N GLN C 137 -7.48 14.12 -5.18
CA GLN C 137 -8.41 14.47 -6.26
C GLN C 137 -9.79 13.86 -6.01
N PRO C 138 -10.81 14.66 -5.69
CA PRO C 138 -12.14 14.10 -5.40
C PRO C 138 -12.61 13.15 -6.49
N ARG C 139 -13.06 11.95 -6.09
CA ARG C 139 -13.44 10.96 -7.10
C ARG C 139 -14.76 10.25 -6.82
N ILE C 140 -15.02 9.88 -5.57
CA ILE C 140 -16.21 9.06 -5.30
C ILE C 140 -16.72 9.38 -3.91
N VAL C 141 -18.05 9.43 -3.76
CA VAL C 141 -18.69 9.60 -2.46
C VAL C 141 -19.49 8.34 -2.14
N SER C 142 -19.39 7.87 -0.90
CA SER C 142 -20.15 6.71 -0.44
C SER C 142 -21.24 7.18 0.50
N ILE C 143 -22.47 6.75 0.25
CA ILE C 143 -23.58 6.97 1.16
C ILE C 143 -24.08 5.60 1.61
N THR C 144 -24.92 5.57 2.64
CA THR C 144 -25.38 4.31 3.23
C THR C 144 -26.91 4.31 3.31
N GLN C 145 -27.53 3.22 2.85
CA GLN C 145 -28.98 3.15 2.71
C GLN C 145 -29.46 1.75 3.09
N SER C 146 -30.18 1.61 4.22
CA SER C 146 -30.43 2.66 5.21
C SER C 146 -29.16 3.00 5.98
N THR C 147 -29.16 4.15 6.67
CA THR C 147 -27.90 4.65 7.22
C THR C 147 -27.52 3.91 8.48
N GLU C 148 -26.26 4.09 8.88
CA GLU C 148 -25.74 3.49 10.11
C GLU C 148 -26.43 4.03 11.36
N ASN C 149 -27.17 5.14 11.27
CA ASN C 149 -27.98 5.61 12.40
C ASN C 149 -29.46 5.31 12.19
N GLY C 150 -29.79 4.38 11.31
CA GLY C 150 -31.14 3.88 11.21
C GLY C 150 -32.09 4.78 10.43
N ARG C 151 -31.59 5.73 9.66
CA ARG C 151 -32.47 6.58 8.87
C ARG C 151 -32.51 6.08 7.42
N VAL C 152 -33.52 6.52 6.69
CA VAL C 152 -33.65 6.16 5.28
C VAL C 152 -33.54 7.42 4.44
N TRP C 153 -32.74 7.37 3.38
CA TRP C 153 -32.80 8.42 2.38
C TRP C 153 -34.11 8.32 1.62
N SER C 154 -34.87 9.41 1.55
CA SER C 154 -36.07 9.41 0.72
C SER C 154 -35.70 9.24 -0.75
N ALA C 155 -36.69 8.84 -1.56
CA ALA C 155 -36.44 8.72 -3.00
C ALA C 155 -35.94 10.04 -3.59
N THR C 156 -36.57 11.15 -3.19
CA THR C 156 -36.17 12.46 -3.69
C THR C 156 -34.76 12.82 -3.22
N ALA C 157 -34.48 12.59 -1.94
CA ALA C 157 -33.18 12.98 -1.40
C ALA C 157 -32.05 12.17 -2.02
N VAL C 158 -32.23 10.86 -2.19
CA VAL C 158 -31.14 10.06 -2.75
C VAL C 158 -30.93 10.43 -4.22
N ALA C 159 -32.02 10.67 -4.96
CA ALA C 159 -31.85 11.08 -6.36
C ALA C 159 -31.14 12.41 -6.47
N GLN C 160 -31.52 13.39 -5.62
CA GLN C 160 -30.89 14.71 -5.66
C GLN C 160 -29.40 14.66 -5.27
N PHE C 161 -29.06 13.86 -4.26
CA PHE C 161 -27.66 13.74 -3.86
C PHE C 161 -26.83 13.10 -4.95
N VAL C 162 -27.34 12.01 -5.55
CA VAL C 162 -26.59 11.36 -6.61
C VAL C 162 -26.42 12.30 -7.81
N ASP C 163 -27.48 13.04 -8.15
CA ASP C 163 -27.41 13.96 -9.28
C ASP C 163 -26.39 15.06 -9.05
N ARG C 164 -26.34 15.60 -7.83
CA ARG C 164 -25.35 16.64 -7.52
C ARG C 164 -23.93 16.08 -7.58
N ALA C 165 -23.73 14.88 -7.01
CA ALA C 165 -22.41 14.26 -7.07
C ALA C 165 -21.97 14.03 -8.51
N HIS C 166 -22.88 13.58 -9.36
CA HIS C 166 -22.55 13.37 -10.77
C HIS C 166 -22.26 14.70 -11.47
N ALA C 167 -23.00 15.75 -11.12
CA ALA C 167 -22.75 17.05 -11.72
C ALA C 167 -21.38 17.59 -11.33
N LEU C 168 -20.86 17.15 -10.19
CA LEU C 168 -19.51 17.50 -9.77
C LEU C 168 -18.44 16.61 -10.37
N GLY C 169 -18.81 15.63 -11.19
CA GLY C 169 -17.84 14.72 -11.77
C GLY C 169 -17.46 13.54 -10.89
N LEU C 170 -18.20 13.29 -9.82
CA LEU C 170 -17.93 12.24 -8.88
C LEU C 170 -18.75 10.99 -9.20
N LEU C 171 -18.22 9.83 -8.81
CA LEU C 171 -18.97 8.59 -8.74
C LEU C 171 -19.70 8.50 -7.40
N VAL C 172 -20.71 7.62 -7.33
CA VAL C 172 -21.43 7.34 -6.09
C VAL C 172 -21.46 5.84 -5.82
N HIS C 173 -21.04 5.47 -4.62
CA HIS C 173 -21.19 4.14 -4.05
C HIS C 173 -22.28 4.18 -2.98
N VAL C 174 -23.16 3.19 -3.00
CA VAL C 174 -24.15 3.01 -1.94
C VAL C 174 -23.78 1.77 -1.15
N ASP C 175 -23.53 1.94 0.14
CA ASP C 175 -23.39 0.81 1.06
C ASP C 175 -24.80 0.39 1.43
N GLY C 176 -25.36 -0.61 0.73
CA GLY C 176 -26.67 -1.14 1.04
C GLY C 176 -26.58 -2.42 1.85
N ALA C 177 -25.72 -2.42 2.87
CA ALA C 177 -25.73 -3.52 3.82
C ALA C 177 -27.12 -3.80 4.34
N ARG C 178 -27.94 -2.74 4.47
CA ARG C 178 -29.33 -2.85 4.89
C ARG C 178 -30.25 -2.25 3.83
N ILE C 179 -29.94 -2.48 2.56
CA ILE C 179 -30.75 -1.93 1.49
C ILE C 179 -32.16 -2.53 1.52
N ALA C 180 -32.27 -3.80 1.87
CA ALA C 180 -33.59 -4.43 1.94
C ALA C 180 -34.50 -3.70 2.92
N ASN C 181 -33.93 -3.22 4.03
CA ASN C 181 -34.73 -2.51 5.02
C ASN C 181 -35.17 -1.16 4.49
N ALA C 182 -34.30 -0.45 3.77
CA ALA C 182 -34.72 0.81 3.18
C ALA C 182 -35.85 0.57 2.19
N VAL C 183 -35.70 -0.44 1.34
CA VAL C 183 -36.70 -0.72 0.31
C VAL C 183 -38.04 -1.04 0.96
N ALA C 184 -38.04 -1.94 1.96
CA ALA C 184 -39.28 -2.28 2.64
C ALA C 184 -39.89 -1.06 3.34
N ALA C 185 -39.05 -0.20 3.92
CA ALA C 185 -39.58 0.95 4.66
C ALA C 185 -40.23 1.96 3.72
N LEU C 186 -39.65 2.14 2.54
CA LEU C 186 -40.11 3.16 1.59
C LEU C 186 -41.20 2.67 0.66
N SER C 187 -41.34 1.36 0.46
CA SER C 187 -42.29 0.79 -0.51
C SER C 187 -42.06 1.37 -1.90
N ILE C 188 -40.79 1.48 -2.28
CA ILE C 188 -40.38 1.86 -3.62
C ILE C 188 -39.50 0.75 -4.18
N SER C 189 -39.14 0.89 -5.45
CA SER C 189 -38.28 -0.11 -6.07
C SER C 189 -36.84 -0.01 -5.55
N PRO C 190 -36.10 -1.12 -5.57
CA PRO C 190 -34.66 -1.05 -5.20
C PRO C 190 -33.87 0.01 -5.98
N LEU C 191 -34.13 0.11 -7.29
CA LEU C 191 -33.45 1.12 -8.10
C LEU C 191 -33.79 2.53 -7.63
N GLU C 192 -35.07 2.78 -7.32
CA GLU C 192 -35.44 4.08 -6.78
C GLU C 192 -34.76 4.33 -5.44
N ALA C 193 -34.55 3.28 -4.64
CA ALA C 193 -33.95 3.47 -3.33
C ALA C 193 -32.46 3.77 -3.42
N ILE C 194 -31.81 3.43 -4.53
CA ILE C 194 -30.37 3.75 -4.65
C ILE C 194 -30.08 4.96 -5.55
N GLY C 195 -31.09 5.52 -6.22
CA GLY C 195 -30.95 6.75 -6.97
C GLY C 195 -29.90 6.85 -8.08
N ASP C 196 -29.77 5.85 -8.96
CA ASP C 196 -28.85 5.90 -10.11
C ASP C 196 -27.38 5.89 -9.69
N ALA C 197 -27.09 5.31 -8.54
CA ALA C 197 -25.71 5.17 -8.09
C ALA C 197 -24.90 4.29 -9.06
N ASP C 198 -23.59 4.50 -9.04
CA ASP C 198 -22.71 3.80 -9.96
C ASP C 198 -22.34 2.41 -9.44
N ILE C 199 -22.28 2.23 -8.13
CA ILE C 199 -21.90 0.92 -7.59
C ILE C 199 -22.59 0.75 -6.24
N VAL C 200 -23.03 -0.48 -5.94
CA VAL C 200 -23.81 -0.75 -4.74
C VAL C 200 -23.29 -2.02 -4.05
N SER C 201 -23.03 -1.92 -2.74
CA SER C 201 -22.84 -3.11 -1.93
C SER C 201 -24.21 -3.62 -1.50
N VAL C 202 -24.57 -4.83 -1.88
CA VAL C 202 -25.91 -5.37 -1.65
C VAL C 202 -25.82 -6.36 -0.50
N GLY C 203 -26.45 -6.04 0.63
CA GLY C 203 -26.30 -6.85 1.82
C GLY C 203 -27.14 -8.11 1.77
N GLY C 204 -26.51 -9.21 2.15
CA GLY C 204 -27.20 -10.48 2.29
C GLY C 204 -27.10 -11.00 3.72
N THR C 205 -25.88 -10.99 4.28
CA THR C 205 -25.64 -11.49 5.62
C THR C 205 -26.68 -11.03 6.65
N LYS C 206 -26.91 -9.71 6.73
CA LYS C 206 -27.78 -9.16 7.77
C LYS C 206 -29.25 -9.47 7.51
N ASN C 207 -29.59 -9.87 6.29
CA ASN C 207 -30.99 -10.11 5.95
C ASN C 207 -31.32 -11.60 5.90
N GLY C 208 -30.46 -12.43 6.48
CA GLY C 208 -30.76 -13.85 6.61
C GLY C 208 -29.82 -14.82 5.90
N LEU C 209 -28.76 -14.35 5.23
CA LEU C 209 -27.80 -15.31 4.68
C LEU C 209 -26.89 -15.83 5.78
N MET C 210 -26.15 -16.88 5.44
CA MET C 210 -25.09 -17.37 6.29
C MET C 210 -23.85 -16.48 6.18
N PHE C 211 -23.53 -16.10 4.95
CA PHE C 211 -22.47 -15.18 4.64
C PHE C 211 -22.74 -14.72 3.22
N GLY C 212 -22.23 -13.56 2.87
CA GLY C 212 -22.38 -13.13 1.50
C GLY C 212 -22.91 -11.72 1.37
N ASP C 213 -22.16 -10.92 0.61
CA ASP C 213 -22.54 -9.56 0.32
C ASP C 213 -22.07 -9.23 -1.09
N ALA C 214 -22.99 -8.81 -1.95
CA ALA C 214 -22.71 -8.70 -3.37
C ALA C 214 -22.32 -7.28 -3.75
N ILE C 215 -21.75 -7.13 -4.94
CA ILE C 215 -21.43 -5.83 -5.51
C ILE C 215 -22.13 -5.74 -6.85
N LEU C 216 -23.07 -4.81 -6.95
CA LEU C 216 -23.77 -4.49 -8.18
C LEU C 216 -23.04 -3.30 -8.83
N VAL C 217 -22.32 -3.57 -9.91
CA VAL C 217 -21.53 -2.57 -10.62
C VAL C 217 -22.38 -2.09 -11.79
N ARG C 218 -23.09 -0.96 -11.59
CA ARG C 218 -24.04 -0.49 -12.59
C ARG C 218 -23.35 0.16 -13.78
N ARG C 219 -22.16 0.73 -13.59
CA ARG C 219 -21.39 1.34 -14.68
C ARG C 219 -19.98 0.77 -14.67
N PRO C 220 -19.79 -0.41 -15.27
CA PRO C 220 -18.51 -1.13 -15.12
C PRO C 220 -17.30 -0.39 -15.63
N ALA C 221 -17.47 0.52 -16.60
CA ALA C 221 -16.33 1.22 -17.20
C ALA C 221 -15.55 2.04 -16.17
N HIS C 222 -16.18 2.41 -15.07
CA HIS C 222 -15.53 3.27 -14.08
C HIS C 222 -14.78 2.48 -13.01
N PHE C 223 -14.83 1.15 -13.08
CA PHE C 223 -14.25 0.27 -12.06
C PHE C 223 -13.38 -0.79 -12.70
N ASP C 224 -12.52 -0.39 -13.64
CA ASP C 224 -11.67 -1.35 -14.34
C ASP C 224 -10.74 -2.04 -13.36
N GLY C 225 -10.69 -3.38 -13.43
CA GLY C 225 -9.86 -4.16 -12.55
C GLY C 225 -10.53 -4.66 -11.28
N ILE C 226 -11.83 -4.42 -11.11
CA ILE C 226 -12.51 -4.80 -9.86
C ILE C 226 -12.38 -6.30 -9.59
N HIS C 227 -12.40 -7.13 -10.65
CA HIS C 227 -12.26 -8.57 -10.42
C HIS C 227 -10.88 -8.93 -9.90
N PHE C 228 -9.83 -8.22 -10.35
CA PHE C 228 -8.51 -8.45 -9.79
C PHE C 228 -8.45 -8.00 -8.33
N VAL C 229 -9.09 -6.89 -7.99
CA VAL C 229 -9.12 -6.45 -6.59
C VAL C 229 -9.78 -7.51 -5.72
N GLN C 230 -10.93 -8.04 -6.17
CA GLN C 230 -11.59 -9.11 -5.44
C GLN C 230 -10.67 -10.31 -5.23
N LYS C 231 -9.96 -10.72 -6.30
CA LYS C 231 -9.06 -11.87 -6.20
C LYS C 231 -7.93 -11.60 -5.20
N GLN C 232 -7.37 -10.38 -5.24
CA GLN C 232 -6.19 -10.03 -4.48
C GLN C 232 -6.43 -9.99 -2.98
N ILE C 233 -7.66 -9.79 -2.54
CA ILE C 233 -7.92 -9.82 -1.10
C ILE C 233 -8.63 -11.11 -0.69
N GLY C 234 -8.59 -12.13 -1.54
CA GLY C 234 -9.10 -13.43 -1.13
C GLY C 234 -10.59 -13.58 -1.12
N HIS C 235 -11.33 -12.78 -1.89
CA HIS C 235 -12.78 -12.85 -1.89
C HIS C 235 -13.37 -13.44 -3.16
N LEU C 236 -12.57 -14.15 -3.97
CA LEU C 236 -13.10 -14.94 -5.10
C LEU C 236 -13.20 -16.40 -4.66
N ALA C 237 -14.41 -16.83 -4.31
CA ALA C 237 -14.61 -18.17 -3.77
C ALA C 237 -14.39 -19.23 -4.85
N SER C 238 -13.64 -20.28 -4.51
CA SER C 238 -13.53 -21.40 -5.44
C SER C 238 -14.88 -22.11 -5.58
N LYS C 239 -15.49 -22.47 -4.46
CA LYS C 239 -16.79 -23.16 -4.49
C LYS C 239 -17.91 -22.12 -4.54
N HIS C 240 -17.91 -21.36 -5.63
CA HIS C 240 -18.75 -20.17 -5.78
C HIS C 240 -20.24 -20.53 -5.82
N ARG C 241 -20.57 -21.78 -6.16
CA ARG C 241 -21.98 -22.16 -6.19
C ARG C 241 -22.63 -21.94 -4.82
N PHE C 242 -21.87 -22.02 -3.73
CA PHE C 242 -22.48 -21.91 -2.42
C PHE C 242 -22.75 -20.46 -1.98
N VAL C 243 -21.94 -19.48 -2.42
CA VAL C 243 -22.34 -18.10 -2.14
C VAL C 243 -23.52 -17.70 -3.03
N ALA C 244 -23.45 -18.09 -4.32
CA ALA C 244 -24.52 -17.76 -5.24
C ALA C 244 -25.85 -18.38 -4.81
N ALA C 245 -25.83 -19.64 -4.34
CA ALA C 245 -27.08 -20.31 -3.99
C ALA C 245 -27.80 -19.57 -2.87
N GLN C 246 -27.03 -19.05 -1.91
CA GLN C 246 -27.63 -18.29 -0.82
C GLN C 246 -28.40 -17.10 -1.35
N PHE C 247 -27.76 -16.35 -2.26
CA PHE C 247 -28.46 -15.18 -2.78
C PHE C 247 -29.70 -15.55 -3.58
N ALA C 248 -29.59 -16.58 -4.42
CA ALA C 248 -30.73 -17.01 -5.22
C ALA C 248 -31.90 -17.40 -4.33
N GLY C 249 -31.62 -18.15 -3.26
CA GLY C 249 -32.66 -18.56 -2.34
C GLY C 249 -33.29 -17.40 -1.61
N LEU C 250 -32.47 -16.43 -1.19
CA LEU C 250 -33.03 -15.31 -0.42
C LEU C 250 -33.87 -14.39 -1.29
N PHE C 251 -33.48 -14.20 -2.55
CA PHE C 251 -34.21 -13.29 -3.42
C PHE C 251 -35.40 -13.94 -4.12
N GLU C 252 -35.49 -15.28 -4.10
CA GLU C 252 -36.62 -15.95 -4.78
C GLU C 252 -37.97 -15.47 -4.25
N GLY C 253 -38.84 -15.06 -5.17
CA GLY C 253 -40.19 -14.63 -4.85
C GLY C 253 -40.34 -13.45 -3.92
N GLY C 254 -39.30 -12.61 -3.77
CA GLY C 254 -39.37 -11.43 -2.91
C GLY C 254 -39.15 -11.68 -1.43
N LEU C 255 -38.65 -12.86 -1.09
CA LEU C 255 -38.46 -13.20 0.32
C LEU C 255 -37.58 -12.18 1.01
N TRP C 256 -36.55 -11.70 0.33
CA TRP C 256 -35.62 -10.76 0.94
C TRP C 256 -36.33 -9.51 1.48
N LEU C 257 -37.35 -9.03 0.75
CA LEU C 257 -38.07 -7.84 1.22
C LEU C 257 -39.08 -8.19 2.31
N ARG C 258 -39.64 -9.40 2.28
CA ARG C 258 -40.49 -9.78 3.41
C ARG C 258 -39.67 -9.92 4.71
N ASN C 259 -38.46 -10.50 4.62
CA ASN C 259 -37.56 -10.59 5.77
C ASN C 259 -37.31 -9.20 6.36
N ALA C 260 -36.97 -8.25 5.48
CA ALA C 260 -36.65 -6.91 5.95
C ALA C 260 -37.88 -6.20 6.52
N ALA C 261 -39.05 -6.41 5.90
CA ALA C 261 -40.26 -5.78 6.42
C ALA C 261 -40.56 -6.28 7.83
N HIS C 262 -40.35 -7.58 8.06
CA HIS C 262 -40.57 -8.08 9.42
C HIS C 262 -39.58 -7.46 10.40
N ALA C 263 -38.32 -7.36 10.00
CA ALA C 263 -37.33 -6.73 10.88
C ALA C 263 -37.74 -5.29 11.21
N ASN C 264 -38.19 -4.55 10.21
CA ASN C 264 -38.64 -3.17 10.43
C ASN C 264 -39.84 -3.13 11.37
N ALA C 265 -40.78 -4.08 11.21
CA ALA C 265 -41.98 -4.06 12.04
C ALA C 265 -41.64 -4.32 13.50
N MET C 266 -40.70 -5.25 13.74
CA MET C 266 -40.27 -5.51 15.10
C MET C 266 -39.55 -4.29 15.67
N ALA C 267 -38.75 -3.61 14.85
CA ALA C 267 -38.08 -2.39 15.32
C ALA C 267 -39.08 -1.31 15.70
N ARG C 268 -40.15 -1.16 14.92
CA ARG C 268 -41.19 -0.20 15.32
C ARG C 268 -41.87 -0.58 16.62
N ARG C 269 -42.20 -1.87 16.78
CA ARG C 269 -42.81 -2.31 18.03
C ARG C 269 -41.92 -1.92 19.21
N LEU C 270 -40.62 -2.20 19.08
CA LEU C 270 -39.66 -1.89 20.13
C LEU C 270 -39.54 -0.39 20.36
N SER C 271 -39.42 0.39 19.27
CA SER C 271 -39.19 1.82 19.38
C SER C 271 -40.38 2.53 20.05
N THR C 272 -41.59 2.26 19.56
CA THR C 272 -42.78 2.83 20.20
C THR C 272 -42.92 2.36 21.65
N GLY C 273 -42.57 1.11 21.95
CA GLY C 273 -42.67 0.67 23.34
C GLY C 273 -41.70 1.44 24.24
N LEU C 274 -40.49 1.70 23.73
CA LEU C 274 -39.52 2.47 24.51
C LEU C 274 -40.01 3.89 24.73
N GLU C 275 -40.58 4.52 23.70
CA GLU C 275 -41.16 5.84 23.88
C GLU C 275 -42.30 5.81 24.90
N ALA C 276 -43.10 4.74 24.88
CA ALA C 276 -44.18 4.61 25.86
C ALA C 276 -43.65 4.50 27.27
N LEU C 277 -42.44 3.97 27.45
CA LEU C 277 -41.81 3.91 28.76
C LEU C 277 -41.30 5.27 29.24
N GLY C 278 -41.36 6.31 28.42
CA GLY C 278 -40.83 7.61 28.75
C GLY C 278 -39.41 7.85 28.28
N LEU C 279 -38.81 6.90 27.57
CA LEU C 279 -37.46 7.08 27.07
C LEU C 279 -37.49 7.91 25.79
N GLN C 280 -36.32 8.47 25.47
CA GLN C 280 -36.19 9.39 24.34
C GLN C 280 -35.34 8.73 23.27
N LEU C 281 -35.82 8.76 22.03
CA LEU C 281 -35.05 8.23 20.91
C LEU C 281 -33.94 9.21 20.55
N ALA C 282 -32.77 8.66 20.19
CA ALA C 282 -31.66 9.49 19.73
C ALA C 282 -31.75 9.78 18.24
N SER C 283 -32.42 8.92 17.49
CA SER C 283 -32.64 9.03 16.06
C SER C 283 -34.02 8.44 15.78
N PRO C 284 -34.72 8.95 14.77
CA PRO C 284 -36.04 8.36 14.45
C PRO C 284 -35.89 6.97 13.85
N THR C 285 -36.77 6.07 14.26
CA THR C 285 -36.69 4.67 13.84
C THR C 285 -37.37 4.55 12.47
N GLU C 286 -36.57 4.68 11.42
CA GLU C 286 -37.10 4.59 10.07
C GLU C 286 -36.82 3.24 9.42
N SER C 287 -36.06 2.38 10.10
CA SER C 287 -35.56 1.14 9.51
C SER C 287 -35.64 0.04 10.57
N ASN C 288 -34.62 -0.81 10.68
CA ASN C 288 -34.67 -1.93 11.63
C ASN C 288 -33.77 -1.71 12.83
N GLU C 289 -33.30 -0.48 13.06
CA GLU C 289 -32.40 -0.13 14.15
C GLU C 289 -33.04 0.91 15.05
N VAL C 290 -32.90 0.73 16.36
CA VAL C 290 -33.49 1.62 17.35
C VAL C 290 -32.37 2.18 18.22
N PHE C 291 -32.24 3.50 18.25
CA PHE C 291 -31.22 4.19 19.03
C PHE C 291 -31.93 4.96 20.14
N VAL C 292 -31.62 4.62 21.39
CA VAL C 292 -32.35 5.18 22.53
C VAL C 292 -31.36 5.71 23.57
N LYS C 293 -31.71 6.85 24.16
CA LYS C 293 -30.95 7.43 25.27
C LYS C 293 -31.25 6.68 26.56
N LEU C 294 -30.19 6.24 27.24
CA LEU C 294 -30.30 5.49 28.50
C LEU C 294 -29.25 6.01 29.46
N ASP C 295 -29.64 6.25 30.71
CA ASP C 295 -28.63 6.67 31.67
C ASP C 295 -27.74 5.47 32.02
N GLY C 296 -26.62 5.76 32.71
CA GLY C 296 -25.63 4.73 32.98
C GLY C 296 -26.21 3.57 33.76
N GLU C 297 -27.05 3.92 34.73
CA GLU C 297 -27.70 3.02 35.68
C GLU C 297 -28.53 1.95 34.98
N ALA C 298 -29.47 2.43 34.19
CA ALA C 298 -30.35 1.62 33.36
C ALA C 298 -29.57 0.81 32.33
N HIS C 299 -28.52 1.40 31.76
CA HIS C 299 -27.72 0.69 30.76
C HIS C 299 -27.00 -0.51 31.35
N ARG C 300 -26.32 -0.33 32.50
CA ARG C 300 -25.55 -1.43 33.04
C ARG C 300 -26.51 -2.54 33.50
N ARG C 301 -27.78 -2.19 33.85
CA ARG C 301 -28.77 -3.26 34.09
C ARG C 301 -29.12 -4.00 32.83
N LEU C 302 -29.45 -3.23 31.79
CA LEU C 302 -29.94 -3.84 30.58
C LEU C 302 -28.87 -4.77 30.06
N ALA C 303 -27.61 -4.38 30.25
CA ALA C 303 -26.51 -5.17 29.75
C ALA C 303 -26.41 -6.54 30.42
N GLU C 304 -27.04 -6.75 31.57
CA GLU C 304 -26.97 -8.08 32.19
C GLU C 304 -27.88 -9.09 31.53
N ARG C 305 -28.87 -8.59 30.78
CA ARG C 305 -29.86 -9.45 30.21
C ARG C 305 -29.81 -9.40 28.67
N TYR C 306 -29.27 -8.31 28.09
CA TYR C 306 -29.21 -8.10 26.64
C TYR C 306 -27.90 -7.45 26.21
N LEU C 307 -27.28 -8.02 25.17
CA LEU C 307 -26.12 -7.43 24.52
C LEU C 307 -26.58 -6.34 23.55
N VAL C 308 -26.18 -5.10 23.81
CA VAL C 308 -26.52 -3.99 22.93
C VAL C 308 -25.28 -3.12 22.74
N HIS C 309 -25.19 -2.51 21.57
CA HIS C 309 -24.00 -1.75 21.19
C HIS C 309 -24.16 -0.30 21.58
N GLN C 310 -23.08 0.30 22.08
CA GLN C 310 -23.05 1.75 22.31
C GLN C 310 -22.16 2.38 21.24
N PRO C 311 -22.75 2.93 20.17
CA PRO C 311 -21.92 3.35 19.01
C PRO C 311 -20.96 4.48 19.32
N ASP C 312 -21.34 5.41 20.20
CA ASP C 312 -20.54 6.59 20.51
C ASP C 312 -20.17 6.57 21.99
N PRO C 313 -18.89 6.44 22.34
CA PRO C 313 -18.53 6.39 23.77
C PRO C 313 -18.86 7.67 24.52
N GLY C 314 -18.98 8.79 23.85
CA GLY C 314 -19.29 10.00 24.56
C GLY C 314 -20.74 10.32 24.72
N GLN C 315 -21.63 9.44 24.25
CA GLN C 315 -23.04 9.76 24.27
C GLN C 315 -23.83 8.60 24.89
N PRO C 316 -24.74 8.87 25.84
CA PRO C 316 -25.48 7.79 26.51
C PRO C 316 -26.59 7.19 25.63
N VAL C 317 -26.17 6.60 24.52
CA VAL C 317 -27.08 6.09 23.50
C VAL C 317 -26.74 4.63 23.22
N VAL C 318 -27.75 3.77 23.25
CA VAL C 318 -27.57 2.36 22.95
C VAL C 318 -28.43 1.99 21.74
N ARG C 319 -27.99 0.93 21.06
CA ARG C 319 -28.60 0.48 19.82
C ARG C 319 -29.17 -0.93 19.99
N PHE C 320 -30.43 -1.10 19.61
CA PHE C 320 -31.07 -2.39 19.41
C PHE C 320 -31.27 -2.61 17.92
N VAL C 321 -31.02 -3.83 17.45
CA VAL C 321 -31.26 -4.15 16.05
C VAL C 321 -32.17 -5.38 15.97
N CYS C 322 -33.22 -5.29 15.16
CA CYS C 322 -34.14 -6.38 14.94
C CYS C 322 -33.86 -7.04 13.59
N SER C 323 -34.24 -8.32 13.47
CA SER C 323 -33.89 -9.12 12.31
C SER C 323 -35.12 -9.86 11.81
N TRP C 324 -34.91 -10.62 10.73
CA TRP C 324 -35.96 -11.43 10.15
C TRP C 324 -36.51 -12.44 11.14
N SER C 325 -35.70 -12.86 12.11
CA SER C 325 -36.11 -13.88 13.07
C SER C 325 -36.51 -13.33 14.44
N THR C 326 -36.48 -12.00 14.62
CA THR C 326 -36.92 -11.40 15.88
C THR C 326 -38.40 -11.67 16.14
N THR C 327 -38.75 -11.99 17.38
CA THR C 327 -40.15 -12.25 17.72
C THR C 327 -40.73 -11.13 18.58
N GLU C 328 -42.07 -11.03 18.55
CA GLU C 328 -42.74 -10.08 19.43
C GLU C 328 -42.44 -10.39 20.89
N THR C 329 -42.27 -11.67 21.23
CA THR C 329 -41.95 -12.04 22.61
C THR C 329 -40.60 -11.48 23.04
N GLU C 330 -39.60 -11.54 22.15
CA GLU C 330 -38.29 -10.98 22.47
C GLU C 330 -38.39 -9.47 22.69
N VAL C 331 -39.11 -8.77 21.81
CA VAL C 331 -39.28 -7.33 21.95
C VAL C 331 -39.96 -6.98 23.27
N ASP C 332 -41.04 -7.69 23.59
CA ASP C 332 -41.77 -7.37 24.82
C ASP C 332 -40.96 -7.72 26.05
N ASP C 333 -40.13 -8.77 25.99
CA ASP C 333 -39.28 -9.10 27.13
C ASP C 333 -38.19 -8.05 27.34
N ALA C 334 -37.64 -7.51 26.25
CA ALA C 334 -36.69 -6.41 26.36
C ALA C 334 -37.35 -5.18 27.00
N LEU C 335 -38.57 -4.85 26.56
CA LEU C 335 -39.29 -3.74 27.16
C LEU C 335 -39.57 -3.98 28.64
N ALA C 336 -39.88 -5.23 29.00
CA ALA C 336 -40.13 -5.54 30.41
C ALA C 336 -38.86 -5.40 31.23
N ALA C 337 -37.71 -5.78 30.65
CA ALA C 337 -36.45 -5.59 31.34
C ALA C 337 -36.19 -4.11 31.58
N LEU C 338 -36.57 -3.26 30.63
CA LEU C 338 -36.30 -1.84 30.85
C LEU C 338 -37.19 -1.22 31.92
N ARG C 339 -38.32 -1.83 32.30
CA ARG C 339 -39.04 -1.25 33.43
C ARG C 339 -38.15 -1.40 34.69
N SER D 6 -16.78 -32.17 -17.97
CA SER D 6 -16.87 -32.64 -16.58
C SER D 6 -15.78 -32.02 -15.72
N ALA D 7 -16.17 -31.57 -14.52
CA ALA D 7 -15.23 -30.97 -13.57
C ALA D 7 -14.71 -31.96 -12.54
N ALA D 8 -14.89 -33.27 -12.77
CA ALA D 8 -14.54 -34.27 -11.76
C ALA D 8 -13.06 -34.21 -11.37
N PHE D 9 -12.18 -33.76 -12.26
CA PHE D 9 -10.76 -33.70 -11.99
C PHE D 9 -10.19 -32.31 -12.15
N ALA D 10 -11.04 -31.29 -12.28
CA ALA D 10 -10.54 -29.93 -12.46
C ALA D 10 -9.73 -29.47 -11.25
N SER D 11 -10.23 -29.76 -10.05
CA SER D 11 -9.56 -29.39 -8.82
C SER D 11 -10.31 -30.11 -7.70
N ASP D 12 -9.64 -30.26 -6.54
CA ASP D 12 -10.42 -30.71 -5.39
C ASP D 12 -11.39 -29.65 -4.89
N ASN D 13 -11.22 -28.37 -5.27
CA ASN D 13 -12.25 -27.41 -4.92
C ASN D 13 -13.42 -27.42 -5.89
N ALA D 14 -13.42 -28.29 -6.90
CA ALA D 14 -14.60 -28.52 -7.71
C ALA D 14 -15.59 -29.46 -7.04
N ALA D 15 -15.18 -30.12 -5.97
CA ALA D 15 -16.03 -31.09 -5.30
C ALA D 15 -17.11 -30.40 -4.48
N PRO D 16 -18.24 -31.07 -4.22
CA PRO D 16 -19.26 -30.50 -3.33
C PRO D 16 -18.79 -30.58 -1.88
N ALA D 17 -19.69 -30.31 -0.94
CA ALA D 17 -19.36 -30.37 0.47
C ALA D 17 -19.79 -31.70 1.08
N HIS D 18 -18.98 -32.20 2.02
CA HIS D 18 -19.28 -33.45 2.70
C HIS D 18 -20.57 -33.32 3.50
N PRO D 19 -21.40 -34.38 3.55
CA PRO D 19 -22.67 -34.30 4.30
C PRO D 19 -22.54 -33.87 5.75
N ARG D 20 -21.44 -34.27 6.40
CA ARG D 20 -21.23 -33.89 7.80
C ARG D 20 -21.11 -32.38 7.95
N VAL D 21 -20.59 -31.70 6.92
CA VAL D 21 -20.49 -30.24 6.96
C VAL D 21 -21.88 -29.61 6.96
N LEU D 22 -22.78 -30.09 6.11
CA LEU D 22 -24.13 -29.55 6.11
C LEU D 22 -24.83 -29.83 7.43
N GLU D 23 -24.60 -31.02 7.99
CA GLU D 23 -25.17 -31.35 9.30
C GLU D 23 -24.68 -30.37 10.36
N ALA D 24 -23.40 -30.04 10.34
CA ALA D 24 -22.85 -29.09 11.31
C ALA D 24 -23.46 -27.70 11.13
N LEU D 25 -23.66 -27.29 9.88
CA LEU D 25 -24.30 -25.99 9.64
C LEU D 25 -25.72 -25.97 10.22
N HIS D 26 -26.48 -27.04 9.99
CA HIS D 26 -27.83 -27.11 10.55
C HIS D 26 -27.79 -27.08 12.08
N HIS D 27 -26.85 -27.80 12.68
CA HIS D 27 -26.84 -27.94 14.14
C HIS D 27 -26.64 -26.60 14.85
N VAL D 28 -25.86 -25.68 14.28
CA VAL D 28 -25.59 -24.41 14.96
C VAL D 28 -26.55 -23.32 14.53
N ASN D 29 -27.52 -23.63 13.67
CA ASN D 29 -28.39 -22.61 13.06
C ASN D 29 -29.63 -22.33 13.89
N GLN D 30 -29.52 -22.23 15.21
CA GLN D 30 -30.68 -21.95 16.04
C GLN D 30 -30.38 -20.79 16.98
N GLY D 31 -31.32 -19.86 17.09
CA GLY D 31 -31.20 -18.77 18.02
C GLY D 31 -30.18 -17.72 17.60
N PRO D 32 -30.18 -16.60 18.29
CA PRO D 32 -29.13 -15.59 18.07
C PRO D 32 -27.82 -16.03 18.70
N ALA D 33 -26.73 -15.50 18.15
CA ALA D 33 -25.40 -15.81 18.63
C ALA D 33 -24.53 -14.57 18.56
N PRO D 34 -23.69 -14.32 19.56
CA PRO D 34 -22.77 -13.19 19.49
C PRO D 34 -21.84 -13.33 18.29
N SER D 35 -21.54 -12.20 17.66
CA SER D 35 -20.90 -12.24 16.34
C SER D 35 -19.37 -12.15 16.45
N TYR D 36 -18.73 -12.35 15.30
CA TYR D 36 -17.30 -12.10 15.07
C TYR D 36 -16.39 -13.03 15.88
N GLY D 37 -16.88 -14.22 16.24
CA GLY D 37 -16.06 -15.26 16.83
C GLY D 37 -16.21 -15.43 18.33
N ASP D 38 -17.02 -14.63 18.99
CA ASP D 38 -17.32 -14.69 20.42
C ASP D 38 -18.51 -15.58 20.73
N ASP D 39 -18.39 -16.83 20.28
CA ASP D 39 -19.40 -17.85 20.43
C ASP D 39 -18.70 -19.16 20.74
N PRO D 40 -19.41 -20.10 21.37
CA PRO D 40 -18.74 -21.35 21.79
C PRO D 40 -18.34 -22.24 20.63
N VAL D 41 -19.00 -22.13 19.48
CA VAL D 41 -18.65 -22.99 18.34
C VAL D 41 -17.27 -22.63 17.81
N THR D 42 -16.98 -21.33 17.73
CA THR D 42 -15.65 -20.88 17.34
C THR D 42 -14.60 -21.39 18.32
N ALA D 43 -14.89 -21.32 19.63
CA ALA D 43 -13.94 -21.85 20.60
C ALA D 43 -13.69 -23.34 20.39
N GLU D 44 -14.77 -24.10 20.15
CA GLU D 44 -14.64 -25.54 19.94
C GLU D 44 -13.81 -25.84 18.70
N ALA D 45 -14.05 -25.12 17.61
CA ALA D 45 -13.30 -25.37 16.38
C ALA D 45 -11.83 -25.03 16.55
N ALA D 46 -11.53 -23.91 17.22
CA ALA D 46 -10.15 -23.56 17.48
C ALA D 46 -9.46 -24.64 18.31
N GLU D 47 -10.16 -25.15 19.32
CA GLU D 47 -9.56 -26.19 20.14
C GLU D 47 -9.31 -27.45 19.32
N ALA D 48 -10.24 -27.79 18.43
CA ALA D 48 -10.04 -28.95 17.58
C ALA D 48 -8.78 -28.78 16.72
N LEU D 49 -8.54 -27.57 16.19
CA LEU D 49 -7.36 -27.37 15.36
C LEU D 49 -6.08 -27.44 16.20
N ARG D 50 -6.07 -26.80 17.37
CA ARG D 50 -4.90 -26.89 18.25
C ARG D 50 -4.59 -28.34 18.64
N THR D 51 -5.63 -29.12 18.90
CA THR D 51 -5.43 -30.51 19.28
C THR D 51 -4.88 -31.32 18.12
N ALA D 52 -5.43 -31.13 16.91
CA ALA D 52 -4.96 -31.89 15.76
C ALA D 52 -3.47 -31.67 15.53
N PHE D 53 -3.01 -30.44 15.68
CA PHE D 53 -1.63 -30.06 15.43
C PHE D 53 -0.78 -30.05 16.69
N GLU D 54 -1.29 -30.60 17.79
CA GLU D 54 -0.57 -30.69 19.07
C GLU D 54 0.14 -29.40 19.42
N SER D 55 -0.58 -28.29 19.29
CA SER D 55 -0.03 -26.95 19.49
C SER D 55 -0.95 -26.18 20.44
N PRO D 56 -0.92 -26.52 21.74
CA PRO D 56 -1.87 -25.90 22.68
C PRO D 56 -1.67 -24.40 22.84
N GLY D 57 -0.50 -23.86 22.53
CA GLY D 57 -0.27 -22.44 22.64
C GLY D 57 -0.61 -21.61 21.43
N ALA D 58 -1.17 -22.23 20.39
CA ALA D 58 -1.42 -21.52 19.15
C ALA D 58 -2.68 -20.67 19.25
N ASP D 59 -2.67 -19.54 18.53
CA ASP D 59 -3.91 -18.83 18.24
C ASP D 59 -4.48 -19.37 16.93
N VAL D 60 -5.80 -19.29 16.77
CA VAL D 60 -6.45 -19.82 15.58
C VAL D 60 -7.39 -18.75 15.01
N LEU D 61 -7.20 -18.44 13.72
CA LEU D 61 -8.10 -17.55 12.99
C LEU D 61 -8.74 -18.33 11.85
N PHE D 62 -9.87 -17.83 11.35
CA PHE D 62 -10.58 -18.47 10.26
C PHE D 62 -10.86 -17.46 9.15
N ALA D 63 -10.46 -17.78 7.93
CA ALA D 63 -10.73 -16.93 6.77
C ALA D 63 -11.62 -17.70 5.80
N PHE D 64 -12.06 -17.02 4.76
CA PHE D 64 -13.02 -17.65 3.87
C PHE D 64 -12.36 -18.42 2.72
N THR D 65 -11.09 -18.12 2.38
CA THR D 65 -10.38 -18.78 1.29
C THR D 65 -8.93 -19.06 1.68
N GLY D 66 -8.29 -19.94 0.90
CA GLY D 66 -6.88 -20.21 1.10
C GLY D 66 -5.98 -19.05 0.70
N THR D 67 -6.37 -18.32 -0.35
CA THR D 67 -5.66 -17.08 -0.69
C THR D 67 -5.67 -16.13 0.50
N ALA D 68 -6.84 -15.94 1.11
CA ALA D 68 -6.94 -15.05 2.27
C ALA D 68 -6.07 -15.55 3.42
N ALA D 69 -6.11 -16.86 3.70
CA ALA D 69 -5.28 -17.41 4.78
C ALA D 69 -3.80 -17.08 4.55
N ASN D 70 -3.32 -17.29 3.32
CA ASN D 70 -1.91 -17.00 3.05
C ASN D 70 -1.61 -15.52 3.19
N ILE D 71 -2.47 -14.68 2.63
CA ILE D 71 -2.23 -13.23 2.64
C ILE D 71 -2.16 -12.73 4.07
N ILE D 72 -3.11 -13.16 4.92
CA ILE D 72 -3.15 -12.72 6.31
C ILE D 72 -1.91 -13.20 7.07
N ALA D 73 -1.52 -14.46 6.89
CA ALA D 73 -0.33 -14.98 7.58
C ALA D 73 0.92 -14.19 7.21
N LEU D 74 1.15 -14.02 5.89
CA LEU D 74 2.39 -13.41 5.45
C LEU D 74 2.42 -11.91 5.71
N ALA D 75 1.31 -11.21 5.46
CA ALA D 75 1.30 -9.77 5.70
C ALA D 75 1.43 -9.47 7.17
N SER D 76 0.87 -10.31 8.05
CA SER D 76 1.08 -10.05 9.46
C SER D 76 2.50 -10.35 9.90
N ALA D 77 3.26 -11.14 9.13
CA ALA D 77 4.64 -11.45 9.53
C ALA D 77 5.66 -10.33 9.23
N VAL D 78 5.36 -9.40 8.32
CA VAL D 78 6.39 -8.53 7.78
C VAL D 78 5.96 -7.07 7.80
N ARG D 79 6.98 -6.18 7.76
CA ARG D 79 6.87 -4.79 7.37
C ARG D 79 7.21 -4.67 5.89
N PRO D 80 6.90 -3.56 5.23
CA PRO D 80 7.13 -3.51 3.77
C PRO D 80 8.59 -3.66 3.34
N TRP D 81 9.55 -3.27 4.18
CA TRP D 81 10.96 -3.41 3.79
C TRP D 81 11.54 -4.79 4.09
N HIS D 82 10.72 -5.73 4.55
CA HIS D 82 11.17 -7.09 4.71
C HIS D 82 11.08 -7.84 3.38
N GLU D 83 11.53 -9.09 3.38
CA GLU D 83 11.54 -9.92 2.20
C GLU D 83 10.90 -11.27 2.52
N ILE D 84 9.97 -11.69 1.66
CA ILE D 84 9.32 -13.01 1.75
C ILE D 84 9.91 -13.92 0.69
N PHE D 85 10.16 -15.18 1.05
CA PHE D 85 10.64 -16.19 0.11
C PHE D 85 9.59 -17.27 -0.10
N CYS D 86 9.61 -17.88 -1.29
CA CYS D 86 8.73 -19.01 -1.63
C CYS D 86 9.36 -19.81 -2.76
N SER D 87 8.77 -20.96 -3.05
CA SER D 87 9.28 -21.73 -4.19
C SER D 87 8.81 -21.11 -5.50
N ASP D 88 9.47 -21.51 -6.59
CA ASP D 88 9.10 -21.03 -7.93
C ASP D 88 7.77 -21.58 -8.43
N VAL D 89 7.09 -22.46 -7.69
CA VAL D 89 5.75 -22.91 -8.07
C VAL D 89 4.69 -22.56 -7.02
N ALA D 90 5.02 -21.68 -6.07
CA ALA D 90 4.15 -21.42 -4.94
C ALA D 90 2.84 -20.74 -5.38
N HIS D 91 1.74 -21.18 -4.77
CA HIS D 91 0.45 -20.55 -5.00
C HIS D 91 0.49 -19.06 -4.71
N VAL D 92 1.16 -18.65 -3.62
CA VAL D 92 1.24 -17.23 -3.30
C VAL D 92 1.93 -16.45 -4.42
N LEU D 93 2.83 -17.11 -5.17
CA LEU D 93 3.60 -16.44 -6.22
C LEU D 93 2.83 -16.34 -7.53
N VAL D 94 2.14 -17.42 -7.93
CA VAL D 94 1.63 -17.53 -9.28
C VAL D 94 0.10 -17.42 -9.37
N ASP D 95 -0.64 -17.70 -8.29
CA ASP D 95 -2.09 -17.92 -8.42
C ASP D 95 -2.92 -17.06 -7.45
N GLU D 96 -2.35 -16.00 -6.89
CA GLU D 96 -3.10 -15.10 -6.01
C GLU D 96 -3.13 -13.67 -6.55
N ALA D 97 -2.84 -13.51 -7.85
CA ALA D 97 -2.79 -12.19 -8.49
C ALA D 97 -1.93 -11.22 -7.69
N GLY D 98 -0.91 -11.74 -6.99
CA GLY D 98 0.00 -10.90 -6.24
C GLY D 98 -0.54 -10.35 -4.95
N GLY D 99 -1.64 -10.90 -4.45
CA GLY D 99 -2.25 -10.48 -3.20
C GLY D 99 -1.28 -10.35 -2.04
N PRO D 100 -0.44 -11.36 -1.79
CA PRO D 100 0.52 -11.25 -0.67
C PRO D 100 1.44 -10.05 -0.78
N VAL D 101 1.94 -9.79 -1.99
CA VAL D 101 2.79 -8.63 -2.23
C VAL D 101 2.01 -7.34 -2.04
N ARG D 102 0.79 -7.28 -2.57
CA ARG D 102 0.02 -6.04 -2.44
C ARG D 102 -0.26 -5.72 -0.96
N LEU D 103 -0.67 -6.72 -0.16
CA LEU D 103 -0.99 -6.41 1.23
C LEU D 103 0.23 -6.12 2.07
N SER D 104 1.26 -6.97 1.96
CA SER D 104 2.45 -6.83 2.81
C SER D 104 3.27 -5.61 2.43
N GLY D 105 3.23 -5.20 1.16
CA GLY D 105 4.14 -4.19 0.65
C GLY D 105 5.55 -4.66 0.41
N ALA D 106 5.82 -5.96 0.60
CA ALA D 106 7.16 -6.55 0.58
C ALA D 106 7.41 -7.37 -0.67
N GLN D 107 8.69 -7.46 -1.07
CA GLN D 107 9.06 -8.27 -2.22
C GLN D 107 8.87 -9.76 -1.93
N LEU D 108 8.37 -10.49 -2.93
CA LEU D 108 8.20 -11.95 -2.81
C LEU D 108 9.22 -12.60 -3.73
N THR D 109 10.22 -13.26 -3.14
CA THR D 109 11.40 -13.73 -3.86
C THR D 109 11.33 -15.24 -4.10
N ARG D 110 11.27 -15.65 -5.37
CA ARG D 110 11.17 -17.07 -5.68
C ARG D 110 12.51 -17.79 -5.51
N LEU D 111 12.43 -19.06 -5.10
CA LEU D 111 13.58 -19.93 -4.90
C LEU D 111 13.44 -21.14 -5.81
N ALA D 112 14.55 -21.51 -6.46
CA ALA D 112 14.58 -22.72 -7.26
C ALA D 112 14.20 -23.92 -6.40
N SER D 113 13.42 -24.85 -6.98
CA SER D 113 12.90 -25.98 -6.20
C SER D 113 12.76 -27.19 -7.11
N ASP D 114 12.64 -28.36 -6.46
CA ASP D 114 12.35 -29.63 -7.11
C ASP D 114 10.87 -29.94 -6.86
N ASP D 115 10.01 -29.53 -7.80
CA ASP D 115 8.56 -29.73 -7.69
C ASP D 115 8.03 -29.14 -6.39
N GLY D 116 8.61 -28.02 -5.96
CA GLY D 116 8.23 -27.37 -4.73
C GLY D 116 9.10 -27.67 -3.52
N LEU D 117 9.93 -28.71 -3.61
CA LEU D 117 10.86 -29.05 -2.52
C LEU D 117 12.09 -28.16 -2.65
N ILE D 118 12.31 -27.29 -1.66
CA ILE D 118 13.40 -26.32 -1.69
C ILE D 118 14.55 -26.87 -0.86
N SER D 119 15.76 -26.80 -1.40
CA SER D 119 16.93 -27.17 -0.63
C SER D 119 17.24 -26.08 0.39
N PRO D 120 17.62 -26.44 1.61
CA PRO D 120 18.04 -25.42 2.59
C PRO D 120 19.17 -24.53 2.10
N ASP D 121 20.08 -25.09 1.29
CA ASP D 121 21.21 -24.30 0.79
C ASP D 121 20.75 -23.18 -0.14
N GLU D 122 19.67 -23.41 -0.90
CA GLU D 122 19.16 -22.35 -1.79
C GLU D 122 18.62 -21.17 -0.99
N LEU D 123 17.86 -21.45 0.07
CA LEU D 123 17.42 -20.38 0.97
C LEU D 123 18.62 -19.64 1.54
N GLU D 124 19.59 -20.40 2.06
CA GLU D 124 20.75 -19.75 2.69
C GLU D 124 21.49 -18.87 1.70
N ARG D 125 21.63 -19.32 0.45
CA ARG D 125 22.30 -18.51 -0.57
C ARG D 125 21.57 -17.19 -0.81
N ARG D 126 20.23 -17.23 -0.90
CA ARG D 126 19.51 -16.01 -1.21
C ARG D 126 19.28 -15.12 0.01
N VAL D 127 19.61 -15.58 1.21
CA VAL D 127 19.48 -14.77 2.41
C VAL D 127 20.79 -14.07 2.79
N ARG D 128 21.92 -14.52 2.27
CA ARG D 128 23.25 -14.08 2.70
C ARG D 128 23.54 -12.62 2.33
N GLY D 129 24.11 -11.88 3.28
CA GLY D 129 24.67 -10.56 3.00
C GLY D 129 23.65 -9.47 2.77
N ARG D 130 22.42 -9.65 3.21
CA ARG D 130 21.33 -8.70 2.91
C ARG D 130 21.07 -7.71 4.04
N SER D 131 22.09 -7.17 4.71
CA SER D 131 21.87 -6.39 5.92
C SER D 131 21.89 -4.87 5.71
N ALA D 132 22.29 -4.38 4.55
CA ALA D 132 22.37 -2.92 4.37
C ALA D 132 20.98 -2.29 4.27
N VAL D 133 20.92 -0.98 4.51
CA VAL D 133 19.66 -0.23 4.40
C VAL D 133 19.09 -0.29 2.99
N HIS D 134 19.95 -0.54 1.99
CA HIS D 134 19.55 -0.61 0.59
C HIS D 134 18.85 -1.92 0.22
N HIS D 135 18.78 -2.90 1.13
CA HIS D 135 18.29 -4.24 0.80
C HIS D 135 17.00 -4.53 1.54
N SER D 136 16.04 -5.15 0.84
CA SER D 136 14.92 -5.78 1.53
C SER D 136 15.48 -6.79 2.54
N GLN D 137 14.83 -6.88 3.72
CA GLN D 137 15.40 -7.60 4.85
C GLN D 137 14.78 -8.98 4.97
N PRO D 138 15.52 -10.07 4.71
CA PRO D 138 14.91 -11.41 4.79
C PRO D 138 14.18 -11.66 6.11
N ARG D 139 12.91 -12.13 6.01
CA ARG D 139 12.12 -12.29 7.24
C ARG D 139 11.39 -13.62 7.33
N ILE D 140 10.80 -14.10 6.24
CA ILE D 140 9.95 -15.29 6.33
C ILE D 140 10.02 -16.06 5.01
N VAL D 141 10.01 -17.39 5.12
CA VAL D 141 9.94 -18.27 3.97
C VAL D 141 8.64 -19.06 4.04
N SER D 142 7.95 -19.17 2.91
CA SER D 142 6.73 -19.95 2.79
C SER D 142 7.05 -21.23 2.02
N ILE D 143 6.64 -22.38 2.56
CA ILE D 143 6.71 -23.66 1.87
C ILE D 143 5.30 -24.21 1.79
N THR D 144 5.09 -25.21 0.96
CA THR D 144 3.75 -25.74 0.72
C THR D 144 3.74 -27.25 0.90
N GLN D 145 2.74 -27.76 1.63
CA GLN D 145 2.71 -29.16 2.04
C GLN D 145 1.27 -29.70 2.02
N SER D 146 0.95 -30.62 1.09
CA SER D 146 1.81 -31.07 -0.01
C SER D 146 1.97 -29.98 -1.07
N THR D 147 2.98 -30.12 -1.94
CA THR D 147 3.36 -28.99 -2.78
C THR D 147 2.40 -28.81 -3.96
N GLU D 148 2.54 -27.66 -4.61
CA GLU D 148 1.72 -27.34 -5.78
C GLU D 148 2.00 -28.25 -6.96
N ASN D 149 3.10 -29.00 -6.95
CA ASN D 149 3.40 -30.00 -7.98
C ASN D 149 3.14 -31.42 -7.47
N GLY D 150 2.35 -31.56 -6.41
CA GLY D 150 1.87 -32.85 -5.96
C GLY D 150 2.87 -33.66 -5.16
N ARG D 151 3.94 -33.06 -4.65
CA ARG D 151 4.92 -33.78 -3.85
C ARG D 151 4.71 -33.51 -2.36
N VAL D 152 5.26 -34.39 -1.53
CA VAL D 152 5.18 -34.25 -0.07
C VAL D 152 6.59 -34.06 0.48
N TRP D 153 6.73 -33.09 1.39
CA TRP D 153 7.95 -32.97 2.18
C TRP D 153 8.00 -34.13 3.17
N SER D 154 9.11 -34.87 3.17
CA SER D 154 9.27 -35.92 4.17
C SER D 154 9.37 -35.29 5.56
N ALA D 155 9.12 -36.11 6.59
CA ALA D 155 9.26 -35.66 7.97
C ALA D 155 10.65 -35.09 8.22
N THR D 156 11.67 -35.80 7.74
CA THR D 156 13.05 -35.35 7.91
C THR D 156 13.31 -34.07 7.14
N ALA D 157 12.84 -33.99 5.90
CA ALA D 157 13.12 -32.82 5.06
C ALA D 157 12.45 -31.56 5.58
N VAL D 158 11.20 -31.66 6.02
CA VAL D 158 10.53 -30.45 6.52
C VAL D 158 11.17 -30.02 7.84
N ALA D 159 11.55 -30.96 8.70
CA ALA D 159 12.21 -30.58 9.92
C ALA D 159 13.55 -29.89 9.65
N GLN D 160 14.34 -30.43 8.71
CA GLN D 160 15.63 -29.83 8.40
C GLN D 160 15.45 -28.45 7.77
N PHE D 161 14.47 -28.30 6.89
CA PHE D 161 14.26 -27.00 6.27
C PHE D 161 13.85 -25.95 7.31
N VAL D 162 12.92 -26.30 8.20
CA VAL D 162 12.46 -25.34 9.21
C VAL D 162 13.61 -25.00 10.16
N ASP D 163 14.40 -25.99 10.57
CA ASP D 163 15.53 -25.73 11.47
C ASP D 163 16.56 -24.83 10.81
N ARG D 164 16.83 -25.07 9.52
CA ARG D 164 17.80 -24.29 8.76
C ARG D 164 17.31 -22.83 8.65
N ALA D 165 16.03 -22.66 8.36
CA ALA D 165 15.44 -21.33 8.31
C ALA D 165 15.51 -20.63 9.66
N HIS D 166 15.21 -21.36 10.74
CA HIS D 166 15.22 -20.76 12.07
C HIS D 166 16.63 -20.34 12.46
N ALA D 167 17.63 -21.13 12.06
CA ALA D 167 19.02 -20.78 12.39
C ALA D 167 19.46 -19.51 11.66
N LEU D 168 18.84 -19.22 10.52
CA LEU D 168 19.13 -18.00 9.78
C LEU D 168 18.34 -16.81 10.30
N GLY D 169 17.51 -16.99 11.32
CA GLY D 169 16.70 -15.93 11.88
C GLY D 169 15.38 -15.69 11.17
N LEU D 170 14.96 -16.59 10.30
CA LEU D 170 13.72 -16.44 9.53
C LEU D 170 12.56 -17.15 10.20
N LEU D 171 11.35 -16.67 9.93
CA LEU D 171 10.12 -17.38 10.24
C LEU D 171 9.77 -18.33 9.10
N VAL D 172 8.92 -19.31 9.39
CA VAL D 172 8.43 -20.26 8.40
C VAL D 172 6.89 -20.27 8.41
N HIS D 173 6.32 -20.05 7.23
CA HIS D 173 4.90 -20.25 6.97
C HIS D 173 4.75 -21.52 6.13
N VAL D 174 3.77 -22.35 6.49
CA VAL D 174 3.40 -23.52 5.70
C VAL D 174 2.03 -23.26 5.09
N ASP D 175 1.96 -23.27 3.76
CA ASP D 175 0.69 -23.29 3.05
C ASP D 175 0.21 -24.74 3.04
N GLY D 176 -0.64 -25.11 3.99
CA GLY D 176 -1.19 -26.44 4.03
C GLY D 176 -2.60 -26.46 3.47
N ALA D 177 -2.83 -25.77 2.34
CA ALA D 177 -4.08 -25.94 1.61
C ALA D 177 -4.43 -27.40 1.40
N ARG D 178 -3.41 -28.25 1.24
CA ARG D 178 -3.59 -29.70 1.12
C ARG D 178 -2.79 -30.44 2.18
N ILE D 179 -2.74 -29.89 3.39
CA ILE D 179 -2.00 -30.54 4.47
C ILE D 179 -2.60 -31.90 4.82
N ALA D 180 -3.93 -32.03 4.75
CA ALA D 180 -4.54 -33.31 5.07
C ALA D 180 -4.04 -34.42 4.15
N ASN D 181 -3.80 -34.08 2.88
CA ASN D 181 -3.30 -35.08 1.94
C ASN D 181 -1.87 -35.48 2.27
N ALA D 182 -1.04 -34.51 2.70
CA ALA D 182 0.32 -34.85 3.11
C ALA D 182 0.31 -35.75 4.34
N VAL D 183 -0.52 -35.41 5.33
CA VAL D 183 -0.59 -36.20 6.56
C VAL D 183 -1.02 -37.63 6.24
N ALA D 184 -2.08 -37.77 5.44
CA ALA D 184 -2.55 -39.11 5.07
C ALA D 184 -1.50 -39.88 4.29
N ALA D 185 -0.76 -39.21 3.40
CA ALA D 185 0.24 -39.90 2.59
C ALA D 185 1.41 -40.36 3.43
N LEU D 186 1.82 -39.57 4.43
CA LEU D 186 3.00 -39.90 5.22
C LEU D 186 2.70 -40.80 6.42
N SER D 187 1.45 -40.83 6.89
CA SER D 187 1.09 -41.57 8.09
C SER D 187 1.92 -41.11 9.29
N ILE D 188 2.11 -39.80 9.41
CA ILE D 188 2.74 -39.19 10.57
C ILE D 188 1.73 -38.19 11.14
N SER D 189 2.07 -37.61 12.28
CA SER D 189 1.18 -36.64 12.90
C SER D 189 1.20 -35.33 12.11
N PRO D 190 0.11 -34.55 12.18
CA PRO D 190 0.10 -33.21 11.54
C PRO D 190 1.27 -32.32 11.94
N LEU D 191 1.61 -32.31 13.24
CA LEU D 191 2.75 -31.51 13.69
C LEU D 191 4.05 -31.97 13.05
N GLU D 192 4.24 -33.28 12.93
CA GLU D 192 5.43 -33.79 12.25
C GLU D 192 5.43 -33.39 10.79
N ALA D 193 4.25 -33.29 10.18
CA ALA D 193 4.19 -32.95 8.77
C ALA D 193 4.48 -31.48 8.52
N ILE D 194 4.34 -30.62 9.54
CA ILE D 194 4.64 -29.20 9.34
C ILE D 194 5.98 -28.77 9.93
N GLY D 195 6.64 -29.63 10.70
CA GLY D 195 7.99 -29.40 11.18
C GLY D 195 8.29 -28.17 12.02
N ASP D 196 7.46 -27.85 13.00
CA ASP D 196 7.71 -26.71 13.91
C ASP D 196 7.60 -25.36 13.21
N ALA D 197 6.81 -25.29 12.15
CA ALA D 197 6.59 -24.01 11.49
C ALA D 197 5.94 -23.01 12.45
N ASP D 198 6.16 -21.73 12.15
CA ASP D 198 5.65 -20.65 13.00
C ASP D 198 4.20 -20.33 12.68
N ILE D 199 3.77 -20.52 11.44
CA ILE D 199 2.37 -20.22 11.11
C ILE D 199 1.95 -21.14 9.97
N VAL D 200 0.69 -21.56 9.99
CA VAL D 200 0.20 -22.53 9.00
C VAL D 200 -1.17 -22.11 8.49
N SER D 201 -1.32 -22.07 7.16
CA SER D 201 -2.65 -22.00 6.54
C SER D 201 -3.18 -23.42 6.46
N VAL D 202 -4.30 -23.71 7.12
CA VAL D 202 -4.85 -25.05 7.22
C VAL D 202 -6.05 -25.15 6.29
N GLY D 203 -5.96 -25.99 5.25
CA GLY D 203 -6.99 -26.03 4.24
C GLY D 203 -8.21 -26.80 4.71
N GLY D 204 -9.39 -26.23 4.43
CA GLY D 204 -10.64 -26.90 4.69
C GLY D 204 -11.44 -27.07 3.42
N THR D 205 -11.56 -25.98 2.65
CA THR D 205 -12.30 -25.98 1.39
C THR D 205 -11.98 -27.20 0.53
N LYS D 206 -10.71 -27.43 0.26
CA LYS D 206 -10.34 -28.48 -0.69
C LYS D 206 -10.58 -29.88 -0.13
N ASN D 207 -10.76 -30.03 1.18
CA ASN D 207 -10.93 -31.33 1.81
C ASN D 207 -12.38 -31.62 2.18
N GLY D 208 -13.33 -30.90 1.59
CA GLY D 208 -14.74 -31.21 1.79
C GLY D 208 -15.56 -30.13 2.47
N LEU D 209 -14.99 -28.99 2.86
CA LEU D 209 -15.82 -27.92 3.39
C LEU D 209 -16.54 -27.19 2.27
N MET D 210 -17.50 -26.37 2.68
CA MET D 210 -18.15 -25.43 1.76
C MET D 210 -17.29 -24.21 1.52
N PHE D 211 -16.72 -23.67 2.59
CA PHE D 211 -15.85 -22.52 2.56
C PHE D 211 -15.04 -22.51 3.84
N GLY D 212 -13.88 -21.87 3.79
CA GLY D 212 -13.20 -21.83 5.08
C GLY D 212 -11.79 -22.37 4.99
N ASP D 213 -10.85 -21.57 5.46
CA ASP D 213 -9.44 -21.98 5.55
C ASP D 213 -8.86 -21.29 6.77
N ALA D 214 -8.26 -22.07 7.67
CA ALA D 214 -7.88 -21.52 8.97
C ALA D 214 -6.42 -21.11 8.98
N ILE D 215 -6.05 -20.31 9.98
CA ILE D 215 -4.67 -19.91 10.24
C ILE D 215 -4.32 -20.37 11.65
N LEU D 216 -3.35 -21.28 11.74
CA LEU D 216 -2.80 -21.76 13.00
C LEU D 216 -1.54 -20.98 13.30
N VAL D 217 -1.60 -20.07 14.27
CA VAL D 217 -0.50 -19.18 14.63
C VAL D 217 0.21 -19.84 15.80
N ARG D 218 1.26 -20.60 15.48
CA ARG D 218 1.94 -21.37 16.53
C ARG D 218 2.79 -20.48 17.41
N ARG D 219 3.30 -19.35 16.89
CA ARG D 219 4.11 -18.42 17.68
C ARG D 219 3.52 -17.02 17.54
N PRO D 220 2.48 -16.70 18.31
CA PRO D 220 1.74 -15.44 18.10
C PRO D 220 2.58 -14.19 18.29
N ALA D 221 3.67 -14.27 19.09
CA ALA D 221 4.48 -13.09 19.34
C ALA D 221 5.06 -12.51 18.06
N HIS D 222 5.21 -13.31 17.01
CA HIS D 222 5.85 -12.85 15.77
C HIS D 222 4.86 -12.31 14.74
N PHE D 223 3.56 -12.31 15.05
CA PHE D 223 2.52 -11.90 14.10
C PHE D 223 1.58 -10.89 14.75
N ASP D 224 2.15 -9.91 15.46
CA ASP D 224 1.34 -8.94 16.17
C ASP D 224 0.48 -8.14 15.19
N GLY D 225 -0.81 -8.04 15.49
CA GLY D 225 -1.73 -7.32 14.62
C GLY D 225 -2.45 -8.19 13.60
N ILE D 226 -2.23 -9.51 13.63
CA ILE D 226 -2.82 -10.39 12.62
C ILE D 226 -4.34 -10.29 12.61
N HIS D 227 -4.97 -10.09 13.78
CA HIS D 227 -6.42 -9.96 13.80
C HIS D 227 -6.89 -8.68 13.12
N PHE D 228 -6.10 -7.60 13.22
CA PHE D 228 -6.43 -6.38 12.47
C PHE D 228 -6.28 -6.60 10.97
N VAL D 229 -5.25 -7.34 10.55
CA VAL D 229 -5.08 -7.61 9.12
C VAL D 229 -6.27 -8.39 8.60
N GLN D 230 -6.69 -9.40 9.35
CA GLN D 230 -7.88 -10.16 8.98
C GLN D 230 -9.10 -9.25 8.82
N LYS D 231 -9.32 -8.35 9.78
CA LYS D 231 -10.47 -7.45 9.70
C LYS D 231 -10.38 -6.54 8.48
N GLN D 232 -9.18 -6.02 8.22
CA GLN D 232 -8.99 -5.01 7.18
C GLN D 232 -9.21 -5.54 5.78
N ILE D 233 -9.11 -6.84 5.54
CA ILE D 233 -9.39 -7.34 4.20
C ILE D 233 -10.74 -8.06 4.16
N GLY D 234 -11.58 -7.83 5.18
CA GLY D 234 -12.94 -8.31 5.14
C GLY D 234 -13.12 -9.79 5.43
N HIS D 235 -12.19 -10.42 6.15
CA HIS D 235 -12.25 -11.85 6.40
C HIS D 235 -12.58 -12.20 7.85
N LEU D 236 -13.08 -11.23 8.65
CA LEU D 236 -13.63 -11.54 9.97
C LEU D 236 -15.16 -11.67 9.83
N ALA D 237 -15.64 -12.92 9.85
CA ALA D 237 -17.06 -13.19 9.63
C ALA D 237 -17.90 -12.73 10.81
N SER D 238 -18.99 -12.01 10.53
CA SER D 238 -19.93 -11.72 11.62
C SER D 238 -20.60 -13.01 12.09
N LYS D 239 -21.15 -13.80 11.17
CA LYS D 239 -21.78 -15.06 11.55
C LYS D 239 -20.74 -16.18 11.61
N HIS D 240 -19.79 -16.00 12.53
CA HIS D 240 -18.61 -16.85 12.61
C HIS D 240 -18.94 -18.30 12.99
N ARG D 241 -20.11 -18.52 13.60
CA ARG D 241 -20.48 -19.87 13.98
C ARG D 241 -20.50 -20.81 12.79
N PHE D 242 -20.74 -20.30 11.58
CA PHE D 242 -20.87 -21.23 10.46
C PHE D 242 -19.51 -21.69 9.90
N VAL D 243 -18.50 -20.82 9.88
CA VAL D 243 -17.18 -21.29 9.47
C VAL D 243 -16.60 -22.22 10.54
N ALA D 244 -16.78 -21.84 11.82
CA ALA D 244 -16.31 -22.68 12.89
C ALA D 244 -17.00 -24.04 12.89
N ALA D 245 -18.32 -24.07 12.67
CA ALA D 245 -19.04 -25.34 12.68
C ALA D 245 -18.53 -26.26 11.60
N GLN D 246 -18.20 -25.70 10.42
CA GLN D 246 -17.62 -26.51 9.37
C GLN D 246 -16.32 -27.17 9.83
N PHE D 247 -15.44 -26.40 10.44
CA PHE D 247 -14.16 -27.00 10.84
C PHE D 247 -14.33 -28.04 11.95
N ALA D 248 -15.18 -27.76 12.93
CA ALA D 248 -15.42 -28.73 13.99
C ALA D 248 -15.95 -30.04 13.42
N GLY D 249 -16.90 -29.95 12.49
CA GLY D 249 -17.45 -31.16 11.88
C GLY D 249 -16.40 -31.93 11.09
N LEU D 250 -15.55 -31.20 10.34
CA LEU D 250 -14.57 -31.89 9.50
C LEU D 250 -13.51 -32.58 10.35
N PHE D 251 -13.11 -31.97 11.46
CA PHE D 251 -12.03 -32.57 12.25
C PHE D 251 -12.52 -33.58 13.29
N GLU D 252 -13.82 -33.65 13.56
CA GLU D 252 -14.31 -34.65 14.52
C GLU D 252 -14.03 -36.08 14.05
N GLY D 253 -13.43 -36.88 14.95
CA GLY D 253 -13.22 -38.30 14.72
C GLY D 253 -12.36 -38.69 13.54
N GLY D 254 -11.48 -37.81 13.05
CA GLY D 254 -10.57 -38.13 11.96
C GLY D 254 -11.16 -38.06 10.56
N LEU D 255 -12.34 -37.45 10.42
CA LEU D 255 -12.99 -37.43 9.12
C LEU D 255 -12.10 -36.76 8.07
N TRP D 256 -11.43 -35.68 8.45
CA TRP D 256 -10.59 -34.95 7.51
C TRP D 256 -9.51 -35.85 6.92
N LEU D 257 -8.95 -36.74 7.73
CA LEU D 257 -7.91 -37.62 7.22
C LEU D 257 -8.50 -38.77 6.42
N ARG D 258 -9.72 -39.19 6.73
CA ARG D 258 -10.34 -40.19 5.87
C ARG D 258 -10.64 -39.62 4.48
N ASN D 259 -11.16 -38.39 4.43
CA ASN D 259 -11.38 -37.69 3.16
C ASN D 259 -10.10 -37.61 2.36
N ALA D 260 -9.02 -37.18 3.03
CA ALA D 260 -7.75 -37.01 2.32
C ALA D 260 -7.18 -38.34 1.87
N ALA D 261 -7.29 -39.39 2.70
CA ALA D 261 -6.78 -40.70 2.31
C ALA D 261 -7.51 -41.22 1.08
N HIS D 262 -8.83 -40.99 1.00
CA HIS D 262 -9.57 -41.41 -0.18
C HIS D 262 -9.12 -40.64 -1.43
N ALA D 263 -8.98 -39.31 -1.31
CA ALA D 263 -8.52 -38.53 -2.45
C ALA D 263 -7.15 -39.03 -2.95
N ASN D 264 -6.25 -39.32 -2.01
CA ASN D 264 -4.94 -39.87 -2.36
C ASN D 264 -5.06 -41.22 -3.05
N ALA D 265 -5.98 -42.07 -2.57
CA ALA D 265 -6.14 -43.40 -3.16
C ALA D 265 -6.64 -43.30 -4.60
N MET D 266 -7.59 -42.40 -4.86
CA MET D 266 -8.05 -42.21 -6.23
C MET D 266 -6.93 -41.64 -7.11
N ALA D 267 -6.10 -40.74 -6.57
CA ALA D 267 -4.98 -40.21 -7.34
C ALA D 267 -4.01 -41.32 -7.72
N ARG D 268 -3.79 -42.27 -6.80
CA ARG D 268 -2.95 -43.44 -7.04
C ARG D 268 -3.54 -44.33 -8.13
N ARG D 269 -4.84 -44.59 -8.07
CA ARG D 269 -5.49 -45.39 -9.11
C ARG D 269 -5.30 -44.72 -10.47
N LEU D 270 -5.56 -43.41 -10.54
CA LEU D 270 -5.42 -42.69 -11.81
C LEU D 270 -3.97 -42.70 -12.30
N SER D 271 -3.01 -42.41 -11.41
CA SER D 271 -1.61 -42.32 -11.79
C SER D 271 -1.09 -43.65 -12.30
N THR D 272 -1.36 -44.73 -11.55
CA THR D 272 -0.95 -46.05 -12.00
C THR D 272 -1.60 -46.37 -13.34
N GLY D 273 -2.87 -45.97 -13.54
CA GLY D 273 -3.53 -46.22 -14.81
C GLY D 273 -2.89 -45.47 -15.97
N LEU D 274 -2.48 -44.22 -15.72
CA LEU D 274 -1.84 -43.44 -16.77
C LEU D 274 -0.49 -44.03 -17.13
N GLU D 275 0.29 -44.45 -16.14
CA GLU D 275 1.56 -45.10 -16.43
C GLU D 275 1.35 -46.41 -17.19
N ALA D 276 0.28 -47.15 -16.85
CA ALA D 276 -0.02 -48.39 -17.56
C ALA D 276 -0.33 -48.12 -19.03
N LEU D 277 -0.87 -46.94 -19.34
CA LEU D 277 -1.15 -46.57 -20.73
C LEU D 277 0.11 -46.21 -21.50
N GLY D 278 1.25 -46.13 -20.85
CA GLY D 278 2.48 -45.71 -21.49
C GLY D 278 2.75 -44.22 -21.38
N LEU D 279 1.90 -43.47 -20.69
CA LEU D 279 2.12 -42.03 -20.54
C LEU D 279 3.13 -41.78 -19.43
N GLN D 280 3.74 -40.60 -19.47
CA GLN D 280 4.85 -40.26 -18.60
C GLN D 280 4.41 -39.20 -17.62
N LEU D 281 4.69 -39.45 -16.33
CA LEU D 281 4.37 -38.47 -15.31
C LEU D 281 5.41 -37.35 -15.32
N ALA D 282 4.94 -36.13 -15.12
CA ALA D 282 5.86 -35.00 -14.98
C ALA D 282 6.40 -34.86 -13.56
N SER D 283 5.67 -35.39 -12.58
CA SER D 283 6.03 -35.35 -11.18
C SER D 283 5.51 -36.63 -10.56
N PRO D 284 6.18 -37.17 -9.53
CA PRO D 284 5.66 -38.39 -8.90
C PRO D 284 4.41 -38.09 -8.10
N THR D 285 3.46 -39.02 -8.16
CA THR D 285 2.16 -38.83 -7.49
C THR D 285 2.29 -39.25 -6.03
N GLU D 286 2.62 -38.29 -5.18
CA GLU D 286 2.76 -38.55 -3.75
C GLU D 286 1.56 -38.10 -2.93
N SER D 287 0.58 -37.44 -3.56
CA SER D 287 -0.54 -36.84 -2.85
C SER D 287 -1.80 -37.06 -3.67
N ASN D 288 -2.65 -36.05 -3.79
CA ASN D 288 -3.91 -36.21 -4.51
C ASN D 288 -3.92 -35.52 -5.87
N GLU D 289 -2.75 -35.14 -6.40
CA GLU D 289 -2.62 -34.45 -7.68
C GLU D 289 -1.77 -35.29 -8.63
N VAL D 290 -2.20 -35.39 -9.89
CA VAL D 290 -1.51 -36.19 -10.91
C VAL D 290 -1.12 -35.25 -12.06
N PHE D 291 0.18 -35.17 -12.35
CA PHE D 291 0.70 -34.32 -13.40
C PHE D 291 1.26 -35.22 -14.50
N VAL D 292 0.68 -35.17 -15.69
CA VAL D 292 1.03 -36.11 -16.74
C VAL D 292 1.37 -35.35 -18.03
N LYS D 293 2.38 -35.85 -18.73
CA LYS D 293 2.74 -35.33 -20.04
C LYS D 293 1.77 -35.84 -21.10
N LEU D 294 1.20 -34.91 -21.85
CA LEU D 294 0.23 -35.22 -22.91
C LEU D 294 0.56 -34.34 -24.11
N ASP D 295 0.69 -34.94 -25.28
CA ASP D 295 0.92 -34.11 -26.44
C ASP D 295 -0.37 -33.38 -26.80
N GLY D 296 -0.24 -32.42 -27.73
CA GLY D 296 -1.37 -31.56 -28.07
C GLY D 296 -2.61 -32.32 -28.55
N GLU D 297 -2.43 -33.39 -29.36
CA GLU D 297 -3.59 -34.08 -29.95
C GLU D 297 -4.41 -34.70 -28.81
N ALA D 298 -3.74 -35.47 -27.96
CA ALA D 298 -4.39 -36.14 -26.84
C ALA D 298 -5.00 -35.15 -25.86
N HIS D 299 -4.30 -34.05 -25.58
CA HIS D 299 -4.83 -33.03 -24.69
C HIS D 299 -6.12 -32.44 -25.27
N ARG D 300 -6.12 -32.16 -26.57
CA ARG D 300 -7.29 -31.56 -27.19
C ARG D 300 -8.47 -32.52 -27.17
N ARG D 301 -8.21 -33.82 -27.30
CA ARG D 301 -9.32 -34.78 -27.22
C ARG D 301 -9.82 -34.93 -25.80
N LEU D 302 -8.91 -34.95 -24.81
CA LEU D 302 -9.34 -35.07 -23.43
C LEU D 302 -10.13 -33.86 -22.98
N ALA D 303 -9.78 -32.66 -23.46
CA ALA D 303 -10.45 -31.44 -23.00
C ALA D 303 -11.90 -31.35 -23.42
N GLU D 304 -12.30 -32.09 -24.46
CA GLU D 304 -13.70 -32.13 -24.82
C GLU D 304 -14.47 -32.95 -23.80
N ARG D 305 -13.76 -33.74 -23.03
CA ARG D 305 -14.44 -34.62 -22.11
C ARG D 305 -14.17 -34.33 -20.64
N TYR D 306 -13.03 -33.75 -20.28
CA TYR D 306 -12.67 -33.50 -18.90
C TYR D 306 -12.00 -32.14 -18.79
N LEU D 307 -12.42 -31.36 -17.81
CA LEU D 307 -11.82 -30.04 -17.60
C LEU D 307 -10.53 -30.25 -16.78
N VAL D 308 -9.36 -29.94 -17.34
CA VAL D 308 -8.10 -30.11 -16.62
C VAL D 308 -7.19 -28.89 -16.81
N HIS D 309 -6.35 -28.66 -15.80
CA HIS D 309 -5.50 -27.47 -15.75
C HIS D 309 -4.14 -27.76 -16.37
N GLN D 310 -3.63 -26.79 -17.13
CA GLN D 310 -2.25 -26.83 -17.62
C GLN D 310 -1.43 -25.77 -16.88
N PRO D 311 -0.69 -26.13 -15.84
CA PRO D 311 -0.07 -25.12 -14.97
C PRO D 311 0.96 -24.26 -15.68
N ASP D 312 1.71 -24.81 -16.62
CA ASP D 312 2.77 -24.09 -17.32
C ASP D 312 2.46 -24.05 -18.81
N PRO D 313 2.22 -22.88 -19.40
CA PRO D 313 1.89 -22.84 -20.84
C PRO D 313 3.02 -23.34 -21.73
N GLY D 314 4.26 -23.32 -21.24
CA GLY D 314 5.40 -23.77 -22.01
C GLY D 314 5.74 -25.23 -21.86
N GLN D 315 4.95 -26.00 -21.13
CA GLN D 315 5.20 -27.42 -20.91
C GLN D 315 3.92 -28.19 -21.23
N PRO D 316 4.02 -29.29 -21.99
CA PRO D 316 2.84 -30.12 -22.32
C PRO D 316 2.45 -31.04 -21.17
N VAL D 317 2.09 -30.43 -20.04
CA VAL D 317 1.80 -31.16 -18.81
C VAL D 317 0.42 -30.72 -18.32
N VAL D 318 -0.44 -31.69 -18.04
CA VAL D 318 -1.77 -31.40 -17.53
C VAL D 318 -1.94 -32.03 -16.16
N ARG D 319 -2.85 -31.45 -15.38
CA ARG D 319 -3.07 -31.82 -13.99
C ARG D 319 -4.48 -32.37 -13.81
N PHE D 320 -4.57 -33.54 -13.17
CA PHE D 320 -5.80 -34.09 -12.64
C PHE D 320 -5.75 -33.99 -11.12
N VAL D 321 -6.85 -33.59 -10.50
CA VAL D 321 -6.90 -33.56 -9.04
C VAL D 321 -8.06 -34.42 -8.58
N CYS D 322 -7.80 -35.29 -7.61
CA CYS D 322 -8.82 -36.15 -7.02
C CYS D 322 -9.25 -35.58 -5.67
N SER D 323 -10.49 -35.89 -5.28
CA SER D 323 -11.08 -35.29 -4.10
C SER D 323 -11.74 -36.38 -3.26
N TRP D 324 -12.29 -35.96 -2.11
CA TRP D 324 -13.01 -36.87 -1.22
C TRP D 324 -14.18 -37.54 -1.90
N SER D 325 -14.77 -36.91 -2.92
CA SER D 325 -15.95 -37.45 -3.57
C SER D 325 -15.64 -38.14 -4.89
N THR D 326 -14.37 -38.20 -5.30
CA THR D 326 -14.02 -38.92 -6.53
C THR D 326 -14.32 -40.40 -6.37
N THR D 327 -14.90 -41.00 -7.41
CA THR D 327 -15.25 -42.41 -7.41
C THR D 327 -14.32 -43.20 -8.34
N GLU D 328 -14.22 -44.51 -8.09
CA GLU D 328 -13.42 -45.35 -8.97
C GLU D 328 -13.96 -45.33 -10.40
N THR D 329 -15.28 -45.20 -10.56
CA THR D 329 -15.86 -45.12 -11.89
C THR D 329 -15.38 -43.89 -12.65
N GLU D 330 -15.28 -42.75 -11.97
CA GLU D 330 -14.79 -41.55 -12.63
C GLU D 330 -13.34 -41.72 -13.09
N VAL D 331 -12.50 -42.29 -12.23
CA VAL D 331 -11.11 -42.54 -12.58
C VAL D 331 -11.02 -43.47 -13.79
N ASP D 332 -11.77 -44.57 -13.75
CA ASP D 332 -11.67 -45.54 -14.84
C ASP D 332 -12.22 -44.99 -16.14
N ASP D 333 -13.25 -44.14 -16.09
CA ASP D 333 -13.78 -43.55 -17.31
C ASP D 333 -12.81 -42.52 -17.89
N ALA D 334 -12.12 -41.75 -17.02
CA ALA D 334 -11.07 -40.88 -17.53
C ALA D 334 -9.96 -41.68 -18.20
N LEU D 335 -9.54 -42.78 -17.57
CA LEU D 335 -8.51 -43.62 -18.15
C LEU D 335 -8.97 -44.20 -19.49
N ALA D 336 -10.24 -44.59 -19.58
CA ALA D 336 -10.76 -45.12 -20.83
C ALA D 336 -10.82 -44.04 -21.91
N ALA D 337 -11.16 -42.81 -21.52
CA ALA D 337 -11.17 -41.71 -22.48
C ALA D 337 -9.78 -41.46 -23.03
N LEU D 338 -8.75 -41.63 -22.20
CA LEU D 338 -7.39 -41.42 -22.68
C LEU D 338 -6.92 -42.54 -23.61
N ARG D 339 -7.56 -43.70 -23.57
CA ARG D 339 -7.23 -44.81 -24.44
C ARG D 339 -7.44 -44.46 -25.91
#